data_6IL7
# 
_entry.id   6IL7 
# 
_audit_conform.dict_name       mmcif_pdbx.dic 
_audit_conform.dict_version    5.398 
_audit_conform.dict_location   http://mmcif.pdb.org/dictionaries/ascii/mmcif_pdbx.dic 
# 
loop_
_database_2.database_id 
_database_2.database_code 
_database_2.pdbx_database_accession 
_database_2.pdbx_DOI 
PDB   6IL7         pdb_00006il7 10.2210/pdb6il7/pdb 
WWPDB D_1300009336 ?            ?                   
# 
loop_
_pdbx_audit_revision_history.ordinal 
_pdbx_audit_revision_history.data_content_type 
_pdbx_audit_revision_history.major_revision 
_pdbx_audit_revision_history.minor_revision 
_pdbx_audit_revision_history.revision_date 
1 'Structure model' 1 0 2019-05-22 
2 'Structure model' 1 1 2023-11-22 
3 'Structure model' 1 2 2024-11-13 
# 
_pdbx_audit_revision_details.ordinal             1 
_pdbx_audit_revision_details.revision_ordinal    1 
_pdbx_audit_revision_details.data_content_type   'Structure model' 
_pdbx_audit_revision_details.provider            repository 
_pdbx_audit_revision_details.type                'Initial release' 
_pdbx_audit_revision_details.description         ? 
_pdbx_audit_revision_details.details             ? 
# 
loop_
_pdbx_audit_revision_group.ordinal 
_pdbx_audit_revision_group.revision_ordinal 
_pdbx_audit_revision_group.data_content_type 
_pdbx_audit_revision_group.group 
1 2 'Structure model' 'Data collection'        
2 2 'Structure model' 'Database references'    
3 2 'Structure model' 'Refinement description' 
4 3 'Structure model' 'Structure summary'      
# 
loop_
_pdbx_audit_revision_category.ordinal 
_pdbx_audit_revision_category.revision_ordinal 
_pdbx_audit_revision_category.data_content_type 
_pdbx_audit_revision_category.category 
1 2 'Structure model' chem_comp_atom                
2 2 'Structure model' chem_comp_bond                
3 2 'Structure model' citation                      
4 2 'Structure model' database_2                    
5 2 'Structure model' pdbx_initial_refinement_model 
6 3 'Structure model' pdbx_entry_details            
7 3 'Structure model' pdbx_modification_feature     
# 
loop_
_pdbx_audit_revision_item.ordinal 
_pdbx_audit_revision_item.revision_ordinal 
_pdbx_audit_revision_item.data_content_type 
_pdbx_audit_revision_item.item 
1 2 'Structure model' '_citation.country'                   
2 2 'Structure model' '_database_2.pdbx_DOI'                
3 2 'Structure model' '_database_2.pdbx_database_accession' 
# 
_pdbx_database_status.status_code                     REL 
_pdbx_database_status.status_code_sf                  REL 
_pdbx_database_status.status_code_mr                  ? 
_pdbx_database_status.entry_id                        6IL7 
_pdbx_database_status.recvd_initial_deposition_date   2018-10-17 
_pdbx_database_status.SG_entry                        N 
_pdbx_database_status.deposit_site                    PDBJ 
_pdbx_database_status.process_site                    PDBJ 
_pdbx_database_status.status_code_cs                  ? 
_pdbx_database_status.methods_development_category    ? 
_pdbx_database_status.pdb_format_compatible           Y 
_pdbx_database_status.status_code_nmr_data            ? 
# 
loop_
_audit_author.name 
_audit_author.pdbx_ordinal 
_audit_author.identifier_ORCID 
'Toh, Y.K.'         1 ? 
'Shin, J.'          2 ? 
'Balakrishna, A.M.' 3 ? 
'Eisenhaber, F.'    4 ? 
'Eisenhaber, B.'    5 ? 
'Gruber, G.'        6 ? 
# 
_citation.abstract                  ? 
_citation.abstract_id_CAS           ? 
_citation.book_id_ISBN              ? 
_citation.book_publisher            ? 
_citation.book_publisher_city       ? 
_citation.book_title                ? 
_citation.coordinate_linkage        ? 
_citation.country                   US 
_citation.database_id_Medline       ? 
_citation.details                   ? 
_citation.id                        primary 
_citation.journal_abbrev            'Free Radic. Biol. Med.' 
_citation.journal_id_ASTM           ? 
_citation.journal_id_CSD            ? 
_citation.journal_id_ISSN           1873-4596 
_citation.journal_full              ? 
_citation.journal_issue             ? 
_citation.journal_volume            138 
_citation.language                  ? 
_citation.page_first                10 
_citation.page_last                 22 
_citation.title                     
;Effect of the additional cysteine 503 of vancomycin-resistant Enterococcus faecalis (V583) alkylhydroperoxide reductase subunit F (AhpF) and the mechanism of AhpF and subunit C assembling.
;
_citation.year                      2019 
_citation.database_id_CSD           ? 
_citation.pdbx_database_id_DOI      10.1016/j.freeradbiomed.2019.04.036 
_citation.pdbx_database_id_PubMed   31047989 
_citation.unpublished_flag          ? 
# 
loop_
_citation_author.citation_id 
_citation_author.name 
_citation_author.ordinal 
_citation_author.identifier_ORCID 
primary 'Toh, Y.K.'         1 ? 
primary 'Shin, J.'          2 ? 
primary 'Balakrishna, A.M.' 3 ? 
primary 'Kamariah, N.'      4 ? 
primary 'Gruber, A.'        5 ? 
primary 'Eisenhaber, F.'    6 ? 
primary 'Eisenhaber, B.'    7 ? 
primary 'Gruber, G.'        8 ? 
# 
loop_
_entity.id 
_entity.type 
_entity.src_method 
_entity.pdbx_description 
_entity.formula_weight 
_entity.pdbx_number_of_molecules 
_entity.pdbx_ec 
_entity.pdbx_mutation 
_entity.pdbx_fragment 
_entity.details 
1 polymer     man 'Thioredoxin reductase/glutathione-related protein' 22993.756 1  ? C503A 'UNP residues 353-560' ? 
2 non-polymer syn 'SULFATE ION'                                       96.063    3  ? ?     ?                      ? 
3 water       nat water                                               18.015    67 ? ?     ?                      ? 
# 
_entity_name_com.entity_id   1 
_entity_name_com.name        'alkylhydroperoxide reductase subunit F' 
# 
_entity_poly.entity_id                      1 
_entity_poly.type                           'polypeptide(L)' 
_entity_poly.nstd_linkage                   no 
_entity_poly.nstd_monomer                   no 
_entity_poly.pdbx_seq_one_letter_code       
;QWFPESMRQQLSGIFAKLTKKVTLLQFLDASDEKSLELQSFLTEFASLDQKITLETILKDTEPAKELLYGIEKMPSVVLL
DAAGNYTGIKFSGIPSGHEVNSLVLAVYNVGSEGQPLEASLQKNILALPKRKIEIFVSLTCHFCPDVVAAAQRIASINPH
VEAEMVDISLFPELKKEKKIMSVPAMLIDGEQMIFGSKTMTEIIEALA
;
_entity_poly.pdbx_seq_one_letter_code_can   
;QWFPESMRQQLSGIFAKLTKKVTLLQFLDASDEKSLELQSFLTEFASLDQKITLETILKDTEPAKELLYGIEKMPSVVLL
DAAGNYTGIKFSGIPSGHEVNSLVLAVYNVGSEGQPLEASLQKNILALPKRKIEIFVSLTCHFCPDVVAAAQRIASINPH
VEAEMVDISLFPELKKEKKIMSVPAMLIDGEQMIFGSKTMTEIIEALA
;
_entity_poly.pdbx_strand_id                 A 
_entity_poly.pdbx_target_identifier         ? 
# 
loop_
_pdbx_entity_nonpoly.entity_id 
_pdbx_entity_nonpoly.name 
_pdbx_entity_nonpoly.comp_id 
2 'SULFATE ION' SO4 
3 water         HOH 
# 
loop_
_entity_poly_seq.entity_id 
_entity_poly_seq.num 
_entity_poly_seq.mon_id 
_entity_poly_seq.hetero 
1 1   GLN n 
1 2   TRP n 
1 3   PHE n 
1 4   PRO n 
1 5   GLU n 
1 6   SER n 
1 7   MET n 
1 8   ARG n 
1 9   GLN n 
1 10  GLN n 
1 11  LEU n 
1 12  SER n 
1 13  GLY n 
1 14  ILE n 
1 15  PHE n 
1 16  ALA n 
1 17  LYS n 
1 18  LEU n 
1 19  THR n 
1 20  LYS n 
1 21  LYS n 
1 22  VAL n 
1 23  THR n 
1 24  LEU n 
1 25  LEU n 
1 26  GLN n 
1 27  PHE n 
1 28  LEU n 
1 29  ASP n 
1 30  ALA n 
1 31  SER n 
1 32  ASP n 
1 33  GLU n 
1 34  LYS n 
1 35  SER n 
1 36  LEU n 
1 37  GLU n 
1 38  LEU n 
1 39  GLN n 
1 40  SER n 
1 41  PHE n 
1 42  LEU n 
1 43  THR n 
1 44  GLU n 
1 45  PHE n 
1 46  ALA n 
1 47  SER n 
1 48  LEU n 
1 49  ASP n 
1 50  GLN n 
1 51  LYS n 
1 52  ILE n 
1 53  THR n 
1 54  LEU n 
1 55  GLU n 
1 56  THR n 
1 57  ILE n 
1 58  LEU n 
1 59  LYS n 
1 60  ASP n 
1 61  THR n 
1 62  GLU n 
1 63  PRO n 
1 64  ALA n 
1 65  LYS n 
1 66  GLU n 
1 67  LEU n 
1 68  LEU n 
1 69  TYR n 
1 70  GLY n 
1 71  ILE n 
1 72  GLU n 
1 73  LYS n 
1 74  MET n 
1 75  PRO n 
1 76  SER n 
1 77  VAL n 
1 78  VAL n 
1 79  LEU n 
1 80  LEU n 
1 81  ASP n 
1 82  ALA n 
1 83  ALA n 
1 84  GLY n 
1 85  ASN n 
1 86  TYR n 
1 87  THR n 
1 88  GLY n 
1 89  ILE n 
1 90  LYS n 
1 91  PHE n 
1 92  SER n 
1 93  GLY n 
1 94  ILE n 
1 95  PRO n 
1 96  SER n 
1 97  GLY n 
1 98  HIS n 
1 99  GLU n 
1 100 VAL n 
1 101 ASN n 
1 102 SER n 
1 103 LEU n 
1 104 VAL n 
1 105 LEU n 
1 106 ALA n 
1 107 VAL n 
1 108 TYR n 
1 109 ASN n 
1 110 VAL n 
1 111 GLY n 
1 112 SER n 
1 113 GLU n 
1 114 GLY n 
1 115 GLN n 
1 116 PRO n 
1 117 LEU n 
1 118 GLU n 
1 119 ALA n 
1 120 SER n 
1 121 LEU n 
1 122 GLN n 
1 123 LYS n 
1 124 ASN n 
1 125 ILE n 
1 126 LEU n 
1 127 ALA n 
1 128 LEU n 
1 129 PRO n 
1 130 LYS n 
1 131 ARG n 
1 132 LYS n 
1 133 ILE n 
1 134 GLU n 
1 135 ILE n 
1 136 PHE n 
1 137 VAL n 
1 138 SER n 
1 139 LEU n 
1 140 THR n 
1 141 CYS n 
1 142 HIS n 
1 143 PHE n 
1 144 CYS n 
1 145 PRO n 
1 146 ASP n 
1 147 VAL n 
1 148 VAL n 
1 149 ALA n 
1 150 ALA n 
1 151 ALA n 
1 152 GLN n 
1 153 ARG n 
1 154 ILE n 
1 155 ALA n 
1 156 SER n 
1 157 ILE n 
1 158 ASN n 
1 159 PRO n 
1 160 HIS n 
1 161 VAL n 
1 162 GLU n 
1 163 ALA n 
1 164 GLU n 
1 165 MET n 
1 166 VAL n 
1 167 ASP n 
1 168 ILE n 
1 169 SER n 
1 170 LEU n 
1 171 PHE n 
1 172 PRO n 
1 173 GLU n 
1 174 LEU n 
1 175 LYS n 
1 176 LYS n 
1 177 GLU n 
1 178 LYS n 
1 179 LYS n 
1 180 ILE n 
1 181 MET n 
1 182 SER n 
1 183 VAL n 
1 184 PRO n 
1 185 ALA n 
1 186 MET n 
1 187 LEU n 
1 188 ILE n 
1 189 ASP n 
1 190 GLY n 
1 191 GLU n 
1 192 GLN n 
1 193 MET n 
1 194 ILE n 
1 195 PHE n 
1 196 GLY n 
1 197 SER n 
1 198 LYS n 
1 199 THR n 
1 200 MET n 
1 201 THR n 
1 202 GLU n 
1 203 ILE n 
1 204 ILE n 
1 205 GLU n 
1 206 ALA n 
1 207 LEU n 
1 208 ALA n 
# 
_entity_src_gen.entity_id                          1 
_entity_src_gen.pdbx_src_id                        1 
_entity_src_gen.pdbx_alt_source_flag               sample 
_entity_src_gen.pdbx_seq_type                      'Biological sequence' 
_entity_src_gen.pdbx_beg_seq_num                   1 
_entity_src_gen.pdbx_end_seq_num                   208 
_entity_src_gen.gene_src_common_name               ? 
_entity_src_gen.gene_src_genus                     ? 
_entity_src_gen.pdbx_gene_src_gene                 EF_2738 
_entity_src_gen.gene_src_species                   ? 
_entity_src_gen.gene_src_strain                    V583 
_entity_src_gen.gene_src_tissue                    ? 
_entity_src_gen.gene_src_tissue_fraction           ? 
_entity_src_gen.gene_src_details                   ? 
_entity_src_gen.pdbx_gene_src_fragment             ? 
_entity_src_gen.pdbx_gene_src_scientific_name      'Enterococcus faecalis V583' 
_entity_src_gen.pdbx_gene_src_ncbi_taxonomy_id     226185 
_entity_src_gen.pdbx_gene_src_variant              ? 
_entity_src_gen.pdbx_gene_src_cell_line            ? 
_entity_src_gen.pdbx_gene_src_atcc                 ? 
_entity_src_gen.pdbx_gene_src_organ                ? 
_entity_src_gen.pdbx_gene_src_organelle            ? 
_entity_src_gen.pdbx_gene_src_cell                 ? 
_entity_src_gen.pdbx_gene_src_cellular_location    ? 
_entity_src_gen.host_org_common_name               ? 
_entity_src_gen.pdbx_host_org_scientific_name      'Escherichia coli BL21' 
_entity_src_gen.pdbx_host_org_ncbi_taxonomy_id     511693 
_entity_src_gen.host_org_genus                     ? 
_entity_src_gen.pdbx_host_org_gene                 ? 
_entity_src_gen.pdbx_host_org_organ                ? 
_entity_src_gen.host_org_species                   ? 
_entity_src_gen.pdbx_host_org_tissue               ? 
_entity_src_gen.pdbx_host_org_tissue_fraction      ? 
_entity_src_gen.pdbx_host_org_strain               BL21 
_entity_src_gen.pdbx_host_org_variant              ? 
_entity_src_gen.pdbx_host_org_cell_line            ? 
_entity_src_gen.pdbx_host_org_atcc                 ? 
_entity_src_gen.pdbx_host_org_culture_collection   ? 
_entity_src_gen.pdbx_host_org_cell                 ? 
_entity_src_gen.pdbx_host_org_organelle            ? 
_entity_src_gen.pdbx_host_org_cellular_location    ? 
_entity_src_gen.pdbx_host_org_vector_type          ? 
_entity_src_gen.pdbx_host_org_vector               ? 
_entity_src_gen.host_org_details                   ? 
_entity_src_gen.expression_system_id               ? 
_entity_src_gen.plasmid_name                       ? 
_entity_src_gen.plasmid_details                    ? 
_entity_src_gen.pdbx_description                   ? 
# 
loop_
_chem_comp.id 
_chem_comp.type 
_chem_comp.mon_nstd_flag 
_chem_comp.name 
_chem_comp.pdbx_synonyms 
_chem_comp.formula 
_chem_comp.formula_weight 
ALA 'L-peptide linking' y ALANINE         ? 'C3 H7 N O2'     89.093  
ARG 'L-peptide linking' y ARGININE        ? 'C6 H15 N4 O2 1' 175.209 
ASN 'L-peptide linking' y ASPARAGINE      ? 'C4 H8 N2 O3'    132.118 
ASP 'L-peptide linking' y 'ASPARTIC ACID' ? 'C4 H7 N O4'     133.103 
CYS 'L-peptide linking' y CYSTEINE        ? 'C3 H7 N O2 S'   121.158 
GLN 'L-peptide linking' y GLUTAMINE       ? 'C5 H10 N2 O3'   146.144 
GLU 'L-peptide linking' y 'GLUTAMIC ACID' ? 'C5 H9 N O4'     147.129 
GLY 'peptide linking'   y GLYCINE         ? 'C2 H5 N O2'     75.067  
HIS 'L-peptide linking' y HISTIDINE       ? 'C6 H10 N3 O2 1' 156.162 
HOH non-polymer         . WATER           ? 'H2 O'           18.015  
ILE 'L-peptide linking' y ISOLEUCINE      ? 'C6 H13 N O2'    131.173 
LEU 'L-peptide linking' y LEUCINE         ? 'C6 H13 N O2'    131.173 
LYS 'L-peptide linking' y LYSINE          ? 'C6 H15 N2 O2 1' 147.195 
MET 'L-peptide linking' y METHIONINE      ? 'C5 H11 N O2 S'  149.211 
PHE 'L-peptide linking' y PHENYLALANINE   ? 'C9 H11 N O2'    165.189 
PRO 'L-peptide linking' y PROLINE         ? 'C5 H9 N O2'     115.130 
SER 'L-peptide linking' y SERINE          ? 'C3 H7 N O3'     105.093 
SO4 non-polymer         . 'SULFATE ION'   ? 'O4 S -2'        96.063  
THR 'L-peptide linking' y THREONINE       ? 'C4 H9 N O3'     119.119 
TRP 'L-peptide linking' y TRYPTOPHAN      ? 'C11 H12 N2 O2'  204.225 
TYR 'L-peptide linking' y TYROSINE        ? 'C9 H11 N O3'    181.189 
VAL 'L-peptide linking' y VALINE          ? 'C5 H11 N O2'    117.146 
# 
loop_
_pdbx_poly_seq_scheme.asym_id 
_pdbx_poly_seq_scheme.entity_id 
_pdbx_poly_seq_scheme.seq_id 
_pdbx_poly_seq_scheme.mon_id 
_pdbx_poly_seq_scheme.ndb_seq_num 
_pdbx_poly_seq_scheme.pdb_seq_num 
_pdbx_poly_seq_scheme.auth_seq_num 
_pdbx_poly_seq_scheme.pdb_mon_id 
_pdbx_poly_seq_scheme.auth_mon_id 
_pdbx_poly_seq_scheme.pdb_strand_id 
_pdbx_poly_seq_scheme.pdb_ins_code 
_pdbx_poly_seq_scheme.hetero 
A 1 1   GLN 1   353 353 GLN GLN A . n 
A 1 2   TRP 2   354 354 TRP TRP A . n 
A 1 3   PHE 3   355 355 PHE PHE A . n 
A 1 4   PRO 4   356 356 PRO PRO A . n 
A 1 5   GLU 5   357 357 GLU GLU A . n 
A 1 6   SER 6   358 358 SER SER A . n 
A 1 7   MET 7   359 359 MET MET A . n 
A 1 8   ARG 8   360 360 ARG ARG A . n 
A 1 9   GLN 9   361 361 GLN GLN A . n 
A 1 10  GLN 10  362 362 GLN GLN A . n 
A 1 11  LEU 11  363 363 LEU LEU A . n 
A 1 12  SER 12  364 364 SER SER A . n 
A 1 13  GLY 13  365 365 GLY GLY A . n 
A 1 14  ILE 14  366 366 ILE ILE A . n 
A 1 15  PHE 15  367 367 PHE PHE A . n 
A 1 16  ALA 16  368 368 ALA ALA A . n 
A 1 17  LYS 17  369 369 LYS LYS A . n 
A 1 18  LEU 18  370 370 LEU LEU A . n 
A 1 19  THR 19  371 371 THR THR A . n 
A 1 20  LYS 20  372 372 LYS LYS A . n 
A 1 21  LYS 21  373 373 LYS LYS A . n 
A 1 22  VAL 22  374 374 VAL VAL A . n 
A 1 23  THR 23  375 375 THR THR A . n 
A 1 24  LEU 24  376 376 LEU LEU A . n 
A 1 25  LEU 25  377 377 LEU LEU A . n 
A 1 26  GLN 26  378 378 GLN GLN A . n 
A 1 27  PHE 27  379 379 PHE PHE A . n 
A 1 28  LEU 28  380 380 LEU LEU A . n 
A 1 29  ASP 29  381 381 ASP ASP A . n 
A 1 30  ALA 30  382 382 ALA ALA A . n 
A 1 31  SER 31  383 383 SER SER A . n 
A 1 32  ASP 32  384 384 ASP ASP A . n 
A 1 33  GLU 33  385 385 GLU GLU A . n 
A 1 34  LYS 34  386 386 LYS LYS A . n 
A 1 35  SER 35  387 387 SER SER A . n 
A 1 36  LEU 36  388 388 LEU LEU A . n 
A 1 37  GLU 37  389 389 GLU GLU A . n 
A 1 38  LEU 38  390 390 LEU LEU A . n 
A 1 39  GLN 39  391 391 GLN GLN A . n 
A 1 40  SER 40  392 392 SER SER A . n 
A 1 41  PHE 41  393 393 PHE PHE A . n 
A 1 42  LEU 42  394 394 LEU LEU A . n 
A 1 43  THR 43  395 395 THR THR A . n 
A 1 44  GLU 44  396 396 GLU GLU A . n 
A 1 45  PHE 45  397 397 PHE PHE A . n 
A 1 46  ALA 46  398 398 ALA ALA A . n 
A 1 47  SER 47  399 399 SER SER A . n 
A 1 48  LEU 48  400 400 LEU LEU A . n 
A 1 49  ASP 49  401 401 ASP ASP A . n 
A 1 50  GLN 50  402 402 GLN GLN A . n 
A 1 51  LYS 51  403 403 LYS LYS A . n 
A 1 52  ILE 52  404 404 ILE ILE A . n 
A 1 53  THR 53  405 405 THR THR A . n 
A 1 54  LEU 54  406 406 LEU LEU A . n 
A 1 55  GLU 55  407 407 GLU GLU A . n 
A 1 56  THR 56  408 408 THR THR A . n 
A 1 57  ILE 57  409 409 ILE ILE A . n 
A 1 58  LEU 58  410 410 LEU LEU A . n 
A 1 59  LYS 59  411 411 LYS LYS A . n 
A 1 60  ASP 60  412 412 ASP ASP A . n 
A 1 61  THR 61  413 413 THR THR A . n 
A 1 62  GLU 62  414 414 GLU GLU A . n 
A 1 63  PRO 63  415 415 PRO PRO A . n 
A 1 64  ALA 64  416 416 ALA ALA A . n 
A 1 65  LYS 65  417 417 LYS LYS A . n 
A 1 66  GLU 66  418 418 GLU GLU A . n 
A 1 67  LEU 67  419 419 LEU LEU A . n 
A 1 68  LEU 68  420 420 LEU LEU A . n 
A 1 69  TYR 69  421 421 TYR TYR A . n 
A 1 70  GLY 70  422 422 GLY GLY A . n 
A 1 71  ILE 71  423 423 ILE ILE A . n 
A 1 72  GLU 72  424 424 GLU GLU A . n 
A 1 73  LYS 73  425 425 LYS LYS A . n 
A 1 74  MET 74  426 426 MET MET A . n 
A 1 75  PRO 75  427 427 PRO PRO A . n 
A 1 76  SER 76  428 428 SER SER A . n 
A 1 77  VAL 77  429 429 VAL VAL A . n 
A 1 78  VAL 78  430 430 VAL VAL A . n 
A 1 79  LEU 79  431 431 LEU LEU A . n 
A 1 80  LEU 80  432 432 LEU LEU A . n 
A 1 81  ASP 81  433 433 ASP ASP A . n 
A 1 82  ALA 82  434 434 ALA ALA A . n 
A 1 83  ALA 83  435 435 ALA ALA A . n 
A 1 84  GLY 84  436 436 GLY GLY A . n 
A 1 85  ASN 85  437 437 ASN ASN A . n 
A 1 86  TYR 86  438 438 TYR TYR A . n 
A 1 87  THR 87  439 439 THR THR A . n 
A 1 88  GLY 88  440 440 GLY GLY A . n 
A 1 89  ILE 89  441 441 ILE ILE A . n 
A 1 90  LYS 90  442 442 LYS LYS A . n 
A 1 91  PHE 91  443 443 PHE PHE A . n 
A 1 92  SER 92  444 444 SER SER A . n 
A 1 93  GLY 93  445 445 GLY GLY A . n 
A 1 94  ILE 94  446 446 ILE ILE A . n 
A 1 95  PRO 95  447 447 PRO PRO A . n 
A 1 96  SER 96  448 448 SER SER A . n 
A 1 97  GLY 97  449 449 GLY GLY A . n 
A 1 98  HIS 98  450 450 HIS HIS A . n 
A 1 99  GLU 99  451 451 GLU GLU A . n 
A 1 100 VAL 100 452 452 VAL VAL A . n 
A 1 101 ASN 101 453 453 ASN ASN A . n 
A 1 102 SER 102 454 454 SER SER A . n 
A 1 103 LEU 103 455 455 LEU LEU A . n 
A 1 104 VAL 104 456 456 VAL VAL A . n 
A 1 105 LEU 105 457 457 LEU LEU A . n 
A 1 106 ALA 106 458 458 ALA ALA A . n 
A 1 107 VAL 107 459 459 VAL VAL A . n 
A 1 108 TYR 108 460 460 TYR TYR A . n 
A 1 109 ASN 109 461 461 ASN ASN A . n 
A 1 110 VAL 110 462 462 VAL VAL A . n 
A 1 111 GLY 111 463 463 GLY GLY A . n 
A 1 112 SER 112 464 464 SER SER A . n 
A 1 113 GLU 113 465 465 GLU GLU A . n 
A 1 114 GLY 114 466 466 GLY GLY A . n 
A 1 115 GLN 115 467 467 GLN GLN A . n 
A 1 116 PRO 116 468 468 PRO PRO A . n 
A 1 117 LEU 117 469 469 LEU LEU A . n 
A 1 118 GLU 118 470 470 GLU GLU A . n 
A 1 119 ALA 119 471 471 ALA ALA A . n 
A 1 120 SER 120 472 472 SER SER A . n 
A 1 121 LEU 121 473 473 LEU LEU A . n 
A 1 122 GLN 122 474 474 GLN GLN A . n 
A 1 123 LYS 123 475 475 LYS LYS A . n 
A 1 124 ASN 124 476 476 ASN ASN A . n 
A 1 125 ILE 125 477 477 ILE ILE A . n 
A 1 126 LEU 126 478 478 LEU LEU A . n 
A 1 127 ALA 127 479 479 ALA ALA A . n 
A 1 128 LEU 128 480 480 LEU LEU A . n 
A 1 129 PRO 129 481 481 PRO PRO A . n 
A 1 130 LYS 130 482 482 LYS LYS A . n 
A 1 131 ARG 131 483 483 ARG ARG A . n 
A 1 132 LYS 132 484 484 LYS LYS A . n 
A 1 133 ILE 133 485 485 ILE ILE A . n 
A 1 134 GLU 134 486 486 GLU GLU A . n 
A 1 135 ILE 135 487 487 ILE ILE A . n 
A 1 136 PHE 136 488 488 PHE PHE A . n 
A 1 137 VAL 137 489 489 VAL VAL A . n 
A 1 138 SER 138 490 490 SER SER A . n 
A 1 139 LEU 139 491 491 LEU LEU A . n 
A 1 140 THR 140 492 492 THR THR A . n 
A 1 141 CYS 141 493 493 CYS CYS A . n 
A 1 142 HIS 142 494 494 HIS HIS A . n 
A 1 143 PHE 143 495 495 PHE PHE A . n 
A 1 144 CYS 144 496 496 CYS CYS A . n 
A 1 145 PRO 145 497 497 PRO PRO A . n 
A 1 146 ASP 146 498 498 ASP ASP A . n 
A 1 147 VAL 147 499 499 VAL VAL A . n 
A 1 148 VAL 148 500 500 VAL VAL A . n 
A 1 149 ALA 149 501 501 ALA ALA A . n 
A 1 150 ALA 150 502 502 ALA ALA A . n 
A 1 151 ALA 151 503 503 ALA ALA A . n 
A 1 152 GLN 152 504 504 GLN GLN A . n 
A 1 153 ARG 153 505 505 ARG ARG A . n 
A 1 154 ILE 154 506 506 ILE ILE A . n 
A 1 155 ALA 155 507 507 ALA ALA A . n 
A 1 156 SER 156 508 508 SER SER A . n 
A 1 157 ILE 157 509 509 ILE ILE A . n 
A 1 158 ASN 158 510 510 ASN ASN A . n 
A 1 159 PRO 159 511 511 PRO PRO A . n 
A 1 160 HIS 160 512 512 HIS HIS A . n 
A 1 161 VAL 161 513 513 VAL VAL A . n 
A 1 162 GLU 162 514 514 GLU GLU A . n 
A 1 163 ALA 163 515 515 ALA ALA A . n 
A 1 164 GLU 164 516 516 GLU GLU A . n 
A 1 165 MET 165 517 517 MET MET A . n 
A 1 166 VAL 166 518 518 VAL VAL A . n 
A 1 167 ASP 167 519 519 ASP ASP A . n 
A 1 168 ILE 168 520 520 ILE ILE A . n 
A 1 169 SER 169 521 521 SER SER A . n 
A 1 170 LEU 170 522 522 LEU LEU A . n 
A 1 171 PHE 171 523 523 PHE PHE A . n 
A 1 172 PRO 172 524 524 PRO PRO A . n 
A 1 173 GLU 173 525 525 GLU GLU A . n 
A 1 174 LEU 174 526 526 LEU LEU A . n 
A 1 175 LYS 175 527 527 LYS LYS A . n 
A 1 176 LYS 176 528 528 LYS LYS A . n 
A 1 177 GLU 177 529 529 GLU GLU A . n 
A 1 178 LYS 178 530 530 LYS LYS A . n 
A 1 179 LYS 179 531 531 LYS LYS A . n 
A 1 180 ILE 180 532 532 ILE ILE A . n 
A 1 181 MET 181 533 533 MET MET A . n 
A 1 182 SER 182 534 534 SER SER A . n 
A 1 183 VAL 183 535 535 VAL VAL A . n 
A 1 184 PRO 184 536 536 PRO PRO A . n 
A 1 185 ALA 185 537 537 ALA ALA A . n 
A 1 186 MET 186 538 538 MET MET A . n 
A 1 187 LEU 187 539 539 LEU LEU A . n 
A 1 188 ILE 188 540 540 ILE ILE A . n 
A 1 189 ASP 189 541 541 ASP ASP A . n 
A 1 190 GLY 190 542 542 GLY GLY A . n 
A 1 191 GLU 191 543 543 GLU GLU A . n 
A 1 192 GLN 192 544 544 GLN GLN A . n 
A 1 193 MET 193 545 545 MET MET A . n 
A 1 194 ILE 194 546 546 ILE ILE A . n 
A 1 195 PHE 195 547 547 PHE PHE A . n 
A 1 196 GLY 196 548 548 GLY GLY A . n 
A 1 197 SER 197 549 549 SER SER A . n 
A 1 198 LYS 198 550 550 LYS LYS A . n 
A 1 199 THR 199 551 551 THR THR A . n 
A 1 200 MET 200 552 552 MET MET A . n 
A 1 201 THR 201 553 553 THR THR A . n 
A 1 202 GLU 202 554 554 GLU GLU A . n 
A 1 203 ILE 203 555 555 ILE ILE A . n 
A 1 204 ILE 204 556 556 ILE ILE A . n 
A 1 205 GLU 205 557 557 GLU GLU A . n 
A 1 206 ALA 206 558 558 ALA ALA A . n 
A 1 207 LEU 207 559 559 LEU LEU A . n 
A 1 208 ALA 208 560 560 ALA ALA A . n 
# 
loop_
_pdbx_nonpoly_scheme.asym_id 
_pdbx_nonpoly_scheme.entity_id 
_pdbx_nonpoly_scheme.mon_id 
_pdbx_nonpoly_scheme.ndb_seq_num 
_pdbx_nonpoly_scheme.pdb_seq_num 
_pdbx_nonpoly_scheme.auth_seq_num 
_pdbx_nonpoly_scheme.pdb_mon_id 
_pdbx_nonpoly_scheme.auth_mon_id 
_pdbx_nonpoly_scheme.pdb_strand_id 
_pdbx_nonpoly_scheme.pdb_ins_code 
B 2 SO4 1  601 1  SO4 SO4 A . 
C 2 SO4 1  602 2  SO4 SO4 A . 
D 2 SO4 1  603 3  SO4 SO4 A . 
E 3 HOH 1  701 25 HOH HOH A . 
E 3 HOH 2  702 27 HOH HOH A . 
E 3 HOH 3  703 46 HOH HOH A . 
E 3 HOH 4  704 52 HOH HOH A . 
E 3 HOH 5  705 2  HOH HOH A . 
E 3 HOH 6  706 16 HOH HOH A . 
E 3 HOH 7  707 4  HOH HOH A . 
E 3 HOH 8  708 31 HOH HOH A . 
E 3 HOH 9  709 20 HOH HOH A . 
E 3 HOH 10 710 3  HOH HOH A . 
E 3 HOH 11 711 7  HOH HOH A . 
E 3 HOH 12 712 22 HOH HOH A . 
E 3 HOH 13 713 37 HOH HOH A . 
E 3 HOH 14 714 51 HOH HOH A . 
E 3 HOH 15 715 35 HOH HOH A . 
E 3 HOH 16 716 5  HOH HOH A . 
E 3 HOH 17 717 48 HOH HOH A . 
E 3 HOH 18 718 32 HOH HOH A . 
E 3 HOH 19 719 45 HOH HOH A . 
E 3 HOH 20 720 53 HOH HOH A . 
E 3 HOH 21 721 14 HOH HOH A . 
E 3 HOH 22 722 1  HOH HOH A . 
E 3 HOH 23 723 47 HOH HOH A . 
E 3 HOH 24 724 12 HOH HOH A . 
E 3 HOH 25 725 6  HOH HOH A . 
E 3 HOH 26 726 24 HOH HOH A . 
E 3 HOH 27 727 30 HOH HOH A . 
E 3 HOH 28 728 49 HOH HOH A . 
E 3 HOH 29 729 10 HOH HOH A . 
E 3 HOH 30 730 15 HOH HOH A . 
E 3 HOH 31 731 18 HOH HOH A . 
E 3 HOH 32 732 11 HOH HOH A . 
E 3 HOH 33 733 26 HOH HOH A . 
E 3 HOH 34 734 36 HOH HOH A . 
E 3 HOH 35 735 8  HOH HOH A . 
E 3 HOH 36 736 44 HOH HOH A . 
E 3 HOH 37 737 19 HOH HOH A . 
E 3 HOH 38 738 13 HOH HOH A . 
E 3 HOH 39 739 23 HOH HOH A . 
E 3 HOH 40 740 21 HOH HOH A . 
E 3 HOH 41 741 63 HOH HOH A . 
E 3 HOH 42 742 34 HOH HOH A . 
E 3 HOH 43 743 40 HOH HOH A . 
E 3 HOH 44 744 9  HOH HOH A . 
E 3 HOH 45 745 41 HOH HOH A . 
E 3 HOH 46 746 33 HOH HOH A . 
E 3 HOH 47 747 38 HOH HOH A . 
E 3 HOH 48 748 17 HOH HOH A . 
E 3 HOH 49 749 42 HOH HOH A . 
E 3 HOH 50 750 43 HOH HOH A . 
E 3 HOH 51 751 50 HOH HOH A . 
E 3 HOH 52 752 67 HOH HOH A . 
E 3 HOH 53 753 58 HOH HOH A . 
E 3 HOH 54 754 64 HOH HOH A . 
E 3 HOH 55 755 55 HOH HOH A . 
E 3 HOH 56 756 60 HOH HOH A . 
E 3 HOH 57 757 62 HOH HOH A . 
E 3 HOH 58 758 57 HOH HOH A . 
E 3 HOH 59 759 61 HOH HOH A . 
E 3 HOH 60 760 65 HOH HOH A . 
E 3 HOH 61 761 39 HOH HOH A . 
E 3 HOH 62 762 28 HOH HOH A . 
E 3 HOH 63 763 54 HOH HOH A . 
E 3 HOH 64 764 59 HOH HOH A . 
E 3 HOH 65 765 29 HOH HOH A . 
E 3 HOH 66 766 56 HOH HOH A . 
E 3 HOH 67 767 66 HOH HOH A . 
# 
loop_
_software.citation_id 
_software.classification 
_software.compiler_name 
_software.compiler_version 
_software.contact_author 
_software.contact_author_email 
_software.date 
_software.description 
_software.dependencies 
_software.hardware 
_software.language 
_software.location 
_software.mods 
_software.name 
_software.os 
_software.os_version 
_software.type 
_software.version 
_software.pdbx_ordinal 
? refinement       ? ? ? ? ? ? ? ? ? ? ? REFMAC   ? ? ? 5.7.0029 1 
? 'data reduction' ? ? ? ? ? ? ? ? ? ? ? HKL-2000 ? ? ? .        2 
? 'data scaling'   ? ? ? ? ? ? ? ? ? ? ? HKL-2000 ? ? ? .        3 
? phasing          ? ? ? ? ? ? ? ? ? ? ? PHASER   ? ? ? .        4 
# 
_cell.angle_alpha                  90.00 
_cell.angle_alpha_esd              ? 
_cell.angle_beta                   90.00 
_cell.angle_beta_esd               ? 
_cell.angle_gamma                  90.00 
_cell.angle_gamma_esd              ? 
_cell.entry_id                     6IL7 
_cell.details                      ? 
_cell.formula_units_Z              ? 
_cell.length_a                     134.101 
_cell.length_a_esd                 ? 
_cell.length_b                     134.101 
_cell.length_b_esd                 ? 
_cell.length_c                     134.101 
_cell.length_c_esd                 ? 
_cell.volume                       ? 
_cell.volume_esd                   ? 
_cell.Z_PDB                        24 
_cell.reciprocal_angle_alpha       ? 
_cell.reciprocal_angle_beta        ? 
_cell.reciprocal_angle_gamma       ? 
_cell.reciprocal_angle_alpha_esd   ? 
_cell.reciprocal_angle_beta_esd    ? 
_cell.reciprocal_angle_gamma_esd   ? 
_cell.reciprocal_length_a          ? 
_cell.reciprocal_length_b          ? 
_cell.reciprocal_length_c          ? 
_cell.reciprocal_length_a_esd      ? 
_cell.reciprocal_length_b_esd      ? 
_cell.reciprocal_length_c_esd      ? 
_cell.pdbx_unique_axis             ? 
# 
_symmetry.entry_id                         6IL7 
_symmetry.cell_setting                     ? 
_symmetry.Int_Tables_number                213 
_symmetry.space_group_name_Hall            ? 
_symmetry.space_group_name_H-M             'P 41 3 2' 
_symmetry.pdbx_full_space_group_name_H-M   ? 
# 
_exptl.absorpt_coefficient_mu     ? 
_exptl.absorpt_correction_T_max   ? 
_exptl.absorpt_correction_T_min   ? 
_exptl.absorpt_correction_type    ? 
_exptl.absorpt_process_details    ? 
_exptl.entry_id                   6IL7 
_exptl.crystals_number            1 
_exptl.details                    ? 
_exptl.method                     'X-RAY DIFFRACTION' 
_exptl.method_details             ? 
# 
_exptl_crystal.colour                      ? 
_exptl_crystal.density_diffrn              ? 
_exptl_crystal.density_Matthews            4.37 
_exptl_crystal.density_method              ? 
_exptl_crystal.density_percent_sol         72.06 
_exptl_crystal.description                 ? 
_exptl_crystal.F_000                       ? 
_exptl_crystal.id                          1 
_exptl_crystal.preparation                 ? 
_exptl_crystal.size_max                    ? 
_exptl_crystal.size_mid                    ? 
_exptl_crystal.size_min                    ? 
_exptl_crystal.size_rad                    ? 
_exptl_crystal.colour_lustre               ? 
_exptl_crystal.colour_modifier             ? 
_exptl_crystal.colour_primary              ? 
_exptl_crystal.density_meas                ? 
_exptl_crystal.density_meas_esd            ? 
_exptl_crystal.density_meas_gt             ? 
_exptl_crystal.density_meas_lt             ? 
_exptl_crystal.density_meas_temp           ? 
_exptl_crystal.density_meas_temp_esd       ? 
_exptl_crystal.density_meas_temp_gt        ? 
_exptl_crystal.density_meas_temp_lt        ? 
_exptl_crystal.pdbx_crystal_image_url      ? 
_exptl_crystal.pdbx_crystal_image_format   ? 
_exptl_crystal.pdbx_mosaicity              ? 
_exptl_crystal.pdbx_mosaicity_esd          ? 
# 
_exptl_crystal_grow.apparatus       ? 
_exptl_crystal_grow.atmosphere      ? 
_exptl_crystal_grow.crystal_id      1 
_exptl_crystal_grow.details         ? 
_exptl_crystal_grow.method          'VAPOR DIFFUSION, HANGING DROP' 
_exptl_crystal_grow.method_ref      ? 
_exptl_crystal_grow.pH              6.5 
_exptl_crystal_grow.pressure        ? 
_exptl_crystal_grow.pressure_esd    ? 
_exptl_crystal_grow.seeding         ? 
_exptl_crystal_grow.seeding_ref     ? 
_exptl_crystal_grow.temp            293.15 
_exptl_crystal_grow.temp_details    ? 
_exptl_crystal_grow.temp_esd        ? 
_exptl_crystal_grow.time            ? 
_exptl_crystal_grow.pdbx_details    '0.1 M Bis-Tris (pH 6.5), 1.5 M ammonium sulfate and 0.1 M sodium chloride' 
_exptl_crystal_grow.pdbx_pH_range   ? 
# 
_diffrn.ambient_environment              ? 
_diffrn.ambient_temp                     100 
_diffrn.ambient_temp_details             ? 
_diffrn.ambient_temp_esd                 ? 
_diffrn.crystal_id                       1 
_diffrn.crystal_support                  ? 
_diffrn.crystal_treatment                ? 
_diffrn.details                          ? 
_diffrn.id                               1 
_diffrn.ambient_pressure                 ? 
_diffrn.ambient_pressure_esd             ? 
_diffrn.ambient_pressure_gt              ? 
_diffrn.ambient_pressure_lt              ? 
_diffrn.ambient_temp_gt                  ? 
_diffrn.ambient_temp_lt                  ? 
_diffrn.pdbx_serial_crystal_experiment   N 
# 
_diffrn_detector.details                      ? 
_diffrn_detector.detector                     CCD 
_diffrn_detector.diffrn_id                    1 
_diffrn_detector.type                         'ADSC QUANTUM 315' 
_diffrn_detector.area_resol_mean              ? 
_diffrn_detector.dtime                        ? 
_diffrn_detector.pdbx_frames_total            ? 
_diffrn_detector.pdbx_collection_time_total   ? 
_diffrn_detector.pdbx_collection_date         2017-03-08 
_diffrn_detector.pdbx_frequency               ? 
# 
_diffrn_radiation.collimation                      ? 
_diffrn_radiation.diffrn_id                        1 
_diffrn_radiation.filter_edge                      ? 
_diffrn_radiation.inhomogeneity                    ? 
_diffrn_radiation.monochromator                    ? 
_diffrn_radiation.polarisn_norm                    ? 
_diffrn_radiation.polarisn_ratio                   ? 
_diffrn_radiation.probe                            ? 
_diffrn_radiation.type                             ? 
_diffrn_radiation.xray_symbol                      ? 
_diffrn_radiation.wavelength_id                    1 
_diffrn_radiation.pdbx_monochromatic_or_laue_m_l   M 
_diffrn_radiation.pdbx_wavelength_list             ? 
_diffrn_radiation.pdbx_wavelength                  ? 
_diffrn_radiation.pdbx_diffrn_protocol             'SINGLE WAVELENGTH' 
_diffrn_radiation.pdbx_analyzer                    ? 
_diffrn_radiation.pdbx_scattering_type             x-ray 
# 
_diffrn_radiation_wavelength.id           1 
_diffrn_radiation_wavelength.wavelength   1 
_diffrn_radiation_wavelength.wt           1.0 
# 
_diffrn_source.current                     ? 
_diffrn_source.details                     ? 
_diffrn_source.diffrn_id                   1 
_diffrn_source.power                       ? 
_diffrn_source.size                        ? 
_diffrn_source.source                      SYNCHROTRON 
_diffrn_source.target                      ? 
_diffrn_source.type                        'NSRRC BEAMLINE BL13B1' 
_diffrn_source.voltage                     ? 
_diffrn_source.take-off_angle              ? 
_diffrn_source.pdbx_wavelength_list        1 
_diffrn_source.pdbx_wavelength             ? 
_diffrn_source.pdbx_synchrotron_beamline   BL13B1 
_diffrn_source.pdbx_synchrotron_site       NSRRC 
# 
_reflns.B_iso_Wilson_estimate            48.63 
_reflns.entry_id                         6IL7 
_reflns.data_reduction_details           ? 
_reflns.data_reduction_method            ? 
_reflns.d_resolution_high                2.5 
_reflns.d_resolution_low                 30 
_reflns.details                          ? 
_reflns.limit_h_max                      ? 
_reflns.limit_h_min                      ? 
_reflns.limit_k_max                      ? 
_reflns.limit_k_min                      ? 
_reflns.limit_l_max                      ? 
_reflns.limit_l_min                      ? 
_reflns.number_all                       ? 
_reflns.number_obs                       14035 
_reflns.observed_criterion               ? 
_reflns.observed_criterion_F_max         ? 
_reflns.observed_criterion_F_min         ? 
_reflns.observed_criterion_I_max         ? 
_reflns.observed_criterion_I_min         ? 
_reflns.observed_criterion_sigma_F       ? 
_reflns.observed_criterion_sigma_I       ? 
_reflns.percent_possible_obs             99.7 
_reflns.R_free_details                   ? 
_reflns.Rmerge_F_all                     ? 
_reflns.Rmerge_F_obs                     ? 
_reflns.Friedel_coverage                 ? 
_reflns.number_gt                        ? 
_reflns.threshold_expression             ? 
_reflns.pdbx_redundancy                  11.2 
_reflns.pdbx_Rmerge_I_obs                0.069 
_reflns.pdbx_Rmerge_I_all                ? 
_reflns.pdbx_Rsym_value                  ? 
_reflns.pdbx_netI_over_av_sigmaI         ? 
_reflns.pdbx_netI_over_sigmaI            22.4 
_reflns.pdbx_res_netI_over_av_sigmaI_2   ? 
_reflns.pdbx_res_netI_over_sigmaI_2      ? 
_reflns.pdbx_chi_squared                 ? 
_reflns.pdbx_scaling_rejects             ? 
_reflns.pdbx_d_res_high_opt              ? 
_reflns.pdbx_d_res_low_opt               ? 
_reflns.pdbx_d_res_opt_method            ? 
_reflns.phase_calculation_details        ? 
_reflns.pdbx_Rrim_I_all                  ? 
_reflns.pdbx_Rpim_I_all                  ? 
_reflns.pdbx_d_opt                       ? 
_reflns.pdbx_number_measured_all         ? 
_reflns.pdbx_diffrn_id                   1 
_reflns.pdbx_ordinal                     1 
_reflns.pdbx_CC_half                     ? 
_reflns.pdbx_R_split                     ? 
# 
_reflns_shell.d_res_high                  2.5 
_reflns_shell.d_res_low                   2.59 
_reflns_shell.meanI_over_sigI_all         ? 
_reflns_shell.meanI_over_sigI_obs         7.3 
_reflns_shell.number_measured_all         ? 
_reflns_shell.number_measured_obs         ? 
_reflns_shell.number_possible             ? 
_reflns_shell.number_unique_all           ? 
_reflns_shell.number_unique_obs           1425 
_reflns_shell.percent_possible_all        99.7 
_reflns_shell.percent_possible_obs        ? 
_reflns_shell.Rmerge_F_all                ? 
_reflns_shell.Rmerge_F_obs                ? 
_reflns_shell.Rmerge_I_all                ? 
_reflns_shell.Rmerge_I_obs                0.252 
_reflns_shell.meanI_over_sigI_gt          ? 
_reflns_shell.meanI_over_uI_all           ? 
_reflns_shell.meanI_over_uI_gt            ? 
_reflns_shell.number_measured_gt          ? 
_reflns_shell.number_unique_gt            ? 
_reflns_shell.percent_possible_gt         ? 
_reflns_shell.Rmerge_F_gt                 ? 
_reflns_shell.Rmerge_I_gt                 ? 
_reflns_shell.pdbx_redundancy             11.7 
_reflns_shell.pdbx_Rsym_value             ? 
_reflns_shell.pdbx_chi_squared            ? 
_reflns_shell.pdbx_netI_over_sigmaI_all   ? 
_reflns_shell.pdbx_netI_over_sigmaI_obs   ? 
_reflns_shell.pdbx_Rrim_I_all             ? 
_reflns_shell.pdbx_Rpim_I_all             ? 
_reflns_shell.pdbx_rejects                ? 
_reflns_shell.pdbx_ordinal                1 
_reflns_shell.pdbx_diffrn_id              1 
_reflns_shell.pdbx_CC_half                ? 
_reflns_shell.pdbx_R_split                ? 
# 
_refine.aniso_B[1][1]                            0.00 
_refine.aniso_B[1][2]                            0.00 
_refine.aniso_B[1][3]                            0.00 
_refine.aniso_B[2][2]                            0.00 
_refine.aniso_B[2][3]                            0.00 
_refine.aniso_B[3][3]                            0.00 
_refine.B_iso_max                                ? 
_refine.B_iso_mean                               61.018 
_refine.B_iso_min                                ? 
_refine.correlation_coeff_Fo_to_Fc               0.947 
_refine.correlation_coeff_Fo_to_Fc_free          0.914 
_refine.details                                  'HYDROGENS HAVE BEEN ADDED IN THE RIDING POSITIONS' 
_refine.diff_density_max                         ? 
_refine.diff_density_max_esd                     ? 
_refine.diff_density_min                         ? 
_refine.diff_density_min_esd                     ? 
_refine.diff_density_rms                         ? 
_refine.diff_density_rms_esd                     ? 
_refine.entry_id                                 6IL7 
_refine.pdbx_refine_id                           'X-RAY DIFFRACTION' 
_refine.ls_abs_structure_details                 ? 
_refine.ls_abs_structure_Flack                   ? 
_refine.ls_abs_structure_Flack_esd               ? 
_refine.ls_abs_structure_Rogers                  ? 
_refine.ls_abs_structure_Rogers_esd              ? 
_refine.ls_d_res_high                            2.50 
_refine.ls_d_res_low                             30.00 
_refine.ls_extinction_coef                       ? 
_refine.ls_extinction_coef_esd                   ? 
_refine.ls_extinction_expression                 ? 
_refine.ls_extinction_method                     ? 
_refine.ls_goodness_of_fit_all                   ? 
_refine.ls_goodness_of_fit_all_esd               ? 
_refine.ls_goodness_of_fit_obs                   ? 
_refine.ls_goodness_of_fit_obs_esd               ? 
_refine.ls_hydrogen_treatment                    ? 
_refine.ls_matrix_type                           ? 
_refine.ls_number_constraints                    ? 
_refine.ls_number_parameters                     ? 
_refine.ls_number_reflns_all                     ? 
_refine.ls_number_reflns_obs                     14035 
_refine.ls_number_reflns_R_free                  749 
_refine.ls_number_reflns_R_work                  ? 
_refine.ls_number_restraints                     ? 
_refine.ls_percent_reflns_obs                    99.67 
_refine.ls_percent_reflns_R_free                 5.1 
_refine.ls_R_factor_all                          ? 
_refine.ls_R_factor_obs                          0.21723 
_refine.ls_R_factor_R_free                       0.26719 
_refine.ls_R_factor_R_free_error                 ? 
_refine.ls_R_factor_R_free_error_details         ? 
_refine.ls_R_factor_R_work                       0.21466 
_refine.ls_R_Fsqd_factor_obs                     ? 
_refine.ls_R_I_factor_obs                        ? 
_refine.ls_redundancy_reflns_all                 ? 
_refine.ls_redundancy_reflns_obs                 ? 
_refine.ls_restrained_S_all                      ? 
_refine.ls_restrained_S_obs                      ? 
_refine.ls_shift_over_esd_max                    ? 
_refine.ls_shift_over_esd_mean                   ? 
_refine.ls_structure_factor_coef                 ? 
_refine.ls_weighting_details                     ? 
_refine.ls_weighting_scheme                      ? 
_refine.ls_wR_factor_all                         ? 
_refine.ls_wR_factor_obs                         ? 
_refine.ls_wR_factor_R_free                      ? 
_refine.ls_wR_factor_R_work                      ? 
_refine.occupancy_max                            ? 
_refine.occupancy_min                            ? 
_refine.solvent_model_details                    ? 
_refine.solvent_model_param_bsol                 ? 
_refine.solvent_model_param_ksol                 ? 
_refine.ls_R_factor_gt                           ? 
_refine.ls_goodness_of_fit_gt                    ? 
_refine.ls_goodness_of_fit_ref                   ? 
_refine.ls_shift_over_su_max                     ? 
_refine.ls_shift_over_su_max_lt                  ? 
_refine.ls_shift_over_su_mean                    ? 
_refine.ls_shift_over_su_mean_lt                 ? 
_refine.pdbx_ls_sigma_I                          ? 
_refine.pdbx_ls_sigma_F                          ? 
_refine.pdbx_ls_sigma_Fsqd                       ? 
_refine.pdbx_data_cutoff_high_absF               ? 
_refine.pdbx_data_cutoff_high_rms_absF           ? 
_refine.pdbx_data_cutoff_low_absF                ? 
_refine.pdbx_isotropic_thermal_model             ? 
_refine.pdbx_ls_cross_valid_method               THROUGHOUT 
_refine.pdbx_method_to_determine_struct          'MOLECULAR REPLACEMENT' 
_refine.pdbx_starting_model                      5H29 
_refine.pdbx_stereochemistry_target_values       ? 
_refine.pdbx_R_Free_selection_details            RANDOM 
_refine.pdbx_stereochem_target_val_spec_case     ? 
_refine.pdbx_overall_ESU_R                       0.264 
_refine.pdbx_overall_ESU_R_Free                  0.236 
_refine.pdbx_solvent_vdw_probe_radii             1.20 
_refine.pdbx_solvent_ion_probe_radii             0.80 
_refine.pdbx_solvent_shrinkage_radii             0.80 
_refine.pdbx_real_space_R                        ? 
_refine.pdbx_density_correlation                 ? 
_refine.pdbx_pd_number_of_powder_patterns        ? 
_refine.pdbx_pd_number_of_points                 ? 
_refine.pdbx_pd_meas_number_of_points            ? 
_refine.pdbx_pd_proc_ls_prof_R_factor            ? 
_refine.pdbx_pd_proc_ls_prof_wR_factor           ? 
_refine.pdbx_pd_Marquardt_correlation_coeff      ? 
_refine.pdbx_pd_Fsqrd_R_factor                   ? 
_refine.pdbx_pd_ls_matrix_band_width             ? 
_refine.pdbx_overall_phase_error                 ? 
_refine.pdbx_overall_SU_R_free_Cruickshank_DPI   ? 
_refine.pdbx_overall_SU_R_free_Blow_DPI          ? 
_refine.pdbx_overall_SU_R_Blow_DPI               ? 
_refine.pdbx_TLS_residual_ADP_flag               ? 
_refine.pdbx_diffrn_id                           1 
_refine.overall_SU_B                             7.802 
_refine.overall_SU_ML                            0.173 
_refine.overall_SU_R_Cruickshank_DPI             ? 
_refine.overall_SU_R_free                        ? 
_refine.overall_FOM_free_R_set                   ? 
_refine.overall_FOM_work_R_set                   ? 
_refine.pdbx_average_fsc_overall                 ? 
_refine.pdbx_average_fsc_work                    ? 
_refine.pdbx_average_fsc_free                    ? 
# 
_refine_hist.pdbx_refine_id                   'X-RAY DIFFRACTION' 
_refine_hist.cycle_id                         1 
_refine_hist.pdbx_number_atoms_protein        1611 
_refine_hist.pdbx_number_atoms_nucleic_acid   0 
_refine_hist.pdbx_number_atoms_ligand         15 
_refine_hist.number_atoms_solvent             67 
_refine_hist.number_atoms_total               1693 
_refine_hist.d_res_high                       2.50 
_refine_hist.d_res_low                        30.00 
# 
loop_
_refine_ls_restr.pdbx_refine_id 
_refine_ls_restr.criterion 
_refine_ls_restr.dev_ideal 
_refine_ls_restr.dev_ideal_target 
_refine_ls_restr.number 
_refine_ls_restr.rejects 
_refine_ls_restr.type 
_refine_ls_restr.weight 
_refine_ls_restr.pdbx_restraint_function 
'X-RAY DIFFRACTION' ? 0.006  0.019  1651 ? r_bond_refined_d             ? ? 
'X-RAY DIFFRACTION' ? 0.001  0.020  1604 ? r_bond_other_d               ? ? 
'X-RAY DIFFRACTION' ? 1.088  1.999  2231 ? r_angle_refined_deg          ? ? 
'X-RAY DIFFRACTION' ? 0.839  3.000  3747 ? r_angle_other_deg            ? ? 
'X-RAY DIFFRACTION' ? 5.689  5.000  207  ? r_dihedral_angle_1_deg       ? ? 
'X-RAY DIFFRACTION' ? 41.014 26.290 62   ? r_dihedral_angle_2_deg       ? ? 
'X-RAY DIFFRACTION' ? 15.656 15.000 314  ? r_dihedral_angle_3_deg       ? ? 
'X-RAY DIFFRACTION' ? 15.085 15.000 3    ? r_dihedral_angle_4_deg       ? ? 
'X-RAY DIFFRACTION' ? 0.055  0.200  267  ? r_chiral_restr               ? ? 
'X-RAY DIFFRACTION' ? 0.002  0.021  1756 ? r_gen_planes_refined         ? ? 
'X-RAY DIFFRACTION' ? 0.001  0.020  283  ? r_gen_planes_other           ? ? 
'X-RAY DIFFRACTION' ? ?      ?      ?    ? r_nbd_refined                ? ? 
'X-RAY DIFFRACTION' ? ?      ?      ?    ? r_nbd_other                  ? ? 
'X-RAY DIFFRACTION' ? ?      ?      ?    ? r_nbtor_refined              ? ? 
'X-RAY DIFFRACTION' ? ?      ?      ?    ? r_nbtor_other                ? ? 
'X-RAY DIFFRACTION' ? ?      ?      ?    ? r_xyhbond_nbd_refined        ? ? 
'X-RAY DIFFRACTION' ? ?      ?      ?    ? r_xyhbond_nbd_other          ? ? 
'X-RAY DIFFRACTION' ? ?      ?      ?    ? r_metal_ion_refined          ? ? 
'X-RAY DIFFRACTION' ? ?      ?      ?    ? r_metal_ion_other            ? ? 
'X-RAY DIFFRACTION' ? ?      ?      ?    ? r_symmetry_vdw_refined       ? ? 
'X-RAY DIFFRACTION' ? ?      ?      ?    ? r_symmetry_vdw_other         ? ? 
'X-RAY DIFFRACTION' ? ?      ?      ?    ? r_symmetry_hbond_refined     ? ? 
'X-RAY DIFFRACTION' ? ?      ?      ?    ? r_symmetry_hbond_other       ? ? 
'X-RAY DIFFRACTION' ? ?      ?      ?    ? r_symmetry_metal_ion_refined ? ? 
'X-RAY DIFFRACTION' ? ?      ?      ?    ? r_symmetry_metal_ion_other   ? ? 
'X-RAY DIFFRACTION' ? 1.396  6.103  831  ? r_mcbond_it                  ? ? 
'X-RAY DIFFRACTION' ? 1.394  6.101  830  ? r_mcbond_other               ? ? 
'X-RAY DIFFRACTION' ? 2.508  9.149  1037 ? r_mcangle_it                 ? ? 
'X-RAY DIFFRACTION' ? 2.507  9.152  1038 ? r_mcangle_other              ? ? 
'X-RAY DIFFRACTION' ? 1.069  6.342  820  ? r_scbond_it                  ? ? 
'X-RAY DIFFRACTION' ? 1.065  6.280  809  ? r_scbond_other               ? ? 
'X-RAY DIFFRACTION' ? ?      ?      ?    ? r_scangle_it                 ? ? 
'X-RAY DIFFRACTION' ? 2.004  9.316  1177 ? r_scangle_other              ? ? 
'X-RAY DIFFRACTION' ? 4.947  70.955 1724 ? r_long_range_B_refined       ? ? 
'X-RAY DIFFRACTION' ? 4.752  70.874 1713 ? r_long_range_B_other         ? ? 
'X-RAY DIFFRACTION' ? ?      ?      ?    ? r_rigid_bond_restr           ? ? 
'X-RAY DIFFRACTION' ? ?      ?      ?    ? r_sphericity_free            ? ? 
'X-RAY DIFFRACTION' ? ?      ?      ?    ? r_sphericity_bonded          ? ? 
# 
_refine_ls_shell.pdbx_refine_id                   'X-RAY DIFFRACTION' 
_refine_ls_shell.d_res_high                       2.500 
_refine_ls_shell.d_res_low                        2.564 
_refine_ls_shell.number_reflns_all                ? 
_refine_ls_shell.number_reflns_obs                ? 
_refine_ls_shell.number_reflns_R_free             49 
_refine_ls_shell.number_reflns_R_work             1008 
_refine_ls_shell.percent_reflns_obs               100.00 
_refine_ls_shell.percent_reflns_R_free            ? 
_refine_ls_shell.R_factor_all                     ? 
_refine_ls_shell.R_factor_obs                     ? 
_refine_ls_shell.R_factor_R_free                  0.276 
_refine_ls_shell.R_factor_R_free_error            ? 
_refine_ls_shell.R_factor_R_work                  0.297 
_refine_ls_shell.redundancy_reflns_all            ? 
_refine_ls_shell.redundancy_reflns_obs            ? 
_refine_ls_shell.wR_factor_all                    ? 
_refine_ls_shell.wR_factor_obs                    ? 
_refine_ls_shell.wR_factor_R_free                 ? 
_refine_ls_shell.wR_factor_R_work                 ? 
_refine_ls_shell.pdbx_total_number_of_bins_used   20 
_refine_ls_shell.pdbx_phase_error                 ? 
_refine_ls_shell.pdbx_fsc_work                    ? 
_refine_ls_shell.pdbx_fsc_free                    ? 
# 
_struct.entry_id                     6IL7 
_struct.title                        
'Structure of Enterococcus faecalis (V583) alkylhydroperoxide reductase subunit F (AhpF) C503A mutant' 
_struct.pdbx_model_details           ? 
_struct.pdbx_formula_weight          ? 
_struct.pdbx_formula_weight_method   ? 
_struct.pdbx_model_type_details      ? 
_struct.pdbx_CASP_flag               N 
# 
_struct_keywords.entry_id        6IL7 
_struct_keywords.text            'Enterococcus faecalis, thioredoxin-like domain, alkylhydroperoxide reductase, OXIDOREDUCTASE' 
_struct_keywords.pdbx_keywords   OXIDOREDUCTASE 
# 
loop_
_struct_asym.id 
_struct_asym.pdbx_blank_PDB_chainid_flag 
_struct_asym.pdbx_modified 
_struct_asym.entity_id 
_struct_asym.details 
A N N 1 ? 
B N N 2 ? 
C N N 2 ? 
D N N 2 ? 
E N N 3 ? 
# 
_struct_ref.id                         1 
_struct_ref.db_name                    UNP 
_struct_ref.db_code                    Q830N9_ENTFA 
_struct_ref.pdbx_db_accession          Q830N9 
_struct_ref.pdbx_db_isoform            ? 
_struct_ref.entity_id                  1 
_struct_ref.pdbx_seq_one_letter_code   
;QWFPESMRQQLSGIFAKLTKKVTLLQFLDASDEKSLELQSFLTEFASLDQKITLETILKDTEPAKELLYGIEKMPSVVLL
DAAGNYTGIKFSGIPSGHEVNSLVLAVYNVGSEGQPLEASLQKNILALPKRKIEIFVSLTCHFCPDVVAACQRIASINPH
VEAEMVDISLFPELKKEKKIMSVPAMLIDGEQMIFGSKTMTEIIEALA
;
_struct_ref.pdbx_align_begin           353 
# 
_struct_ref_seq.align_id                      1 
_struct_ref_seq.ref_id                        1 
_struct_ref_seq.pdbx_PDB_id_code              6IL7 
_struct_ref_seq.pdbx_strand_id                A 
_struct_ref_seq.seq_align_beg                 1 
_struct_ref_seq.pdbx_seq_align_beg_ins_code   ? 
_struct_ref_seq.seq_align_end                 208 
_struct_ref_seq.pdbx_seq_align_end_ins_code   ? 
_struct_ref_seq.pdbx_db_accession             Q830N9 
_struct_ref_seq.db_align_beg                  353 
_struct_ref_seq.pdbx_db_align_beg_ins_code    ? 
_struct_ref_seq.db_align_end                  560 
_struct_ref_seq.pdbx_db_align_end_ins_code    ? 
_struct_ref_seq.pdbx_auth_seq_align_beg       353 
_struct_ref_seq.pdbx_auth_seq_align_end       560 
# 
_struct_ref_seq_dif.align_id                     1 
_struct_ref_seq_dif.pdbx_pdb_id_code             6IL7 
_struct_ref_seq_dif.mon_id                       ALA 
_struct_ref_seq_dif.pdbx_pdb_strand_id           A 
_struct_ref_seq_dif.seq_num                      151 
_struct_ref_seq_dif.pdbx_pdb_ins_code            ? 
_struct_ref_seq_dif.pdbx_seq_db_name             UNP 
_struct_ref_seq_dif.pdbx_seq_db_accession_code   Q830N9 
_struct_ref_seq_dif.db_mon_id                    CYS 
_struct_ref_seq_dif.pdbx_seq_db_seq_num          503 
_struct_ref_seq_dif.details                      'engineered mutation' 
_struct_ref_seq_dif.pdbx_auth_seq_num            503 
_struct_ref_seq_dif.pdbx_ordinal                 1 
# 
_pdbx_struct_assembly.id                   1 
_pdbx_struct_assembly.details              author_and_software_defined_assembly 
_pdbx_struct_assembly.method_details       PISA 
_pdbx_struct_assembly.oligomeric_details   monomeric 
_pdbx_struct_assembly.oligomeric_count     1 
# 
loop_
_pdbx_struct_assembly_prop.biol_id 
_pdbx_struct_assembly_prop.type 
_pdbx_struct_assembly_prop.value 
_pdbx_struct_assembly_prop.details 
1 'ABSA (A^2)' 190   ? 
1 MORE         -15   ? 
1 'SSA (A^2)'  10260 ? 
# 
_pdbx_struct_assembly_gen.assembly_id       1 
_pdbx_struct_assembly_gen.oper_expression   1 
_pdbx_struct_assembly_gen.asym_id_list      A,B,C,D,E 
# 
_pdbx_struct_assembly_auth_evidence.id                     1 
_pdbx_struct_assembly_auth_evidence.assembly_id            1 
_pdbx_struct_assembly_auth_evidence.experimental_support   none 
_pdbx_struct_assembly_auth_evidence.details                ? 
# 
_pdbx_struct_oper_list.id                   1 
_pdbx_struct_oper_list.type                 'identity operation' 
_pdbx_struct_oper_list.name                 1_555 
_pdbx_struct_oper_list.symmetry_operation   x,y,z 
_pdbx_struct_oper_list.matrix[1][1]         1.0000000000 
_pdbx_struct_oper_list.matrix[1][2]         0.0000000000 
_pdbx_struct_oper_list.matrix[1][3]         0.0000000000 
_pdbx_struct_oper_list.vector[1]            0.0000000000 
_pdbx_struct_oper_list.matrix[2][1]         0.0000000000 
_pdbx_struct_oper_list.matrix[2][2]         1.0000000000 
_pdbx_struct_oper_list.matrix[2][3]         0.0000000000 
_pdbx_struct_oper_list.vector[2]            0.0000000000 
_pdbx_struct_oper_list.matrix[3][1]         0.0000000000 
_pdbx_struct_oper_list.matrix[3][2]         0.0000000000 
_pdbx_struct_oper_list.matrix[3][3]         1.0000000000 
_pdbx_struct_oper_list.vector[3]            0.0000000000 
# 
loop_
_struct_conf.conf_type_id 
_struct_conf.id 
_struct_conf.pdbx_PDB_helix_id 
_struct_conf.beg_label_comp_id 
_struct_conf.beg_label_asym_id 
_struct_conf.beg_label_seq_id 
_struct_conf.pdbx_beg_PDB_ins_code 
_struct_conf.end_label_comp_id 
_struct_conf.end_label_asym_id 
_struct_conf.end_label_seq_id 
_struct_conf.pdbx_end_PDB_ins_code 
_struct_conf.beg_auth_comp_id 
_struct_conf.beg_auth_asym_id 
_struct_conf.beg_auth_seq_id 
_struct_conf.end_auth_comp_id 
_struct_conf.end_auth_asym_id 
_struct_conf.end_auth_seq_id 
_struct_conf.pdbx_PDB_helix_class 
_struct_conf.details 
_struct_conf.pdbx_PDB_helix_length 
HELX_P HELX_P1 AA1 PRO A 4   ? ALA A 16  ? PRO A 356 ALA A 368 1 ? 13 
HELX_P HELX_P2 AA2 ASP A 32  ? SER A 47  ? ASP A 384 SER A 399 1 ? 16 
HELX_P HELX_P3 AA3 GLU A 62  ? GLY A 70  ? GLU A 414 GLY A 422 1 ? 9  
HELX_P HELX_P4 AA4 SER A 96  ? HIS A 98  ? SER A 448 HIS A 450 5 ? 3  
HELX_P HELX_P5 AA5 GLU A 99  ? GLY A 111 ? GLU A 451 GLY A 463 1 ? 13 
HELX_P HELX_P6 AA6 GLU A 118 ? ALA A 127 ? GLU A 470 ALA A 479 1 ? 10 
HELX_P HELX_P7 AA7 PHE A 143 ? ASN A 158 ? PHE A 495 ASN A 510 1 ? 16 
HELX_P HELX_P8 AA8 PHE A 171 ? LYS A 178 ? PHE A 523 LYS A 530 1 ? 8  
HELX_P HELX_P9 AA9 THR A 199 ? LEU A 207 ? THR A 551 LEU A 559 1 ? 9  
# 
_struct_conf_type.id          HELX_P 
_struct_conf_type.criteria    ? 
_struct_conf_type.reference   ? 
# 
_struct_conn.id                            disulf1 
_struct_conn.conn_type_id                  disulf 
_struct_conn.pdbx_leaving_atom_flag        ? 
_struct_conn.pdbx_PDB_id                   ? 
_struct_conn.ptnr1_label_asym_id           A 
_struct_conn.ptnr1_label_comp_id           CYS 
_struct_conn.ptnr1_label_seq_id            141 
_struct_conn.ptnr1_label_atom_id           SG 
_struct_conn.pdbx_ptnr1_label_alt_id       ? 
_struct_conn.pdbx_ptnr1_PDB_ins_code       ? 
_struct_conn.pdbx_ptnr1_standard_comp_id   ? 
_struct_conn.ptnr1_symmetry                1_555 
_struct_conn.ptnr2_label_asym_id           A 
_struct_conn.ptnr2_label_comp_id           CYS 
_struct_conn.ptnr2_label_seq_id            144 
_struct_conn.ptnr2_label_atom_id           SG 
_struct_conn.pdbx_ptnr2_label_alt_id       ? 
_struct_conn.pdbx_ptnr2_PDB_ins_code       ? 
_struct_conn.ptnr1_auth_asym_id            A 
_struct_conn.ptnr1_auth_comp_id            CYS 
_struct_conn.ptnr1_auth_seq_id             493 
_struct_conn.ptnr2_auth_asym_id            A 
_struct_conn.ptnr2_auth_comp_id            CYS 
_struct_conn.ptnr2_auth_seq_id             496 
_struct_conn.ptnr2_symmetry                1_555 
_struct_conn.pdbx_ptnr3_label_atom_id      ? 
_struct_conn.pdbx_ptnr3_label_seq_id       ? 
_struct_conn.pdbx_ptnr3_label_comp_id      ? 
_struct_conn.pdbx_ptnr3_label_asym_id      ? 
_struct_conn.pdbx_ptnr3_label_alt_id       ? 
_struct_conn.pdbx_ptnr3_PDB_ins_code       ? 
_struct_conn.details                       ? 
_struct_conn.pdbx_dist_value               2.045 
_struct_conn.pdbx_value_order              ? 
_struct_conn.pdbx_role                     ? 
# 
_struct_conn_type.id          disulf 
_struct_conn_type.criteria    ? 
_struct_conn_type.reference   ? 
# 
_pdbx_modification_feature.ordinal                            1 
_pdbx_modification_feature.label_comp_id                      CYS 
_pdbx_modification_feature.label_asym_id                      A 
_pdbx_modification_feature.label_seq_id                       141 
_pdbx_modification_feature.label_alt_id                       ? 
_pdbx_modification_feature.modified_residue_label_comp_id     CYS 
_pdbx_modification_feature.modified_residue_label_asym_id     A 
_pdbx_modification_feature.modified_residue_label_seq_id      144 
_pdbx_modification_feature.modified_residue_label_alt_id      ? 
_pdbx_modification_feature.auth_comp_id                       CYS 
_pdbx_modification_feature.auth_asym_id                       A 
_pdbx_modification_feature.auth_seq_id                        493 
_pdbx_modification_feature.PDB_ins_code                       ? 
_pdbx_modification_feature.symmetry                           1_555 
_pdbx_modification_feature.modified_residue_auth_comp_id      CYS 
_pdbx_modification_feature.modified_residue_auth_asym_id      A 
_pdbx_modification_feature.modified_residue_auth_seq_id       496 
_pdbx_modification_feature.modified_residue_PDB_ins_code      ? 
_pdbx_modification_feature.modified_residue_symmetry          1_555 
_pdbx_modification_feature.comp_id_linking_atom               SG 
_pdbx_modification_feature.modified_residue_id_linking_atom   SG 
_pdbx_modification_feature.modified_residue_id                . 
_pdbx_modification_feature.ref_pcm_id                         . 
_pdbx_modification_feature.ref_comp_id                        . 
_pdbx_modification_feature.type                               None 
_pdbx_modification_feature.category                           'Disulfide bridge' 
# 
loop_
_struct_mon_prot_cis.pdbx_id 
_struct_mon_prot_cis.label_comp_id 
_struct_mon_prot_cis.label_seq_id 
_struct_mon_prot_cis.label_asym_id 
_struct_mon_prot_cis.label_alt_id 
_struct_mon_prot_cis.pdbx_PDB_ins_code 
_struct_mon_prot_cis.auth_comp_id 
_struct_mon_prot_cis.auth_seq_id 
_struct_mon_prot_cis.auth_asym_id 
_struct_mon_prot_cis.pdbx_label_comp_id_2 
_struct_mon_prot_cis.pdbx_label_seq_id_2 
_struct_mon_prot_cis.pdbx_label_asym_id_2 
_struct_mon_prot_cis.pdbx_PDB_ins_code_2 
_struct_mon_prot_cis.pdbx_auth_comp_id_2 
_struct_mon_prot_cis.pdbx_auth_seq_id_2 
_struct_mon_prot_cis.pdbx_auth_asym_id_2 
_struct_mon_prot_cis.pdbx_PDB_model_num 
_struct_mon_prot_cis.pdbx_omega_angle 
1 MET 74  A . ? MET 426 A PRO 75  A ? PRO 427 A 1 -2.56 
2 VAL 183 A . ? VAL 535 A PRO 184 A ? PRO 536 A 1 8.32  
# 
_struct_sheet.id               AA1 
_struct_sheet.type             ? 
_struct_sheet.number_strands   8 
_struct_sheet.details          ? 
# 
loop_
_struct_sheet_order.sheet_id 
_struct_sheet_order.range_id_1 
_struct_sheet_order.range_id_2 
_struct_sheet_order.offset 
_struct_sheet_order.sense 
AA1 1 2 ? parallel      
AA1 2 3 ? anti-parallel 
AA1 3 4 ? anti-parallel 
AA1 4 5 ? parallel      
AA1 5 6 ? parallel      
AA1 6 7 ? anti-parallel 
AA1 7 8 ? anti-parallel 
# 
loop_
_struct_sheet_range.sheet_id 
_struct_sheet_range.id 
_struct_sheet_range.beg_label_comp_id 
_struct_sheet_range.beg_label_asym_id 
_struct_sheet_range.beg_label_seq_id 
_struct_sheet_range.pdbx_beg_PDB_ins_code 
_struct_sheet_range.end_label_comp_id 
_struct_sheet_range.end_label_asym_id 
_struct_sheet_range.end_label_seq_id 
_struct_sheet_range.pdbx_end_PDB_ins_code 
_struct_sheet_range.beg_auth_comp_id 
_struct_sheet_range.beg_auth_asym_id 
_struct_sheet_range.beg_auth_seq_id 
_struct_sheet_range.end_auth_comp_id 
_struct_sheet_range.end_auth_asym_id 
_struct_sheet_range.end_auth_seq_id 
AA1 1 ILE A 52  ? LEU A 58  ? ILE A 404 LEU A 410 
AA1 2 VAL A 22  ? LEU A 28  ? VAL A 374 LEU A 380 
AA1 3 SER A 76  ? LEU A 80  ? SER A 428 LEU A 432 
AA1 4 TYR A 86  ? SER A 92  ? TYR A 438 SER A 444 
AA1 5 VAL A 161 ? ASP A 167 ? VAL A 513 ASP A 519 
AA1 6 ARG A 131 ? VAL A 137 ? ARG A 483 VAL A 489 
AA1 7 ALA A 185 ? ILE A 188 ? ALA A 537 ILE A 540 
AA1 8 GLN A 192 ? PHE A 195 ? GLN A 544 PHE A 547 
# 
loop_
_pdbx_struct_sheet_hbond.sheet_id 
_pdbx_struct_sheet_hbond.range_id_1 
_pdbx_struct_sheet_hbond.range_id_2 
_pdbx_struct_sheet_hbond.range_1_label_atom_id 
_pdbx_struct_sheet_hbond.range_1_label_comp_id 
_pdbx_struct_sheet_hbond.range_1_label_asym_id 
_pdbx_struct_sheet_hbond.range_1_label_seq_id 
_pdbx_struct_sheet_hbond.range_1_PDB_ins_code 
_pdbx_struct_sheet_hbond.range_1_auth_atom_id 
_pdbx_struct_sheet_hbond.range_1_auth_comp_id 
_pdbx_struct_sheet_hbond.range_1_auth_asym_id 
_pdbx_struct_sheet_hbond.range_1_auth_seq_id 
_pdbx_struct_sheet_hbond.range_2_label_atom_id 
_pdbx_struct_sheet_hbond.range_2_label_comp_id 
_pdbx_struct_sheet_hbond.range_2_label_asym_id 
_pdbx_struct_sheet_hbond.range_2_label_seq_id 
_pdbx_struct_sheet_hbond.range_2_PDB_ins_code 
_pdbx_struct_sheet_hbond.range_2_auth_atom_id 
_pdbx_struct_sheet_hbond.range_2_auth_comp_id 
_pdbx_struct_sheet_hbond.range_2_auth_asym_id 
_pdbx_struct_sheet_hbond.range_2_auth_seq_id 
AA1 1 2 O THR A 53  ? O THR A 405 N LEU A 24  ? N LEU A 376 
AA1 2 3 N LEU A 25  ? N LEU A 377 O VAL A 78  ? O VAL A 430 
AA1 3 4 N VAL A 77  ? N VAL A 429 O PHE A 91  ? O PHE A 443 
AA1 4 5 N SER A 92  ? N SER A 444 O MET A 165 ? O MET A 517 
AA1 5 6 O GLU A 162 ? O GLU A 514 N ILE A 133 ? N ILE A 485 
AA1 6 7 N GLU A 134 ? N GLU A 486 O LEU A 187 ? O LEU A 539 
AA1 7 8 N MET A 186 ? N MET A 538 O ILE A 194 ? O ILE A 546 
# 
loop_
_struct_site.id 
_struct_site.pdbx_evidence_code 
_struct_site.pdbx_auth_asym_id 
_struct_site.pdbx_auth_comp_id 
_struct_site.pdbx_auth_seq_id 
_struct_site.pdbx_auth_ins_code 
_struct_site.pdbx_num_residues 
_struct_site.details 
AC1 Software A SO4 601 ? 4 'binding site for residue SO4 A 601' 
AC2 Software A SO4 602 ? 5 'binding site for residue SO4 A 602' 
AC3 Software A SO4 603 ? 3 'binding site for residue SO4 A 603' 
# 
loop_
_struct_site_gen.id 
_struct_site_gen.site_id 
_struct_site_gen.pdbx_num_res 
_struct_site_gen.label_comp_id 
_struct_site_gen.label_asym_id 
_struct_site_gen.label_seq_id 
_struct_site_gen.pdbx_auth_ins_code 
_struct_site_gen.auth_comp_id 
_struct_site_gen.auth_asym_id 
_struct_site_gen.auth_seq_id 
_struct_site_gen.label_atom_id 
_struct_site_gen.label_alt_id 
_struct_site_gen.symmetry 
_struct_site_gen.details 
1  AC1 4 PHE A 171 ? PHE A 523 . ? 1_555  ? 
2  AC1 4 PRO A 172 ? PRO A 524 . ? 1_555  ? 
3  AC1 4 GLU A 173 ? GLU A 525 . ? 1_555  ? 
4  AC1 4 LEU A 174 ? LEU A 526 . ? 1_555  ? 
5  AC2 5 LYS A 21  ? LYS A 373 . ? 13_455 ? 
6  AC2 5 LEU A 48  ? LEU A 400 . ? 1_555  ? 
7  AC2 5 ASP A 49  ? ASP A 401 . ? 1_555  ? 
8  AC2 5 GLN A 50  ? GLN A 402 . ? 1_555  ? 
9  AC2 5 HOH E .   ? HOH A 720 . ? 1_555  ? 
10 AC3 3 LYS A 17  ? LYS A 369 . ? 1_555  ? 
11 AC3 3 TYR A 108 ? TYR A 460 . ? 1_555  ? 
12 AC3 3 GLN A 115 ? GLN A 467 . ? 1_555  ? 
# 
_pdbx_entry_details.entry_id                   6IL7 
_pdbx_entry_details.compound_details           ? 
_pdbx_entry_details.source_details             ? 
_pdbx_entry_details.nonpolymer_details         ? 
_pdbx_entry_details.sequence_details           ? 
_pdbx_entry_details.has_ligand_of_interest     ? 
_pdbx_entry_details.has_protein_modification   Y 
# 
loop_
_pdbx_validate_torsion.id 
_pdbx_validate_torsion.PDB_model_num 
_pdbx_validate_torsion.auth_comp_id 
_pdbx_validate_torsion.auth_asym_id 
_pdbx_validate_torsion.auth_seq_id 
_pdbx_validate_torsion.PDB_ins_code 
_pdbx_validate_torsion.label_alt_id 
_pdbx_validate_torsion.phi 
_pdbx_validate_torsion.psi 
1 1 ASP A 541 ? ? 57.23 -123.63 
2 1 GLU A 543 ? ? 54.82 -100.39 
# 
loop_
_chem_comp_atom.comp_id 
_chem_comp_atom.atom_id 
_chem_comp_atom.type_symbol 
_chem_comp_atom.pdbx_aromatic_flag 
_chem_comp_atom.pdbx_stereo_config 
_chem_comp_atom.pdbx_ordinal 
ALA N    N N N 1   
ALA CA   C N S 2   
ALA C    C N N 3   
ALA O    O N N 4   
ALA CB   C N N 5   
ALA OXT  O N N 6   
ALA H    H N N 7   
ALA H2   H N N 8   
ALA HA   H N N 9   
ALA HB1  H N N 10  
ALA HB2  H N N 11  
ALA HB3  H N N 12  
ALA HXT  H N N 13  
ARG N    N N N 14  
ARG CA   C N S 15  
ARG C    C N N 16  
ARG O    O N N 17  
ARG CB   C N N 18  
ARG CG   C N N 19  
ARG CD   C N N 20  
ARG NE   N N N 21  
ARG CZ   C N N 22  
ARG NH1  N N N 23  
ARG NH2  N N N 24  
ARG OXT  O N N 25  
ARG H    H N N 26  
ARG H2   H N N 27  
ARG HA   H N N 28  
ARG HB2  H N N 29  
ARG HB3  H N N 30  
ARG HG2  H N N 31  
ARG HG3  H N N 32  
ARG HD2  H N N 33  
ARG HD3  H N N 34  
ARG HE   H N N 35  
ARG HH11 H N N 36  
ARG HH12 H N N 37  
ARG HH21 H N N 38  
ARG HH22 H N N 39  
ARG HXT  H N N 40  
ASN N    N N N 41  
ASN CA   C N S 42  
ASN C    C N N 43  
ASN O    O N N 44  
ASN CB   C N N 45  
ASN CG   C N N 46  
ASN OD1  O N N 47  
ASN ND2  N N N 48  
ASN OXT  O N N 49  
ASN H    H N N 50  
ASN H2   H N N 51  
ASN HA   H N N 52  
ASN HB2  H N N 53  
ASN HB3  H N N 54  
ASN HD21 H N N 55  
ASN HD22 H N N 56  
ASN HXT  H N N 57  
ASP N    N N N 58  
ASP CA   C N S 59  
ASP C    C N N 60  
ASP O    O N N 61  
ASP CB   C N N 62  
ASP CG   C N N 63  
ASP OD1  O N N 64  
ASP OD2  O N N 65  
ASP OXT  O N N 66  
ASP H    H N N 67  
ASP H2   H N N 68  
ASP HA   H N N 69  
ASP HB2  H N N 70  
ASP HB3  H N N 71  
ASP HD2  H N N 72  
ASP HXT  H N N 73  
CYS N    N N N 74  
CYS CA   C N R 75  
CYS C    C N N 76  
CYS O    O N N 77  
CYS CB   C N N 78  
CYS SG   S N N 79  
CYS OXT  O N N 80  
CYS H    H N N 81  
CYS H2   H N N 82  
CYS HA   H N N 83  
CYS HB2  H N N 84  
CYS HB3  H N N 85  
CYS HG   H N N 86  
CYS HXT  H N N 87  
GLN N    N N N 88  
GLN CA   C N S 89  
GLN C    C N N 90  
GLN O    O N N 91  
GLN CB   C N N 92  
GLN CG   C N N 93  
GLN CD   C N N 94  
GLN OE1  O N N 95  
GLN NE2  N N N 96  
GLN OXT  O N N 97  
GLN H    H N N 98  
GLN H2   H N N 99  
GLN HA   H N N 100 
GLN HB2  H N N 101 
GLN HB3  H N N 102 
GLN HG2  H N N 103 
GLN HG3  H N N 104 
GLN HE21 H N N 105 
GLN HE22 H N N 106 
GLN HXT  H N N 107 
GLU N    N N N 108 
GLU CA   C N S 109 
GLU C    C N N 110 
GLU O    O N N 111 
GLU CB   C N N 112 
GLU CG   C N N 113 
GLU CD   C N N 114 
GLU OE1  O N N 115 
GLU OE2  O N N 116 
GLU OXT  O N N 117 
GLU H    H N N 118 
GLU H2   H N N 119 
GLU HA   H N N 120 
GLU HB2  H N N 121 
GLU HB3  H N N 122 
GLU HG2  H N N 123 
GLU HG3  H N N 124 
GLU HE2  H N N 125 
GLU HXT  H N N 126 
GLY N    N N N 127 
GLY CA   C N N 128 
GLY C    C N N 129 
GLY O    O N N 130 
GLY OXT  O N N 131 
GLY H    H N N 132 
GLY H2   H N N 133 
GLY HA2  H N N 134 
GLY HA3  H N N 135 
GLY HXT  H N N 136 
HIS N    N N N 137 
HIS CA   C N S 138 
HIS C    C N N 139 
HIS O    O N N 140 
HIS CB   C N N 141 
HIS CG   C Y N 142 
HIS ND1  N Y N 143 
HIS CD2  C Y N 144 
HIS CE1  C Y N 145 
HIS NE2  N Y N 146 
HIS OXT  O N N 147 
HIS H    H N N 148 
HIS H2   H N N 149 
HIS HA   H N N 150 
HIS HB2  H N N 151 
HIS HB3  H N N 152 
HIS HD1  H N N 153 
HIS HD2  H N N 154 
HIS HE1  H N N 155 
HIS HE2  H N N 156 
HIS HXT  H N N 157 
HOH O    O N N 158 
HOH H1   H N N 159 
HOH H2   H N N 160 
ILE N    N N N 161 
ILE CA   C N S 162 
ILE C    C N N 163 
ILE O    O N N 164 
ILE CB   C N S 165 
ILE CG1  C N N 166 
ILE CG2  C N N 167 
ILE CD1  C N N 168 
ILE OXT  O N N 169 
ILE H    H N N 170 
ILE H2   H N N 171 
ILE HA   H N N 172 
ILE HB   H N N 173 
ILE HG12 H N N 174 
ILE HG13 H N N 175 
ILE HG21 H N N 176 
ILE HG22 H N N 177 
ILE HG23 H N N 178 
ILE HD11 H N N 179 
ILE HD12 H N N 180 
ILE HD13 H N N 181 
ILE HXT  H N N 182 
LEU N    N N N 183 
LEU CA   C N S 184 
LEU C    C N N 185 
LEU O    O N N 186 
LEU CB   C N N 187 
LEU CG   C N N 188 
LEU CD1  C N N 189 
LEU CD2  C N N 190 
LEU OXT  O N N 191 
LEU H    H N N 192 
LEU H2   H N N 193 
LEU HA   H N N 194 
LEU HB2  H N N 195 
LEU HB3  H N N 196 
LEU HG   H N N 197 
LEU HD11 H N N 198 
LEU HD12 H N N 199 
LEU HD13 H N N 200 
LEU HD21 H N N 201 
LEU HD22 H N N 202 
LEU HD23 H N N 203 
LEU HXT  H N N 204 
LYS N    N N N 205 
LYS CA   C N S 206 
LYS C    C N N 207 
LYS O    O N N 208 
LYS CB   C N N 209 
LYS CG   C N N 210 
LYS CD   C N N 211 
LYS CE   C N N 212 
LYS NZ   N N N 213 
LYS OXT  O N N 214 
LYS H    H N N 215 
LYS H2   H N N 216 
LYS HA   H N N 217 
LYS HB2  H N N 218 
LYS HB3  H N N 219 
LYS HG2  H N N 220 
LYS HG3  H N N 221 
LYS HD2  H N N 222 
LYS HD3  H N N 223 
LYS HE2  H N N 224 
LYS HE3  H N N 225 
LYS HZ1  H N N 226 
LYS HZ2  H N N 227 
LYS HZ3  H N N 228 
LYS HXT  H N N 229 
MET N    N N N 230 
MET CA   C N S 231 
MET C    C N N 232 
MET O    O N N 233 
MET CB   C N N 234 
MET CG   C N N 235 
MET SD   S N N 236 
MET CE   C N N 237 
MET OXT  O N N 238 
MET H    H N N 239 
MET H2   H N N 240 
MET HA   H N N 241 
MET HB2  H N N 242 
MET HB3  H N N 243 
MET HG2  H N N 244 
MET HG3  H N N 245 
MET HE1  H N N 246 
MET HE2  H N N 247 
MET HE3  H N N 248 
MET HXT  H N N 249 
PHE N    N N N 250 
PHE CA   C N S 251 
PHE C    C N N 252 
PHE O    O N N 253 
PHE CB   C N N 254 
PHE CG   C Y N 255 
PHE CD1  C Y N 256 
PHE CD2  C Y N 257 
PHE CE1  C Y N 258 
PHE CE2  C Y N 259 
PHE CZ   C Y N 260 
PHE OXT  O N N 261 
PHE H    H N N 262 
PHE H2   H N N 263 
PHE HA   H N N 264 
PHE HB2  H N N 265 
PHE HB3  H N N 266 
PHE HD1  H N N 267 
PHE HD2  H N N 268 
PHE HE1  H N N 269 
PHE HE2  H N N 270 
PHE HZ   H N N 271 
PHE HXT  H N N 272 
PRO N    N N N 273 
PRO CA   C N S 274 
PRO C    C N N 275 
PRO O    O N N 276 
PRO CB   C N N 277 
PRO CG   C N N 278 
PRO CD   C N N 279 
PRO OXT  O N N 280 
PRO H    H N N 281 
PRO HA   H N N 282 
PRO HB2  H N N 283 
PRO HB3  H N N 284 
PRO HG2  H N N 285 
PRO HG3  H N N 286 
PRO HD2  H N N 287 
PRO HD3  H N N 288 
PRO HXT  H N N 289 
SER N    N N N 290 
SER CA   C N S 291 
SER C    C N N 292 
SER O    O N N 293 
SER CB   C N N 294 
SER OG   O N N 295 
SER OXT  O N N 296 
SER H    H N N 297 
SER H2   H N N 298 
SER HA   H N N 299 
SER HB2  H N N 300 
SER HB3  H N N 301 
SER HG   H N N 302 
SER HXT  H N N 303 
SO4 S    S N N 304 
SO4 O1   O N N 305 
SO4 O2   O N N 306 
SO4 O3   O N N 307 
SO4 O4   O N N 308 
THR N    N N N 309 
THR CA   C N S 310 
THR C    C N N 311 
THR O    O N N 312 
THR CB   C N R 313 
THR OG1  O N N 314 
THR CG2  C N N 315 
THR OXT  O N N 316 
THR H    H N N 317 
THR H2   H N N 318 
THR HA   H N N 319 
THR HB   H N N 320 
THR HG1  H N N 321 
THR HG21 H N N 322 
THR HG22 H N N 323 
THR HG23 H N N 324 
THR HXT  H N N 325 
TRP N    N N N 326 
TRP CA   C N S 327 
TRP C    C N N 328 
TRP O    O N N 329 
TRP CB   C N N 330 
TRP CG   C Y N 331 
TRP CD1  C Y N 332 
TRP CD2  C Y N 333 
TRP NE1  N Y N 334 
TRP CE2  C Y N 335 
TRP CE3  C Y N 336 
TRP CZ2  C Y N 337 
TRP CZ3  C Y N 338 
TRP CH2  C Y N 339 
TRP OXT  O N N 340 
TRP H    H N N 341 
TRP H2   H N N 342 
TRP HA   H N N 343 
TRP HB2  H N N 344 
TRP HB3  H N N 345 
TRP HD1  H N N 346 
TRP HE1  H N N 347 
TRP HE3  H N N 348 
TRP HZ2  H N N 349 
TRP HZ3  H N N 350 
TRP HH2  H N N 351 
TRP HXT  H N N 352 
TYR N    N N N 353 
TYR CA   C N S 354 
TYR C    C N N 355 
TYR O    O N N 356 
TYR CB   C N N 357 
TYR CG   C Y N 358 
TYR CD1  C Y N 359 
TYR CD2  C Y N 360 
TYR CE1  C Y N 361 
TYR CE2  C Y N 362 
TYR CZ   C Y N 363 
TYR OH   O N N 364 
TYR OXT  O N N 365 
TYR H    H N N 366 
TYR H2   H N N 367 
TYR HA   H N N 368 
TYR HB2  H N N 369 
TYR HB3  H N N 370 
TYR HD1  H N N 371 
TYR HD2  H N N 372 
TYR HE1  H N N 373 
TYR HE2  H N N 374 
TYR HH   H N N 375 
TYR HXT  H N N 376 
VAL N    N N N 377 
VAL CA   C N S 378 
VAL C    C N N 379 
VAL O    O N N 380 
VAL CB   C N N 381 
VAL CG1  C N N 382 
VAL CG2  C N N 383 
VAL OXT  O N N 384 
VAL H    H N N 385 
VAL H2   H N N 386 
VAL HA   H N N 387 
VAL HB   H N N 388 
VAL HG11 H N N 389 
VAL HG12 H N N 390 
VAL HG13 H N N 391 
VAL HG21 H N N 392 
VAL HG22 H N N 393 
VAL HG23 H N N 394 
VAL HXT  H N N 395 
# 
loop_
_chem_comp_bond.comp_id 
_chem_comp_bond.atom_id_1 
_chem_comp_bond.atom_id_2 
_chem_comp_bond.value_order 
_chem_comp_bond.pdbx_aromatic_flag 
_chem_comp_bond.pdbx_stereo_config 
_chem_comp_bond.pdbx_ordinal 
ALA N   CA   sing N N 1   
ALA N   H    sing N N 2   
ALA N   H2   sing N N 3   
ALA CA  C    sing N N 4   
ALA CA  CB   sing N N 5   
ALA CA  HA   sing N N 6   
ALA C   O    doub N N 7   
ALA C   OXT  sing N N 8   
ALA CB  HB1  sing N N 9   
ALA CB  HB2  sing N N 10  
ALA CB  HB3  sing N N 11  
ALA OXT HXT  sing N N 12  
ARG N   CA   sing N N 13  
ARG N   H    sing N N 14  
ARG N   H2   sing N N 15  
ARG CA  C    sing N N 16  
ARG CA  CB   sing N N 17  
ARG CA  HA   sing N N 18  
ARG C   O    doub N N 19  
ARG C   OXT  sing N N 20  
ARG CB  CG   sing N N 21  
ARG CB  HB2  sing N N 22  
ARG CB  HB3  sing N N 23  
ARG CG  CD   sing N N 24  
ARG CG  HG2  sing N N 25  
ARG CG  HG3  sing N N 26  
ARG CD  NE   sing N N 27  
ARG CD  HD2  sing N N 28  
ARG CD  HD3  sing N N 29  
ARG NE  CZ   sing N N 30  
ARG NE  HE   sing N N 31  
ARG CZ  NH1  sing N N 32  
ARG CZ  NH2  doub N N 33  
ARG NH1 HH11 sing N N 34  
ARG NH1 HH12 sing N N 35  
ARG NH2 HH21 sing N N 36  
ARG NH2 HH22 sing N N 37  
ARG OXT HXT  sing N N 38  
ASN N   CA   sing N N 39  
ASN N   H    sing N N 40  
ASN N   H2   sing N N 41  
ASN CA  C    sing N N 42  
ASN CA  CB   sing N N 43  
ASN CA  HA   sing N N 44  
ASN C   O    doub N N 45  
ASN C   OXT  sing N N 46  
ASN CB  CG   sing N N 47  
ASN CB  HB2  sing N N 48  
ASN CB  HB3  sing N N 49  
ASN CG  OD1  doub N N 50  
ASN CG  ND2  sing N N 51  
ASN ND2 HD21 sing N N 52  
ASN ND2 HD22 sing N N 53  
ASN OXT HXT  sing N N 54  
ASP N   CA   sing N N 55  
ASP N   H    sing N N 56  
ASP N   H2   sing N N 57  
ASP CA  C    sing N N 58  
ASP CA  CB   sing N N 59  
ASP CA  HA   sing N N 60  
ASP C   O    doub N N 61  
ASP C   OXT  sing N N 62  
ASP CB  CG   sing N N 63  
ASP CB  HB2  sing N N 64  
ASP CB  HB3  sing N N 65  
ASP CG  OD1  doub N N 66  
ASP CG  OD2  sing N N 67  
ASP OD2 HD2  sing N N 68  
ASP OXT HXT  sing N N 69  
CYS N   CA   sing N N 70  
CYS N   H    sing N N 71  
CYS N   H2   sing N N 72  
CYS CA  C    sing N N 73  
CYS CA  CB   sing N N 74  
CYS CA  HA   sing N N 75  
CYS C   O    doub N N 76  
CYS C   OXT  sing N N 77  
CYS CB  SG   sing N N 78  
CYS CB  HB2  sing N N 79  
CYS CB  HB3  sing N N 80  
CYS SG  HG   sing N N 81  
CYS OXT HXT  sing N N 82  
GLN N   CA   sing N N 83  
GLN N   H    sing N N 84  
GLN N   H2   sing N N 85  
GLN CA  C    sing N N 86  
GLN CA  CB   sing N N 87  
GLN CA  HA   sing N N 88  
GLN C   O    doub N N 89  
GLN C   OXT  sing N N 90  
GLN CB  CG   sing N N 91  
GLN CB  HB2  sing N N 92  
GLN CB  HB3  sing N N 93  
GLN CG  CD   sing N N 94  
GLN CG  HG2  sing N N 95  
GLN CG  HG3  sing N N 96  
GLN CD  OE1  doub N N 97  
GLN CD  NE2  sing N N 98  
GLN NE2 HE21 sing N N 99  
GLN NE2 HE22 sing N N 100 
GLN OXT HXT  sing N N 101 
GLU N   CA   sing N N 102 
GLU N   H    sing N N 103 
GLU N   H2   sing N N 104 
GLU CA  C    sing N N 105 
GLU CA  CB   sing N N 106 
GLU CA  HA   sing N N 107 
GLU C   O    doub N N 108 
GLU C   OXT  sing N N 109 
GLU CB  CG   sing N N 110 
GLU CB  HB2  sing N N 111 
GLU CB  HB3  sing N N 112 
GLU CG  CD   sing N N 113 
GLU CG  HG2  sing N N 114 
GLU CG  HG3  sing N N 115 
GLU CD  OE1  doub N N 116 
GLU CD  OE2  sing N N 117 
GLU OE2 HE2  sing N N 118 
GLU OXT HXT  sing N N 119 
GLY N   CA   sing N N 120 
GLY N   H    sing N N 121 
GLY N   H2   sing N N 122 
GLY CA  C    sing N N 123 
GLY CA  HA2  sing N N 124 
GLY CA  HA3  sing N N 125 
GLY C   O    doub N N 126 
GLY C   OXT  sing N N 127 
GLY OXT HXT  sing N N 128 
HIS N   CA   sing N N 129 
HIS N   H    sing N N 130 
HIS N   H2   sing N N 131 
HIS CA  C    sing N N 132 
HIS CA  CB   sing N N 133 
HIS CA  HA   sing N N 134 
HIS C   O    doub N N 135 
HIS C   OXT  sing N N 136 
HIS CB  CG   sing N N 137 
HIS CB  HB2  sing N N 138 
HIS CB  HB3  sing N N 139 
HIS CG  ND1  sing Y N 140 
HIS CG  CD2  doub Y N 141 
HIS ND1 CE1  doub Y N 142 
HIS ND1 HD1  sing N N 143 
HIS CD2 NE2  sing Y N 144 
HIS CD2 HD2  sing N N 145 
HIS CE1 NE2  sing Y N 146 
HIS CE1 HE1  sing N N 147 
HIS NE2 HE2  sing N N 148 
HIS OXT HXT  sing N N 149 
HOH O   H1   sing N N 150 
HOH O   H2   sing N N 151 
ILE N   CA   sing N N 152 
ILE N   H    sing N N 153 
ILE N   H2   sing N N 154 
ILE CA  C    sing N N 155 
ILE CA  CB   sing N N 156 
ILE CA  HA   sing N N 157 
ILE C   O    doub N N 158 
ILE C   OXT  sing N N 159 
ILE CB  CG1  sing N N 160 
ILE CB  CG2  sing N N 161 
ILE CB  HB   sing N N 162 
ILE CG1 CD1  sing N N 163 
ILE CG1 HG12 sing N N 164 
ILE CG1 HG13 sing N N 165 
ILE CG2 HG21 sing N N 166 
ILE CG2 HG22 sing N N 167 
ILE CG2 HG23 sing N N 168 
ILE CD1 HD11 sing N N 169 
ILE CD1 HD12 sing N N 170 
ILE CD1 HD13 sing N N 171 
ILE OXT HXT  sing N N 172 
LEU N   CA   sing N N 173 
LEU N   H    sing N N 174 
LEU N   H2   sing N N 175 
LEU CA  C    sing N N 176 
LEU CA  CB   sing N N 177 
LEU CA  HA   sing N N 178 
LEU C   O    doub N N 179 
LEU C   OXT  sing N N 180 
LEU CB  CG   sing N N 181 
LEU CB  HB2  sing N N 182 
LEU CB  HB3  sing N N 183 
LEU CG  CD1  sing N N 184 
LEU CG  CD2  sing N N 185 
LEU CG  HG   sing N N 186 
LEU CD1 HD11 sing N N 187 
LEU CD1 HD12 sing N N 188 
LEU CD1 HD13 sing N N 189 
LEU CD2 HD21 sing N N 190 
LEU CD2 HD22 sing N N 191 
LEU CD2 HD23 sing N N 192 
LEU OXT HXT  sing N N 193 
LYS N   CA   sing N N 194 
LYS N   H    sing N N 195 
LYS N   H2   sing N N 196 
LYS CA  C    sing N N 197 
LYS CA  CB   sing N N 198 
LYS CA  HA   sing N N 199 
LYS C   O    doub N N 200 
LYS C   OXT  sing N N 201 
LYS CB  CG   sing N N 202 
LYS CB  HB2  sing N N 203 
LYS CB  HB3  sing N N 204 
LYS CG  CD   sing N N 205 
LYS CG  HG2  sing N N 206 
LYS CG  HG3  sing N N 207 
LYS CD  CE   sing N N 208 
LYS CD  HD2  sing N N 209 
LYS CD  HD3  sing N N 210 
LYS CE  NZ   sing N N 211 
LYS CE  HE2  sing N N 212 
LYS CE  HE3  sing N N 213 
LYS NZ  HZ1  sing N N 214 
LYS NZ  HZ2  sing N N 215 
LYS NZ  HZ3  sing N N 216 
LYS OXT HXT  sing N N 217 
MET N   CA   sing N N 218 
MET N   H    sing N N 219 
MET N   H2   sing N N 220 
MET CA  C    sing N N 221 
MET CA  CB   sing N N 222 
MET CA  HA   sing N N 223 
MET C   O    doub N N 224 
MET C   OXT  sing N N 225 
MET CB  CG   sing N N 226 
MET CB  HB2  sing N N 227 
MET CB  HB3  sing N N 228 
MET CG  SD   sing N N 229 
MET CG  HG2  sing N N 230 
MET CG  HG3  sing N N 231 
MET SD  CE   sing N N 232 
MET CE  HE1  sing N N 233 
MET CE  HE2  sing N N 234 
MET CE  HE3  sing N N 235 
MET OXT HXT  sing N N 236 
PHE N   CA   sing N N 237 
PHE N   H    sing N N 238 
PHE N   H2   sing N N 239 
PHE CA  C    sing N N 240 
PHE CA  CB   sing N N 241 
PHE CA  HA   sing N N 242 
PHE C   O    doub N N 243 
PHE C   OXT  sing N N 244 
PHE CB  CG   sing N N 245 
PHE CB  HB2  sing N N 246 
PHE CB  HB3  sing N N 247 
PHE CG  CD1  doub Y N 248 
PHE CG  CD2  sing Y N 249 
PHE CD1 CE1  sing Y N 250 
PHE CD1 HD1  sing N N 251 
PHE CD2 CE2  doub Y N 252 
PHE CD2 HD2  sing N N 253 
PHE CE1 CZ   doub Y N 254 
PHE CE1 HE1  sing N N 255 
PHE CE2 CZ   sing Y N 256 
PHE CE2 HE2  sing N N 257 
PHE CZ  HZ   sing N N 258 
PHE OXT HXT  sing N N 259 
PRO N   CA   sing N N 260 
PRO N   CD   sing N N 261 
PRO N   H    sing N N 262 
PRO CA  C    sing N N 263 
PRO CA  CB   sing N N 264 
PRO CA  HA   sing N N 265 
PRO C   O    doub N N 266 
PRO C   OXT  sing N N 267 
PRO CB  CG   sing N N 268 
PRO CB  HB2  sing N N 269 
PRO CB  HB3  sing N N 270 
PRO CG  CD   sing N N 271 
PRO CG  HG2  sing N N 272 
PRO CG  HG3  sing N N 273 
PRO CD  HD2  sing N N 274 
PRO CD  HD3  sing N N 275 
PRO OXT HXT  sing N N 276 
SER N   CA   sing N N 277 
SER N   H    sing N N 278 
SER N   H2   sing N N 279 
SER CA  C    sing N N 280 
SER CA  CB   sing N N 281 
SER CA  HA   sing N N 282 
SER C   O    doub N N 283 
SER C   OXT  sing N N 284 
SER CB  OG   sing N N 285 
SER CB  HB2  sing N N 286 
SER CB  HB3  sing N N 287 
SER OG  HG   sing N N 288 
SER OXT HXT  sing N N 289 
SO4 S   O1   doub N N 290 
SO4 S   O2   doub N N 291 
SO4 S   O3   sing N N 292 
SO4 S   O4   sing N N 293 
THR N   CA   sing N N 294 
THR N   H    sing N N 295 
THR N   H2   sing N N 296 
THR CA  C    sing N N 297 
THR CA  CB   sing N N 298 
THR CA  HA   sing N N 299 
THR C   O    doub N N 300 
THR C   OXT  sing N N 301 
THR CB  OG1  sing N N 302 
THR CB  CG2  sing N N 303 
THR CB  HB   sing N N 304 
THR OG1 HG1  sing N N 305 
THR CG2 HG21 sing N N 306 
THR CG2 HG22 sing N N 307 
THR CG2 HG23 sing N N 308 
THR OXT HXT  sing N N 309 
TRP N   CA   sing N N 310 
TRP N   H    sing N N 311 
TRP N   H2   sing N N 312 
TRP CA  C    sing N N 313 
TRP CA  CB   sing N N 314 
TRP CA  HA   sing N N 315 
TRP C   O    doub N N 316 
TRP C   OXT  sing N N 317 
TRP CB  CG   sing N N 318 
TRP CB  HB2  sing N N 319 
TRP CB  HB3  sing N N 320 
TRP CG  CD1  doub Y N 321 
TRP CG  CD2  sing Y N 322 
TRP CD1 NE1  sing Y N 323 
TRP CD1 HD1  sing N N 324 
TRP CD2 CE2  doub Y N 325 
TRP CD2 CE3  sing Y N 326 
TRP NE1 CE2  sing Y N 327 
TRP NE1 HE1  sing N N 328 
TRP CE2 CZ2  sing Y N 329 
TRP CE3 CZ3  doub Y N 330 
TRP CE3 HE3  sing N N 331 
TRP CZ2 CH2  doub Y N 332 
TRP CZ2 HZ2  sing N N 333 
TRP CZ3 CH2  sing Y N 334 
TRP CZ3 HZ3  sing N N 335 
TRP CH2 HH2  sing N N 336 
TRP OXT HXT  sing N N 337 
TYR N   CA   sing N N 338 
TYR N   H    sing N N 339 
TYR N   H2   sing N N 340 
TYR CA  C    sing N N 341 
TYR CA  CB   sing N N 342 
TYR CA  HA   sing N N 343 
TYR C   O    doub N N 344 
TYR C   OXT  sing N N 345 
TYR CB  CG   sing N N 346 
TYR CB  HB2  sing N N 347 
TYR CB  HB3  sing N N 348 
TYR CG  CD1  doub Y N 349 
TYR CG  CD2  sing Y N 350 
TYR CD1 CE1  sing Y N 351 
TYR CD1 HD1  sing N N 352 
TYR CD2 CE2  doub Y N 353 
TYR CD2 HD2  sing N N 354 
TYR CE1 CZ   doub Y N 355 
TYR CE1 HE1  sing N N 356 
TYR CE2 CZ   sing Y N 357 
TYR CE2 HE2  sing N N 358 
TYR CZ  OH   sing N N 359 
TYR OH  HH   sing N N 360 
TYR OXT HXT  sing N N 361 
VAL N   CA   sing N N 362 
VAL N   H    sing N N 363 
VAL N   H2   sing N N 364 
VAL CA  C    sing N N 365 
VAL CA  CB   sing N N 366 
VAL CA  HA   sing N N 367 
VAL C   O    doub N N 368 
VAL C   OXT  sing N N 369 
VAL CB  CG1  sing N N 370 
VAL CB  CG2  sing N N 371 
VAL CB  HB   sing N N 372 
VAL CG1 HG11 sing N N 373 
VAL CG1 HG12 sing N N 374 
VAL CG1 HG13 sing N N 375 
VAL CG2 HG21 sing N N 376 
VAL CG2 HG22 sing N N 377 
VAL CG2 HG23 sing N N 378 
VAL OXT HXT  sing N N 379 
# 
_pdbx_audit_support.funding_organization   'Ministry of Education (Singapore)' 
_pdbx_audit_support.country                Singapore 
_pdbx_audit_support.grant_number           RG140/16 
_pdbx_audit_support.ordinal                1 
# 
_pdbx_initial_refinement_model.id               1 
_pdbx_initial_refinement_model.entity_id_list   ? 
_pdbx_initial_refinement_model.type             'experimental model' 
_pdbx_initial_refinement_model.source_name      PDB 
_pdbx_initial_refinement_model.accession_code   5H29 
_pdbx_initial_refinement_model.details          ? 
# 
_atom_sites.entry_id                    6IL7 
_atom_sites.fract_transf_matrix[1][1]   0.00199000 
_atom_sites.fract_transf_matrix[1][2]   0.00663234 
_atom_sites.fract_transf_matrix[1][3]   0.00276746 
_atom_sites.fract_transf_matrix[2][1]   -0.00263107 
_atom_sites.fract_transf_matrix[2][2]   -0.00199987 
_atom_sites.fract_transf_matrix[2][3]   0.00668467 
_atom_sites.fract_transf_matrix[3][1]   0.00668762 
_atom_sites.fract_transf_matrix[3][2]   -0.00276034 
_atom_sites.fract_transf_matrix[3][3]   0.00180641 
_atom_sites.fract_transf_vector[1]      -0.004938 
_atom_sites.fract_transf_vector[2]      0.207236 
_atom_sites.fract_transf_vector[3]      -0.009894 
# 
loop_
_atom_type.symbol 
C 
N 
O 
S 
# 
loop_
_atom_site.group_PDB 
_atom_site.id 
_atom_site.type_symbol 
_atom_site.label_atom_id 
_atom_site.label_alt_id 
_atom_site.label_comp_id 
_atom_site.label_asym_id 
_atom_site.label_entity_id 
_atom_site.label_seq_id 
_atom_site.pdbx_PDB_ins_code 
_atom_site.Cartn_x 
_atom_site.Cartn_y 
_atom_site.Cartn_z 
_atom_site.occupancy 
_atom_site.B_iso_or_equiv 
_atom_site.pdbx_formal_charge 
_atom_site.auth_seq_id 
_atom_site.auth_comp_id 
_atom_site.auth_asym_id 
_atom_site.auth_atom_id 
_atom_site.pdbx_PDB_model_num 
ATOM   1    N N   . GLN A 1 1   ? 21.391  4.413   -0.987  1.00 82.61  ? 353 GLN A N   1 
ATOM   2    C CA  . GLN A 1 1   ? 21.075  4.914   -2.360  1.00 82.61  ? 353 GLN A CA  1 
ATOM   3    C C   . GLN A 1 1   ? 19.636  5.435   -2.474  1.00 80.66  ? 353 GLN A C   1 
ATOM   4    O O   . GLN A 1 1   ? 19.408  6.512   -3.031  1.00 82.51  ? 353 GLN A O   1 
ATOM   5    C CB  . GLN A 1 1   ? 21.332  3.816   -3.404  1.00 84.69  ? 353 GLN A CB  1 
ATOM   6    C CG  . GLN A 1 1   ? 21.298  4.305   -4.849  1.00 86.17  ? 353 GLN A CG  1 
ATOM   7    C CD  . GLN A 1 1   ? 21.922  3.326   -5.832  1.00 86.89  ? 353 GLN A CD  1 
ATOM   8    O OE1 . GLN A 1 1   ? 21.262  2.861   -6.764  1.00 87.24  ? 353 GLN A OE1 1 
ATOM   9    N NE2 . GLN A 1 1   ? 23.199  3.014   -5.632  1.00 85.92  ? 353 GLN A NE2 1 
ATOM   10   N N   . TRP A 1 2   ? 18.681  4.672   -1.945  1.00 75.85  ? 354 TRP A N   1 
ATOM   11   C CA  . TRP A 1 2   ? 17.253  5.015   -2.034  1.00 72.28  ? 354 TRP A CA  1 
ATOM   12   C C   . TRP A 1 2   ? 16.822  6.180   -1.141  1.00 75.09  ? 354 TRP A C   1 
ATOM   13   O O   . TRP A 1 2   ? 15.953  6.957   -1.533  1.00 77.43  ? 354 TRP A O   1 
ATOM   14   C CB  . TRP A 1 2   ? 16.384  3.792   -1.717  1.00 66.96  ? 354 TRP A CB  1 
ATOM   15   C CG  . TRP A 1 2   ? 16.544  2.674   -2.696  1.00 62.31  ? 354 TRP A CG  1 
ATOM   16   C CD1 . TRP A 1 2   ? 17.360  1.588   -2.571  1.00 60.24  ? 354 TRP A CD1 1 
ATOM   17   C CD2 . TRP A 1 2   ? 15.875  2.534   -3.952  1.00 59.15  ? 354 TRP A CD2 1 
ATOM   18   N NE1 . TRP A 1 2   ? 17.238  0.776   -3.672  1.00 58.91  ? 354 TRP A NE1 1 
ATOM   19   C CE2 . TRP A 1 2   ? 16.333  1.332   -4.536  1.00 58.21  ? 354 TRP A CE2 1 
ATOM   20   C CE3 . TRP A 1 2   ? 14.930  3.305   -4.641  1.00 58.12  ? 354 TRP A CE3 1 
ATOM   21   C CZ2 . TRP A 1 2   ? 15.879  0.882   -5.779  1.00 57.26  ? 354 TRP A CZ2 1 
ATOM   22   C CZ3 . TRP A 1 2   ? 14.476  2.857   -5.878  1.00 58.00  ? 354 TRP A CZ3 1 
ATOM   23   C CH2 . TRP A 1 2   ? 14.952  1.656   -6.434  1.00 57.77  ? 354 TRP A CH2 1 
ATOM   24   N N   . PHE A 1 3   ? 17.413  6.287   0.050   1.00 78.45  ? 355 PHE A N   1 
ATOM   25   C CA  . PHE A 1 3   ? 17.010  7.292   1.044   1.00 81.87  ? 355 PHE A CA  1 
ATOM   26   C C   . PHE A 1 3   ? 18.201  8.150   1.478   1.00 87.15  ? 355 PHE A C   1 
ATOM   27   O O   . PHE A 1 3   ? 19.193  7.608   1.971   1.00 89.06  ? 355 PHE A O   1 
ATOM   28   C CB  . PHE A 1 3   ? 16.409  6.605   2.274   1.00 80.14  ? 355 PHE A CB  1 
ATOM   29   C CG  . PHE A 1 3   ? 15.264  5.687   1.956   1.00 77.94  ? 355 PHE A CG  1 
ATOM   30   C CD1 . PHE A 1 3   ? 15.486  4.336   1.708   1.00 76.92  ? 355 PHE A CD1 1 
ATOM   31   C CD2 . PHE A 1 3   ? 13.962  6.169   1.894   1.00 77.85  ? 355 PHE A CD2 1 
ATOM   32   C CE1 . PHE A 1 3   ? 14.435  3.485   1.407   1.00 75.94  ? 355 PHE A CE1 1 
ATOM   33   C CE2 . PHE A 1 3   ? 12.905  5.321   1.595   1.00 77.00  ? 355 PHE A CE2 1 
ATOM   34   C CZ  . PHE A 1 3   ? 13.143  3.978   1.349   1.00 76.18  ? 355 PHE A CZ  1 
ATOM   35   N N   . PRO A 1 4   ? 18.113  9.488   1.301   1.00 93.55  ? 356 PRO A N   1 
ATOM   36   C CA  . PRO A 1 4   ? 19.160  10.362  1.830   1.00 95.73  ? 356 PRO A CA  1 
ATOM   37   C C   . PRO A 1 4   ? 18.969  10.600  3.327   1.00 99.11  ? 356 PRO A C   1 
ATOM   38   O O   . PRO A 1 4   ? 17.885  10.332  3.858   1.00 101.01 ? 356 PRO A O   1 
ATOM   39   C CB  . PRO A 1 4   ? 18.960  11.659  1.043   1.00 96.13  ? 356 PRO A CB  1 
ATOM   40   C CG  . PRO A 1 4   ? 17.503  11.690  0.733   1.00 95.54  ? 356 PRO A CG  1 
ATOM   41   C CD  . PRO A 1 4   ? 17.021  10.264  0.679   1.00 94.70  ? 356 PRO A CD  1 
ATOM   42   N N   . GLU A 1 5   ? 20.010  11.099  3.995   1.00 101.56 ? 357 GLU A N   1 
ATOM   43   C CA  . GLU A 1 5   ? 19.930  11.449  5.429   1.00 102.14 ? 357 GLU A CA  1 
ATOM   44   C C   . GLU A 1 5   ? 18.861  12.507  5.728   1.00 100.93 ? 357 GLU A C   1 
ATOM   45   O O   . GLU A 1 5   ? 18.299  12.525  6.827   1.00 99.27  ? 357 GLU A O   1 
ATOM   46   C CB  . GLU A 1 5   ? 21.295  11.902  5.986   1.00 104.52 ? 357 GLU A CB  1 
ATOM   47   C CG  . GLU A 1 5   ? 22.029  10.842  6.800   1.00 106.62 ? 357 GLU A CG  1 
ATOM   48   C CD  . GLU A 1 5   ? 22.336  9.578   6.013   1.00 108.69 ? 357 GLU A CD  1 
ATOM   49   O OE1 . GLU A 1 5   ? 22.746  9.684   4.836   1.00 110.67 ? 357 GLU A OE1 1 
ATOM   50   O OE2 . GLU A 1 5   ? 22.177  8.475   6.578   1.00 109.61 ? 357 GLU A OE2 1 
ATOM   51   N N   . SER A 1 6   ? 18.596  13.382  4.757   1.00 101.34 ? 358 SER A N   1 
ATOM   52   C CA  . SER A 1 6   ? 17.491  14.345  4.832   1.00 101.87 ? 358 SER A CA  1 
ATOM   53   C C   . SER A 1 6   ? 16.137  13.664  5.073   1.00 101.63 ? 358 SER A C   1 
ATOM   54   O O   . SER A 1 6   ? 15.338  14.141  5.884   1.00 102.92 ? 358 SER A O   1 
ATOM   55   C CB  . SER A 1 6   ? 17.426  15.179  3.547   1.00 101.75 ? 358 SER A CB  1 
ATOM   56   O OG  . SER A 1 6   ? 16.410  16.165  3.621   1.00 102.51 ? 358 SER A OG  1 
ATOM   57   N N   . MET A 1 7   ? 15.897  12.552  4.377   1.00 99.28  ? 359 MET A N   1 
ATOM   58   C CA  . MET A 1 7   ? 14.636  11.809  4.489   1.00 96.34  ? 359 MET A CA  1 
ATOM   59   C C   . MET A 1 7   ? 14.652  10.811  5.652   1.00 93.58  ? 359 MET A C   1 
ATOM   60   O O   . MET A 1 7   ? 13.632  10.630  6.314   1.00 90.30  ? 359 MET A O   1 
ATOM   61   C CB  . MET A 1 7   ? 14.300  11.093  3.176   1.00 96.69  ? 359 MET A CB  1 
ATOM   62   C CG  . MET A 1 7   ? 12.807  11.042  2.888   1.00 97.04  ? 359 MET A CG  1 
ATOM   63   S SD  . MET A 1 7   ? 12.330  9.764   1.711   1.00 97.55  ? 359 MET A SD  1 
ATOM   64   C CE  . MET A 1 7   ? 13.394  10.123  0.314   1.00 97.00  ? 359 MET A CE  1 
ATOM   65   N N   . ARG A 1 8   ? 15.798  10.169  5.900   1.00 90.97  ? 360 ARG A N   1 
ATOM   66   C CA  . ARG A 1 8   ? 15.962  9.303   7.079   1.00 90.48  ? 360 ARG A CA  1 
ATOM   67   C C   . ARG A 1 8   ? 15.683  10.041  8.394   1.00 90.42  ? 360 ARG A C   1 
ATOM   68   O O   . ARG A 1 8   ? 15.134  9.456   9.324   1.00 88.63  ? 360 ARG A O   1 
ATOM   69   C CB  . ARG A 1 8   ? 17.366  8.689   7.134   1.00 90.35  ? 360 ARG A CB  1 
ATOM   70   C CG  . ARG A 1 8   ? 17.635  7.621   6.087   1.00 90.58  ? 360 ARG A CG  1 
ATOM   71   C CD  . ARG A 1 8   ? 18.989  6.966   6.320   1.00 91.56  ? 360 ARG A CD  1 
ATOM   72   N NE  . ARG A 1 8   ? 19.502  6.301   5.117   1.00 91.89  ? 360 ARG A NE  1 
ATOM   73   C CZ  . ARG A 1 8   ? 19.429  4.994   4.838   1.00 90.89  ? 360 ARG A CZ  1 
ATOM   74   N NH1 . ARG A 1 8   ? 18.856  4.123   5.669   1.00 91.32  ? 360 ARG A NH1 1 
ATOM   75   N NH2 . ARG A 1 8   ? 19.948  4.547   3.694   1.00 90.39  ? 360 ARG A NH2 1 
ATOM   76   N N   . GLN A 1 9   ? 16.066  11.317  8.458   1.00 92.00  ? 361 GLN A N   1 
ATOM   77   C CA  . GLN A 1 9   ? 15.756  12.182  9.606   1.00 93.65  ? 361 GLN A CA  1 
ATOM   78   C C   . GLN A 1 9   ? 14.241  12.357  9.788   1.00 92.87  ? 361 GLN A C   1 
ATOM   79   O O   . GLN A 1 9   ? 13.741  12.325  10.915  1.00 93.63  ? 361 GLN A O   1 
ATOM   80   C CB  . GLN A 1 9   ? 16.444  13.550  9.448   1.00 94.87  ? 361 GLN A CB  1 
ATOM   81   C CG  . GLN A 1 9   ? 16.484  14.414  10.708  1.00 95.16  ? 361 GLN A CG  1 
ATOM   82   C CD  . GLN A 1 9   ? 15.524  15.597  10.679  1.00 94.93  ? 361 GLN A CD  1 
ATOM   83   O OE1 . GLN A 1 9   ? 14.373  15.476  10.257  1.00 95.29  ? 361 GLN A OE1 1 
ATOM   84   N NE2 . GLN A 1 9   ? 15.997  16.751  11.141  1.00 92.67  ? 361 GLN A NE2 1 
ATOM   85   N N   . GLN A 1 10  ? 13.525  12.527  8.675   1.00 90.87  ? 362 GLN A N   1 
ATOM   86   C CA  . GLN A 1 10  ? 12.061  12.663  8.680   1.00 88.80  ? 362 GLN A CA  1 
ATOM   87   C C   . GLN A 1 10  ? 11.371  11.361  9.088   1.00 85.43  ? 362 GLN A C   1 
ATOM   88   O O   . GLN A 1 10  ? 10.506  11.363  9.969   1.00 86.03  ? 362 GLN A O   1 
ATOM   89   C CB  . GLN A 1 10  ? 11.550  13.079  7.292   1.00 90.96  ? 362 GLN A CB  1 
ATOM   90   C CG  . GLN A 1 10  ? 12.063  14.424  6.788   1.00 92.25  ? 362 GLN A CG  1 
ATOM   91   C CD  . GLN A 1 10  ? 11.100  15.564  7.060   1.00 93.17  ? 362 GLN A CD  1 
ATOM   92   O OE1 . GLN A 1 10  ? 9.996   15.595  6.522   1.00 94.79  ? 362 GLN A OE1 1 
ATOM   93   N NE2 . GLN A 1 10  ? 11.520  16.513  7.889   1.00 92.33  ? 362 GLN A NE2 1 
ATOM   94   N N   . LEU A 1 11  ? 11.759  10.261  8.444   1.00 80.02  ? 363 LEU A N   1 
ATOM   95   C CA  . LEU A 1 11  ? 11.137  8.952   8.680   1.00 77.56  ? 363 LEU A CA  1 
ATOM   96   C C   . LEU A 1 11  ? 11.486  8.355   10.047  1.00 76.39  ? 363 LEU A C   1 
ATOM   97   O O   . LEU A 1 11  ? 10.692  7.596   10.605  1.00 75.18  ? 363 LEU A O   1 
ATOM   98   C CB  . LEU A 1 11  ? 11.501  7.960   7.566   1.00 76.08  ? 363 LEU A CB  1 
ATOM   99   C CG  . LEU A 1 11  ? 11.166  8.351   6.117   1.00 75.32  ? 363 LEU A CG  1 
ATOM   100  C CD1 . LEU A 1 11  ? 11.390  7.164   5.191   1.00 75.78  ? 363 LEU A CD1 1 
ATOM   101  C CD2 . LEU A 1 11  ? 9.746   8.880   5.969   1.00 74.94  ? 363 LEU A CD2 1 
ATOM   102  N N   . SER A 1 12  ? 12.664  8.692   10.575  1.00 76.96  ? 364 SER A N   1 
ATOM   103  C CA  . SER A 1 12  ? 13.044  8.329   11.949  1.00 76.77  ? 364 SER A CA  1 
ATOM   104  C C   . SER A 1 12  ? 12.052  8.882   12.974  1.00 73.90  ? 364 SER A C   1 
ATOM   105  O O   . SER A 1 12  ? 11.694  8.190   13.929  1.00 74.38  ? 364 SER A O   1 
ATOM   106  C CB  . SER A 1 12  ? 14.458  8.829   12.272  1.00 79.26  ? 364 SER A CB  1 
ATOM   107  O OG  . SER A 1 12  ? 14.817  8.556   13.617  1.00 81.98  ? 364 SER A OG  1 
ATOM   108  N N   . GLY A 1 13  ? 11.617  10.124  12.768  1.00 71.73  ? 365 GLY A N   1 
ATOM   109  C CA  . GLY A 1 13  ? 10.597  10.750  13.607  1.00 69.89  ? 365 GLY A CA  1 
ATOM   110  C C   . GLY A 1 13  ? 9.281   9.991   13.622  1.00 68.21  ? 365 GLY A C   1 
ATOM   111  O O   . GLY A 1 13  ? 8.684   9.800   14.685  1.00 67.46  ? 365 GLY A O   1 
ATOM   112  N N   . ILE A 1 14  ? 8.839   9.547   12.445  1.00 65.83  ? 366 ILE A N   1 
ATOM   113  C CA  . ILE A 1 14  ? 7.582   8.802   12.317  1.00 64.55  ? 366 ILE A CA  1 
ATOM   114  C C   . ILE A 1 14  ? 7.719   7.389   12.890  1.00 62.65  ? 366 ILE A C   1 
ATOM   115  O O   . ILE A 1 14  ? 6.850   6.948   13.643  1.00 60.22  ? 366 ILE A O   1 
ATOM   116  C CB  . ILE A 1 14  ? 7.082   8.744   10.851  1.00 64.31  ? 366 ILE A CB  1 
ATOM   117  C CG1 . ILE A 1 14  ? 6.774   10.158  10.336  1.00 64.82  ? 366 ILE A CG1 1 
ATOM   118  C CG2 . ILE A 1 14  ? 5.832   7.869   10.734  1.00 63.89  ? 366 ILE A CG2 1 
ATOM   119  C CD1 . ILE A 1 14  ? 6.751   10.275  8.827   1.00 64.83  ? 366 ILE A CD1 1 
ATOM   120  N N   . PHE A 1 15  ? 8.805   6.692   12.550  1.00 61.54  ? 367 PHE A N   1 
ATOM   121  C CA  . PHE A 1 15  ? 9.002   5.307   13.011  1.00 61.74  ? 367 PHE A CA  1 
ATOM   122  C C   . PHE A 1 15  ? 9.302   5.166   14.507  1.00 63.11  ? 367 PHE A C   1 
ATOM   123  O O   . PHE A 1 15  ? 9.201   4.063   15.051  1.00 63.41  ? 367 PHE A O   1 
ATOM   124  C CB  . PHE A 1 15  ? 10.072  4.582   12.179  1.00 60.81  ? 367 PHE A CB  1 
ATOM   125  C CG  . PHE A 1 15  ? 9.717   4.423   10.717  1.00 59.57  ? 367 PHE A CG  1 
ATOM   126  C CD1 . PHE A 1 15  ? 8.406   4.142   10.304  1.00 58.93  ? 367 PHE A CD1 1 
ATOM   127  C CD2 . PHE A 1 15  ? 10.706  4.526   9.744   1.00 58.96  ? 367 PHE A CD2 1 
ATOM   128  C CE1 . PHE A 1 15  ? 8.100   3.993   8.961   1.00 59.05  ? 367 PHE A CE1 1 
ATOM   129  C CE2 . PHE A 1 15  ? 10.401  4.374   8.399   1.00 58.78  ? 367 PHE A CE2 1 
ATOM   130  C CZ  . PHE A 1 15  ? 9.098   4.107   8.008   1.00 59.10  ? 367 PHE A CZ  1 
ATOM   131  N N   . ALA A 1 16  ? 9.654   6.270   15.168  1.00 64.54  ? 368 ALA A N   1 
ATOM   132  C CA  . ALA A 1 16  ? 9.679   6.329   16.634  1.00 65.11  ? 368 ALA A CA  1 
ATOM   133  C C   . ALA A 1 16  ? 8.290   6.112   17.262  1.00 64.92  ? 368 ALA A C   1 
ATOM   134  O O   . ALA A 1 16  ? 8.193   5.620   18.386  1.00 65.89  ? 368 ALA A O   1 
ATOM   135  C CB  . ALA A 1 16  ? 10.260  7.658   17.098  1.00 66.05  ? 368 ALA A CB  1 
ATOM   136  N N   . LYS A 1 17  ? 7.229   6.463   16.530  1.00 64.22  ? 369 LYS A N   1 
ATOM   137  C CA  . LYS A 1 17  ? 5.844   6.280   16.993  1.00 63.82  ? 369 LYS A CA  1 
ATOM   138  C C   . LYS A 1 17  ? 5.331   4.829   16.918  1.00 62.44  ? 369 LYS A C   1 
ATOM   139  O O   . LYS A 1 17  ? 4.237   4.549   17.415  1.00 61.73  ? 369 LYS A O   1 
ATOM   140  C CB  . LYS A 1 17  ? 4.872   7.157   16.187  1.00 65.33  ? 369 LYS A CB  1 
ATOM   141  C CG  . LYS A 1 17  ? 5.191   8.646   16.106  1.00 66.53  ? 369 LYS A CG  1 
ATOM   142  C CD  . LYS A 1 17  ? 4.131   9.368   15.276  1.00 66.88  ? 369 LYS A CD  1 
ATOM   143  C CE  . LYS A 1 17  ? 4.593   10.729  14.772  1.00 67.27  ? 369 LYS A CE  1 
ATOM   144  N NZ  . LYS A 1 17  ? 4.595   11.771  15.834  1.00 68.17  ? 369 LYS A NZ  1 
ATOM   145  N N   . LEU A 1 18  ? 6.086   3.921   16.293  1.00 61.85  ? 370 LEU A N   1 
ATOM   146  C CA  . LEU A 1 18  ? 5.643   2.533   16.110  1.00 61.61  ? 370 LEU A CA  1 
ATOM   147  C C   . LEU A 1 18  ? 5.616   1.770   17.435  1.00 61.94  ? 370 LEU A C   1 
ATOM   148  O O   . LEU A 1 18  ? 6.651   1.630   18.093  1.00 61.02  ? 370 LEU A O   1 
ATOM   149  C CB  . LEU A 1 18  ? 6.546   1.788   15.119  1.00 61.19  ? 370 LEU A CB  1 
ATOM   150  C CG  . LEU A 1 18  ? 6.626   2.327   13.688  1.00 60.80  ? 370 LEU A CG  1 
ATOM   151  C CD1 . LEU A 1 18  ? 7.722   1.606   12.920  1.00 60.44  ? 370 LEU A CD1 1 
ATOM   152  C CD2 . LEU A 1 18  ? 5.296   2.210   12.959  1.00 60.11  ? 370 LEU A CD2 1 
ATOM   153  N N   . THR A 1 19  ? 4.428   1.293   17.812  1.00 62.88  ? 371 THR A N   1 
ATOM   154  C CA  . THR A 1 19  ? 4.229   0.490   19.024  1.00 63.59  ? 371 THR A CA  1 
ATOM   155  C C   . THR A 1 19  ? 4.151   -1.022  18.755  1.00 64.57  ? 371 THR A C   1 
ATOM   156  O O   . THR A 1 19  ? 4.285   -1.816  19.689  1.00 65.05  ? 371 THR A O   1 
ATOM   157  C CB  . THR A 1 19  ? 2.948   0.921   19.769  1.00 64.00  ? 371 THR A CB  1 
ATOM   158  O OG1 . THR A 1 19  ? 1.799   0.689   18.944  1.00 63.48  ? 371 THR A OG1 1 
ATOM   159  C CG2 . THR A 1 19  ? 3.012   2.398   20.143  1.00 64.36  ? 371 THR A CG2 1 
ATOM   160  N N   . LYS A 1 20  ? 3.931   -1.412  17.496  1.00 64.61  ? 372 LYS A N   1 
ATOM   161  C CA  . LYS A 1 20  ? 3.789   -2.820  17.108  1.00 63.29  ? 372 LYS A CA  1 
ATOM   162  C C   . LYS A 1 20  ? 4.707   -3.174  15.942  1.00 61.44  ? 372 LYS A C   1 
ATOM   163  O O   . LYS A 1 20  ? 5.046   -2.315  15.122  1.00 60.55  ? 372 LYS A O   1 
ATOM   164  C CB  . LYS A 1 20  ? 2.342   -3.107  16.709  1.00 64.32  ? 372 LYS A CB  1 
ATOM   165  C CG  . LYS A 1 20  ? 1.356   -3.035  17.860  1.00 65.31  ? 372 LYS A CG  1 
ATOM   166  C CD  . LYS A 1 20  ? -0.077  -3.223  17.387  1.00 65.75  ? 372 LYS A CD  1 
ATOM   167  C CE  . LYS A 1 20  ? -0.652  -1.941  16.807  1.00 66.42  ? 372 LYS A CE  1 
ATOM   168  N NZ  . LYS A 1 20  ? -2.036  -2.133  16.294  1.00 67.17  ? 372 LYS A NZ  1 
ATOM   169  N N   . LYS A 1 21  ? 5.091   -4.449  15.873  1.00 58.54  ? 373 LYS A N   1 
ATOM   170  C CA  . LYS A 1 21  ? 5.905   -4.964  14.769  1.00 55.94  ? 373 LYS A CA  1 
ATOM   171  C C   . LYS A 1 21  ? 5.104   -5.028  13.470  1.00 52.52  ? 373 LYS A C   1 
ATOM   172  O O   . LYS A 1 21  ? 3.872   -5.127  13.480  1.00 50.68  ? 373 LYS A O   1 
ATOM   173  C CB  . LYS A 1 21  ? 6.492   -6.341  15.103  1.00 57.65  ? 373 LYS A CB  1 
ATOM   174  C CG  . LYS A 1 21  ? 7.666   -6.279  16.069  1.00 59.56  ? 373 LYS A CG  1 
ATOM   175  C CD  . LYS A 1 21  ? 8.237   -7.654  16.390  1.00 60.53  ? 373 LYS A CD  1 
ATOM   176  C CE  . LYS A 1 21  ? 7.289   -8.488  17.239  1.00 61.28  ? 373 LYS A CE  1 
ATOM   177  N NZ  . LYS A 1 21  ? 8.009   -9.556  17.987  1.00 62.29  ? 373 LYS A NZ  1 
ATOM   178  N N   . VAL A 1 22  ? 5.827   -4.949  12.356  1.00 49.07  ? 374 VAL A N   1 
ATOM   179  C CA  . VAL A 1 22  ? 5.235   -4.941  11.022  1.00 47.11  ? 374 VAL A CA  1 
ATOM   180  C C   . VAL A 1 22  ? 6.127   -5.743  10.075  1.00 44.50  ? 374 VAL A C   1 
ATOM   181  O O   . VAL A 1 22  ? 7.347   -5.584  10.097  1.00 44.52  ? 374 VAL A O   1 
ATOM   182  C CB  . VAL A 1 22  ? 5.087   -3.496  10.490  1.00 47.33  ? 374 VAL A CB  1 
ATOM   183  C CG1 . VAL A 1 22  ? 4.498   -3.496  9.089   1.00 47.37  ? 374 VAL A CG1 1 
ATOM   184  C CG2 . VAL A 1 22  ? 4.225   -2.658  11.428  1.00 47.78  ? 374 VAL A CG2 1 
ATOM   185  N N   . THR A 1 23  ? 5.515   -6.601  9.256   1.00 42.34  ? 375 THR A N   1 
ATOM   186  C CA  . THR A 1 23  ? 6.240   -7.414  8.275   1.00 41.13  ? 375 THR A CA  1 
ATOM   187  C C   . THR A 1 23  ? 5.862   -6.982  6.860   1.00 40.06  ? 375 THR A C   1 
ATOM   188  O O   . THR A 1 23  ? 4.682   -6.917  6.524   1.00 39.81  ? 375 THR A O   1 
ATOM   189  C CB  . THR A 1 23  ? 5.948   -8.921  8.455   1.00 40.95  ? 375 THR A CB  1 
ATOM   190  O OG1 . THR A 1 23  ? 6.463   -9.364  9.717   1.00 40.90  ? 375 THR A OG1 1 
ATOM   191  C CG2 . THR A 1 23  ? 6.586   -9.759  7.335   1.00 40.93  ? 375 THR A CG2 1 
ATOM   192  N N   . LEU A 1 24  ? 6.875   -6.681  6.052   1.00 39.85  ? 376 LEU A N   1 
ATOM   193  C CA  . LEU A 1 24  ? 6.711   -6.459  4.619   1.00 39.57  ? 376 LEU A CA  1 
ATOM   194  C C   . LEU A 1 24  ? 7.082   -7.763  3.931   1.00 38.39  ? 376 LEU A C   1 
ATOM   195  O O   . LEU A 1 24  ? 8.214   -8.225  4.065   1.00 37.19  ? 376 LEU A O   1 
ATOM   196  C CB  . LEU A 1 24  ? 7.632   -5.334  4.139   1.00 40.27  ? 376 LEU A CB  1 
ATOM   197  C CG  . LEU A 1 24  ? 7.476   -3.965  4.812   1.00 41.03  ? 376 LEU A CG  1 
ATOM   198  C CD1 . LEU A 1 24  ? 8.672   -3.077  4.504   1.00 41.47  ? 376 LEU A CD1 1 
ATOM   199  C CD2 . LEU A 1 24  ? 6.187   -3.283  4.381   1.00 41.39  ? 376 LEU A CD2 1 
ATOM   200  N N   . LEU A 1 25  ? 6.128   -8.366  3.222   1.00 37.99  ? 377 LEU A N   1 
ATOM   201  C CA  . LEU A 1 25  ? 6.340   -9.659  2.563   1.00 37.88  ? 377 LEU A CA  1 
ATOM   202  C C   . LEU A 1 25  ? 6.352   -9.483  1.048   1.00 37.48  ? 377 LEU A C   1 
ATOM   203  O O   . LEU A 1 25  ? 5.307   -9.236  0.447   1.00 37.23  ? 377 LEU A O   1 
ATOM   204  C CB  . LEU A 1 25  ? 5.255   -10.663 2.979   1.00 37.67  ? 377 LEU A CB  1 
ATOM   205  C CG  . LEU A 1 25  ? 5.298   -12.069 2.359   1.00 37.95  ? 377 LEU A CG  1 
ATOM   206  C CD1 . LEU A 1 25  ? 6.659   -12.718 2.553   1.00 38.21  ? 377 LEU A CD1 1 
ATOM   207  C CD2 . LEU A 1 25  ? 4.204   -12.945 2.949   1.00 38.39  ? 377 LEU A CD2 1 
ATOM   208  N N   . GLN A 1 26  ? 7.533   -9.608  0.442   1.00 37.74  ? 378 GLN A N   1 
ATOM   209  C CA  . GLN A 1 26  ? 7.683   -9.505  -1.008  1.00 38.55  ? 378 GLN A CA  1 
ATOM   210  C C   . GLN A 1 26  ? 7.613   -10.883 -1.663  1.00 38.78  ? 378 GLN A C   1 
ATOM   211  O O   . GLN A 1 26  ? 8.202   -11.842 -1.165  1.00 37.84  ? 378 GLN A O   1 
ATOM   212  C CB  . GLN A 1 26  ? 9.018   -8.847  -1.381  1.00 38.52  ? 378 GLN A CB  1 
ATOM   213  C CG  . GLN A 1 26  ? 9.076   -8.390  -2.839  1.00 38.98  ? 378 GLN A CG  1 
ATOM   214  C CD  . GLN A 1 26  ? 10.475  -8.047  -3.327  1.00 38.96  ? 378 GLN A CD  1 
ATOM   215  O OE1 . GLN A 1 26  ? 11.414  -7.916  -2.541  1.00 38.36  ? 378 GLN A OE1 1 
ATOM   216  N NE2 . GLN A 1 26  ? 10.615  -7.899  -4.643  1.00 37.26  ? 378 GLN A NE2 1 
ATOM   217  N N   . PHE A 1 27  ? 6.901   -10.956 -2.785  1.00 39.50  ? 379 PHE A N   1 
ATOM   218  C CA  . PHE A 1 27  ? 6.915   -12.126 -3.656  1.00 40.60  ? 379 PHE A CA  1 
ATOM   219  C C   . PHE A 1 27  ? 7.863   -11.858 -4.816  1.00 41.40  ? 379 PHE A C   1 
ATOM   220  O O   . PHE A 1 27  ? 7.518   -11.152 -5.762  1.00 42.10  ? 379 PHE A O   1 
ATOM   221  C CB  . PHE A 1 27  ? 5.501   -12.474 -4.113  1.00 40.68  ? 379 PHE A CB  1 
ATOM   222  C CG  . PHE A 1 27  ? 4.675   -13.067 -3.016  1.00 41.24  ? 379 PHE A CG  1 
ATOM   223  C CD1 . PHE A 1 27  ? 4.004   -12.250 -2.109  1.00 40.75  ? 379 PHE A CD1 1 
ATOM   224  C CD2 . PHE A 1 27  ? 4.628   -14.444 -2.840  1.00 41.17  ? 379 PHE A CD2 1 
ATOM   225  C CE1 . PHE A 1 27  ? 3.268   -12.800 -1.071  1.00 41.23  ? 379 PHE A CE1 1 
ATOM   226  C CE2 . PHE A 1 27  ? 3.892   -15.001 -1.806  1.00 41.71  ? 379 PHE A CE2 1 
ATOM   227  C CZ  . PHE A 1 27  ? 3.213   -14.181 -0.921  1.00 41.46  ? 379 PHE A CZ  1 
ATOM   228  N N   . LEU A 1 28  ? 9.065   -12.425 -4.710  1.00 42.02  ? 380 LEU A N   1 
ATOM   229  C CA  . LEU A 1 28  ? 10.191  -12.093 -5.579  1.00 42.60  ? 380 LEU A CA  1 
ATOM   230  C C   . LEU A 1 28  ? 10.280  -13.013 -6.792  1.00 43.09  ? 380 LEU A C   1 
ATOM   231  O O   . LEU A 1 28  ? 10.392  -14.227 -6.640  1.00 42.82  ? 380 LEU A O   1 
ATOM   232  C CB  . LEU A 1 28  ? 11.498  -12.204 -4.785  1.00 42.85  ? 380 LEU A CB  1 
ATOM   233  C CG  . LEU A 1 28  ? 12.794  -11.778 -5.487  1.00 43.16  ? 380 LEU A CG  1 
ATOM   234  C CD1 . LEU A 1 28  ? 12.901  -10.262 -5.513  1.00 43.82  ? 380 LEU A CD1 1 
ATOM   235  C CD2 . LEU A 1 28  ? 14.007  -12.383 -4.799  1.00 43.23  ? 380 LEU A CD2 1 
ATOM   236  N N   . ASP A 1 29  ? 10.233  -12.429 -7.988  1.00 44.21  ? 381 ASP A N   1 
ATOM   237  C CA  . ASP A 1 29  ? 10.577  -13.135 -9.219  1.00 45.47  ? 381 ASP A CA  1 
ATOM   238  C C   . ASP A 1 29  ? 12.028  -12.791 -9.554  1.00 46.23  ? 381 ASP A C   1 
ATOM   239  O O   . ASP A 1 29  ? 12.328  -11.660 -9.932  1.00 45.31  ? 381 ASP A O   1 
ATOM   240  C CB  . ASP A 1 29  ? 9.633   -12.726 -10.358 1.00 46.67  ? 381 ASP A CB  1 
ATOM   241  C CG  . ASP A 1 29  ? 9.867   -13.517 -11.649 1.00 47.28  ? 381 ASP A CG  1 
ATOM   242  O OD1 . ASP A 1 29  ? 10.598  -14.529 -11.643 1.00 46.64  ? 381 ASP A OD1 1 
ATOM   243  O OD2 . ASP A 1 29  ? 9.306   -13.114 -12.686 1.00 49.14  ? 381 ASP A OD2 1 
ATOM   244  N N   . ALA A 1 30  ? 12.919  -13.771 -9.404  1.00 48.34  ? 382 ALA A N   1 
ATOM   245  C CA  . ALA A 1 30  ? 14.361  -13.582 -9.634  1.00 50.52  ? 382 ALA A CA  1 
ATOM   246  C C   . ALA A 1 30  ? 14.725  -13.161 -11.065 1.00 52.65  ? 382 ALA A C   1 
ATOM   247  O O   . ALA A 1 30  ? 15.711  -12.447 -11.265 1.00 54.57  ? 382 ALA A O   1 
ATOM   248  C CB  . ALA A 1 30  ? 15.124  -14.847 -9.258  1.00 50.82  ? 382 ALA A CB  1 
ATOM   249  N N   . SER A 1 31  ? 13.933  -13.596 -12.046 1.00 54.03  ? 383 SER A N   1 
ATOM   250  C CA  . SER A 1 31  ? 14.190  -13.279 -13.457 1.00 56.11  ? 383 SER A CA  1 
ATOM   251  C C   . SER A 1 31  ? 13.597  -11.943 -13.941 1.00 57.13  ? 383 SER A C   1 
ATOM   252  O O   . SER A 1 31  ? 13.772  -11.596 -15.111 1.00 58.71  ? 383 SER A O   1 
ATOM   253  C CB  . SER A 1 31  ? 13.698  -14.424 -14.356 1.00 56.41  ? 383 SER A CB  1 
ATOM   254  O OG  . SER A 1 31  ? 12.287  -14.543 -14.320 1.00 57.20  ? 383 SER A OG  1 
ATOM   255  N N   . ASP A 1 32  ? 12.902  -11.206 -13.069 1.00 58.83  ? 384 ASP A N   1 
ATOM   256  C CA  . ASP A 1 32  ? 12.372  -9.878  -13.413 1.00 59.64  ? 384 ASP A CA  1 
ATOM   257  C C   . ASP A 1 32  ? 13.185  -8.773  -12.739 1.00 59.19  ? 384 ASP A C   1 
ATOM   258  O O   . ASP A 1 32  ? 13.499  -8.859  -11.551 1.00 58.33  ? 384 ASP A O   1 
ATOM   259  C CB  . ASP A 1 32  ? 10.899  -9.753  -13.016 1.00 61.28  ? 384 ASP A CB  1 
ATOM   260  C CG  . ASP A 1 32  ? 10.261  -8.465  -13.529 1.00 63.36  ? 384 ASP A CG  1 
ATOM   261  O OD1 . ASP A 1 32  ? 10.392  -8.164  -14.736 1.00 67.05  ? 384 ASP A OD1 1 
ATOM   262  O OD2 . ASP A 1 32  ? 9.627   -7.752  -12.727 1.00 63.59  ? 384 ASP A OD2 1 
ATOM   263  N N   . GLU A 1 33  ? 13.483  -7.724  -13.506 1.00 60.06  ? 385 GLU A N   1 
ATOM   264  C CA  . GLU A 1 33  ? 14.352  -6.626  -13.064 1.00 59.84  ? 385 GLU A CA  1 
ATOM   265  C C   . GLU A 1 33  ? 13.679  -5.796  -11.972 1.00 55.99  ? 385 GLU A C   1 
ATOM   266  O O   . GLU A 1 33  ? 14.321  -5.405  -10.999 1.00 53.82  ? 385 GLU A O   1 
ATOM   267  C CB  . GLU A 1 33  ? 14.714  -5.702  -14.240 1.00 62.99  ? 385 GLU A CB  1 
ATOM   268  C CG  . GLU A 1 33  ? 15.342  -6.381  -15.460 1.00 66.76  ? 385 GLU A CG  1 
ATOM   269  C CD  . GLU A 1 33  ? 16.848  -6.217  -15.549 1.00 70.26  ? 385 GLU A CD  1 
ATOM   270  O OE1 . GLU A 1 33  ? 17.304  -5.298  -16.272 1.00 72.84  ? 385 GLU A OE1 1 
ATOM   271  O OE2 . GLU A 1 33  ? 17.569  -7.012  -14.908 1.00 71.20  ? 385 GLU A OE2 1 
ATOM   272  N N   . LYS A 1 34  ? 12.387  -5.525  -12.157 1.00 54.15  ? 386 LYS A N   1 
ATOM   273  C CA  . LYS A 1 34  ? 11.600  -4.728  -11.207 1.00 53.66  ? 386 LYS A CA  1 
ATOM   274  C C   . LYS A 1 34  ? 11.449  -5.376  -9.826  1.00 51.67  ? 386 LYS A C   1 
ATOM   275  O O   . LYS A 1 34  ? 11.355  -4.667  -8.823  1.00 50.92  ? 386 LYS A O   1 
ATOM   276  C CB  . LYS A 1 34  ? 10.217  -4.407  -11.792 1.00 54.82  ? 386 LYS A CB  1 
ATOM   277  C CG  . LYS A 1 34  ? 10.254  -3.358  -12.890 1.00 55.79  ? 386 LYS A CG  1 
ATOM   278  C CD  . LYS A 1 34  ? 10.291  -1.953  -12.302 1.00 57.33  ? 386 LYS A CD  1 
ATOM   279  C CE  . LYS A 1 34  ? 10.933  -0.949  -13.247 1.00 58.36  ? 386 LYS A CE  1 
ATOM   280  N NZ  . LYS A 1 34  ? 10.986  0.411   -12.642 1.00 58.91  ? 386 LYS A NZ  1 
ATOM   281  N N   . SER A 1 35  ? 11.413  -6.709  -9.781  1.00 49.68  ? 387 SER A N   1 
ATOM   282  C CA  . SER A 1 35  ? 11.400  -7.451  -8.510  1.00 48.72  ? 387 SER A CA  1 
ATOM   283  C C   . SER A 1 35  ? 12.682  -7.245  -7.706  1.00 48.02  ? 387 SER A C   1 
ATOM   284  O O   . SER A 1 35  ? 12.628  -6.984  -6.502  1.00 46.22  ? 387 SER A O   1 
ATOM   285  C CB  . SER A 1 35  ? 11.180  -8.951  -8.743  1.00 48.44  ? 387 SER A CB  1 
ATOM   286  O OG  . SER A 1 35  ? 9.803   -9.267  -8.764  1.00 47.53  ? 387 SER A OG  1 
ATOM   287  N N   . LEU A 1 36  ? 13.824  -7.362  -8.382  1.00 47.94  ? 388 LEU A N   1 
ATOM   288  C CA  . LEU A 1 36  ? 15.135  -7.169  -7.743  1.00 48.68  ? 388 LEU A CA  1 
ATOM   289  C C   . LEU A 1 36  ? 15.327  -5.715  -7.312  1.00 48.39  ? 388 LEU A C   1 
ATOM   290  O O   . LEU A 1 36  ? 15.949  -5.439  -6.285  1.00 48.33  ? 388 LEU A O   1 
ATOM   291  C CB  . LEU A 1 36  ? 16.270  -7.601  -8.679  1.00 49.36  ? 388 LEU A CB  1 
ATOM   292  C CG  . LEU A 1 36  ? 16.240  -9.054  -9.182  1.00 50.61  ? 388 LEU A CG  1 
ATOM   293  C CD1 . LEU A 1 36  ? 17.365  -9.310  -10.171 1.00 51.50  ? 388 LEU A CD1 1 
ATOM   294  C CD2 . LEU A 1 36  ? 16.314  -10.053 -8.037  1.00 51.56  ? 388 LEU A CD2 1 
ATOM   295  N N   . GLU A 1 37  ? 14.772  -4.801  -8.104  1.00 48.43  ? 389 GLU A N   1 
ATOM   296  C CA  . GLU A 1 37  ? 14.727  -3.381  -7.768  1.00 48.43  ? 389 GLU A CA  1 
ATOM   297  C C   . GLU A 1 37  ? 13.891  -3.145  -6.504  1.00 45.63  ? 389 GLU A C   1 
ATOM   298  O O   . GLU A 1 37  ? 14.309  -2.402  -5.614  1.00 45.03  ? 389 GLU A O   1 
ATOM   299  C CB  . GLU A 1 37  ? 14.158  -2.586  -8.954  1.00 50.96  ? 389 GLU A CB  1 
ATOM   300  C CG  . GLU A 1 37  ? 14.482  -1.100  -8.946  1.00 53.38  ? 389 GLU A CG  1 
ATOM   301  C CD  . GLU A 1 37  ? 13.944  -0.367  -10.172 1.00 55.49  ? 389 GLU A CD  1 
ATOM   302  O OE1 . GLU A 1 37  ? 14.116  -0.874  -11.304 1.00 56.76  ? 389 GLU A OE1 1 
ATOM   303  O OE2 . GLU A 1 37  ? 13.353  0.723   -10.003 1.00 55.87  ? 389 GLU A OE2 1 
ATOM   304  N N   . LEU A 1 38  ? 12.725  -3.789  -6.426  1.00 43.18  ? 390 LEU A N   1 
ATOM   305  C CA  . LEU A 1 38  ? 11.859  -3.701  -5.242  1.00 42.11  ? 390 LEU A CA  1 
ATOM   306  C C   . LEU A 1 38  ? 12.536  -4.268  -3.989  1.00 40.46  ? 390 LEU A C   1 
ATOM   307  O O   . LEU A 1 38  ? 12.438  -3.678  -2.917  1.00 38.77  ? 390 LEU A O   1 
ATOM   308  C CB  . LEU A 1 38  ? 10.516  -4.407  -5.481  1.00 42.23  ? 390 LEU A CB  1 
ATOM   309  C CG  . LEU A 1 38  ? 9.497   -4.399  -4.331  1.00 42.46  ? 390 LEU A CG  1 
ATOM   310  C CD1 . LEU A 1 38  ? 9.202   -2.987  -3.851  1.00 42.75  ? 390 LEU A CD1 1 
ATOM   311  C CD2 . LEU A 1 38  ? 8.207   -5.090  -4.739  1.00 42.89  ? 390 LEU A CD2 1 
ATOM   312  N N   . GLN A 1 39  ? 13.212  -5.405  -4.139  1.00 40.64  ? 391 GLN A N   1 
ATOM   313  C CA  . GLN A 1 39  ? 13.985  -6.012  -3.047  1.00 40.93  ? 391 GLN A CA  1 
ATOM   314  C C   . GLN A 1 39  ? 15.027  -5.053  -2.481  1.00 40.91  ? 391 GLN A C   1 
ATOM   315  O O   . GLN A 1 39  ? 15.140  -4.912  -1.261  1.00 40.14  ? 391 GLN A O   1 
ATOM   316  C CB  . GLN A 1 39  ? 14.662  -7.308  -3.517  1.00 41.50  ? 391 GLN A CB  1 
ATOM   317  C CG  . GLN A 1 39  ? 15.711  -7.865  -2.562  1.00 42.05  ? 391 GLN A CG  1 
ATOM   318  C CD  . GLN A 1 39  ? 16.007  -9.327  -2.814  1.00 43.39  ? 391 GLN A CD  1 
ATOM   319  O OE1 . GLN A 1 39  ? 16.926  -9.667  -3.559  1.00 42.78  ? 391 GLN A OE1 1 
ATOM   320  N NE2 . GLN A 1 39  ? 15.221  -10.204 -2.194  1.00 44.66  ? 391 GLN A NE2 1 
ATOM   321  N N   . SER A 1 40  ? 15.781  -4.410  -3.373  1.00 40.88  ? 392 SER A N   1 
ATOM   322  C CA  . SER A 1 40  ? 16.783  -3.411  -2.986  1.00 41.25  ? 392 SER A CA  1 
ATOM   323  C C   . SER A 1 40  ? 16.158  -2.252  -2.208  1.00 40.61  ? 392 SER A C   1 
ATOM   324  O O   . SER A 1 40  ? 16.666  -1.855  -1.157  1.00 39.53  ? 392 SER A O   1 
ATOM   325  C CB  . SER A 1 40  ? 17.506  -2.873  -4.226  1.00 41.70  ? 392 SER A CB  1 
ATOM   326  O OG  . SER A 1 40  ? 18.409  -1.837  -3.884  1.00 42.00  ? 392 SER A OG  1 
ATOM   327  N N   . PHE A 1 41  ? 15.057  -1.727  -2.740  1.00 40.71  ? 393 PHE A N   1 
ATOM   328  C CA  . PHE A 1 41  ? 14.299  -0.651  -2.096  1.00 41.00  ? 393 PHE A CA  1 
ATOM   329  C C   . PHE A 1 41  ? 13.797  -1.053  -0.703  1.00 41.18  ? 393 PHE A C   1 
ATOM   330  O O   . PHE A 1 41  ? 14.001  -0.320  0.269   1.00 40.82  ? 393 PHE A O   1 
ATOM   331  C CB  . PHE A 1 41  ? 13.131  -0.222  -3.000  1.00 41.49  ? 393 PHE A CB  1 
ATOM   332  C CG  . PHE A 1 41  ? 12.157  0.719   -2.344  1.00 42.56  ? 393 PHE A CG  1 
ATOM   333  C CD1 . PHE A 1 41  ? 12.426  2.082   -2.269  1.00 42.72  ? 393 PHE A CD1 1 
ATOM   334  C CD2 . PHE A 1 41  ? 10.963  0.244   -1.810  1.00 42.72  ? 393 PHE A CD2 1 
ATOM   335  C CE1 . PHE A 1 41  ? 11.526  2.951   -1.667  1.00 43.18  ? 393 PHE A CE1 1 
ATOM   336  C CE2 . PHE A 1 41  ? 10.061  1.108   -1.208  1.00 43.18  ? 393 PHE A CE2 1 
ATOM   337  C CZ  . PHE A 1 41  ? 10.342  2.464   -1.136  1.00 43.21  ? 393 PHE A CZ  1 
ATOM   338  N N   . LEU A 1 42  ? 13.153  -2.216  -0.614  1.00 41.25  ? 394 LEU A N   1 
ATOM   339  C CA  . LEU A 1 42  ? 12.592  -2.703  0.657   1.00 41.35  ? 394 LEU A CA  1 
ATOM   340  C C   . LEU A 1 42  ? 13.657  -3.076  1.695   1.00 41.61  ? 394 LEU A C   1 
ATOM   341  O O   . LEU A 1 42  ? 13.450  -2.856  2.891   1.00 42.29  ? 394 LEU A O   1 
ATOM   342  C CB  . LEU A 1 42  ? 11.663  -3.900  0.421   1.00 40.89  ? 394 LEU A CB  1 
ATOM   343  C CG  . LEU A 1 42  ? 10.384  -3.623  -0.375  1.00 40.37  ? 394 LEU A CG  1 
ATOM   344  C CD1 . LEU A 1 42  ? 9.726   -4.932  -0.782  1.00 40.61  ? 394 LEU A CD1 1 
ATOM   345  C CD2 . LEU A 1 42  ? 9.408   -2.757  0.406   1.00 40.51  ? 394 LEU A CD2 1 
ATOM   346  N N   . THR A 1 43  ? 14.778  -3.641  1.246   1.00 41.35  ? 395 THR A N   1 
ATOM   347  C CA  . THR A 1 43  ? 15.891  -3.984  2.139   1.00 42.72  ? 395 THR A CA  1 
ATOM   348  C C   . THR A 1 43  ? 16.380  -2.748  2.897   1.00 45.54  ? 395 THR A C   1 
ATOM   349  O O   . THR A 1 43  ? 16.555  -2.791  4.118   1.00 46.57  ? 395 THR A O   1 
ATOM   350  C CB  . THR A 1 43  ? 17.074  -4.617  1.368   1.00 41.75  ? 395 THR A CB  1 
ATOM   351  O OG1 . THR A 1 43  ? 16.648  -5.839  0.753   1.00 40.76  ? 395 THR A OG1 1 
ATOM   352  C CG2 . THR A 1 43  ? 18.256  -4.913  2.296   1.00 41.27  ? 395 THR A CG2 1 
ATOM   353  N N   . GLU A 1 44  ? 16.573  -1.654  2.164   1.00 47.68  ? 396 GLU A N   1 
ATOM   354  C CA  . GLU A 1 44  ? 17.018  -0.387  2.745   1.00 49.48  ? 396 GLU A CA  1 
ATOM   355  C C   . GLU A 1 44  ? 15.922  0.280   3.587   1.00 49.05  ? 396 GLU A C   1 
ATOM   356  O O   . GLU A 1 44  ? 16.216  0.871   4.628   1.00 51.54  ? 396 GLU A O   1 
ATOM   357  C CB  . GLU A 1 44  ? 17.508  0.559   1.643   1.00 52.16  ? 396 GLU A CB  1 
ATOM   358  C CG  . GLU A 1 44  ? 18.411  1.679   2.133   1.00 54.58  ? 396 GLU A CG  1 
ATOM   359  C CD  . GLU A 1 44  ? 19.009  2.491   0.995   1.00 57.26  ? 396 GLU A CD  1 
ATOM   360  O OE1 . GLU A 1 44  ? 19.659  1.894   0.108   1.00 58.47  ? 396 GLU A OE1 1 
ATOM   361  O OE2 . GLU A 1 44  ? 18.836  3.729   0.985   1.00 58.94  ? 396 GLU A OE2 1 
ATOM   362  N N   . PHE A 1 45  ? 14.669  0.181   3.143   1.00 47.45  ? 397 PHE A N   1 
ATOM   363  C CA  . PHE A 1 45  ? 13.526  0.701   3.907   1.00 46.43  ? 397 PHE A CA  1 
ATOM   364  C C   . PHE A 1 45  ? 13.350  -0.015  5.250   1.00 46.56  ? 397 PHE A C   1 
ATOM   365  O O   . PHE A 1 45  ? 13.080  0.630   6.264   1.00 46.35  ? 397 PHE A O   1 
ATOM   366  C CB  . PHE A 1 45  ? 12.232  0.591   3.092   1.00 45.04  ? 397 PHE A CB  1 
ATOM   367  C CG  . PHE A 1 45  ? 11.017  1.135   3.796   1.00 44.21  ? 397 PHE A CG  1 
ATOM   368  C CD1 . PHE A 1 45  ? 10.243  0.315   4.611   1.00 43.74  ? 397 PHE A CD1 1 
ATOM   369  C CD2 . PHE A 1 45  ? 10.640  2.466   3.639   1.00 44.29  ? 397 PHE A CD2 1 
ATOM   370  C CE1 . PHE A 1 45  ? 9.123   0.811   5.260   1.00 43.82  ? 397 PHE A CE1 1 
ATOM   371  C CE2 . PHE A 1 45  ? 9.517   2.968   4.285   1.00 43.65  ? 397 PHE A CE2 1 
ATOM   372  C CZ  . PHE A 1 45  ? 8.759   2.139   5.096   1.00 43.77  ? 397 PHE A CZ  1 
ATOM   373  N N   . ALA A 1 46  ? 13.481  -1.341  5.244   1.00 47.17  ? 398 ALA A N   1 
ATOM   374  C CA  . ALA A 1 46  ? 13.330  -2.146  6.466   1.00 47.80  ? 398 ALA A CA  1 
ATOM   375  C C   . ALA A 1 46  ? 14.399  -1.845  7.524   1.00 48.07  ? 398 ALA A C   1 
ATOM   376  O O   . ALA A 1 46  ? 14.132  -1.963  8.720   1.00 48.09  ? 398 ALA A O   1 
ATOM   377  C CB  . ALA A 1 46  ? 13.327  -3.631  6.128   1.00 47.56  ? 398 ALA A CB  1 
ATOM   378  N N   . SER A 1 47  ? 15.593  -1.443  7.082   1.00 49.15  ? 399 SER A N   1 
ATOM   379  C CA  . SER A 1 47  ? 16.676  -1.048  7.994   1.00 50.64  ? 399 SER A CA  1 
ATOM   380  C C   . SER A 1 47  ? 16.450  0.286   8.732   1.00 51.31  ? 399 SER A C   1 
ATOM   381  O O   . SER A 1 47  ? 17.239  0.629   9.610   1.00 51.34  ? 399 SER A O   1 
ATOM   382  C CB  . SER A 1 47  ? 18.017  -0.998  7.248   1.00 50.68  ? 399 SER A CB  1 
ATOM   383  O OG  . SER A 1 47  ? 18.062  0.072   6.319   1.00 50.86  ? 399 SER A OG  1 
ATOM   384  N N   . LEU A 1 48  ? 15.396  1.029   8.384   1.00 52.61  ? 400 LEU A N   1 
ATOM   385  C CA  . LEU A 1 48  ? 15.057  2.287   9.066   1.00 54.49  ? 400 LEU A CA  1 
ATOM   386  C C   . LEU A 1 48  ? 14.522  2.115   10.495  1.00 55.64  ? 400 LEU A C   1 
ATOM   387  O O   . LEU A 1 48  ? 14.605  3.054   11.288  1.00 56.95  ? 400 LEU A O   1 
ATOM   388  C CB  . LEU A 1 48  ? 14.039  3.096   8.244   1.00 54.78  ? 400 LEU A CB  1 
ATOM   389  C CG  . LEU A 1 48  ? 14.464  3.535   6.837   1.00 55.24  ? 400 LEU A CG  1 
ATOM   390  C CD1 . LEU A 1 48  ? 13.311  4.206   6.108   1.00 55.39  ? 400 LEU A CD1 1 
ATOM   391  C CD2 . LEU A 1 48  ? 15.664  4.464   6.890   1.00 55.70  ? 400 LEU A CD2 1 
ATOM   392  N N   . ASP A 1 49  ? 13.960  0.946   10.817  1.00 56.00  ? 401 ASP A N   1 
ATOM   393  C CA  . ASP A 1 49  ? 13.471  0.672   12.176  1.00 55.97  ? 401 ASP A CA  1 
ATOM   394  C C   . ASP A 1 49  ? 13.447  -0.825  12.499  1.00 56.13  ? 401 ASP A C   1 
ATOM   395  O O   . ASP A 1 49  ? 13.166  -1.654  11.629  1.00 56.21  ? 401 ASP A O   1 
ATOM   396  C CB  . ASP A 1 49  ? 12.071  1.265   12.373  1.00 56.59  ? 401 ASP A CB  1 
ATOM   397  C CG  . ASP A 1 49  ? 11.756  1.554   13.833  1.00 57.84  ? 401 ASP A CG  1 
ATOM   398  O OD1 . ASP A 1 49  ? 12.196  2.609   14.337  1.00 58.96  ? 401 ASP A OD1 1 
ATOM   399  O OD2 . ASP A 1 49  ? 11.060  0.737   14.473  1.00 58.32  ? 401 ASP A OD2 1 
ATOM   400  N N   . GLN A 1 50  ? 13.730  -1.149  13.762  1.00 56.05  ? 402 GLN A N   1 
ATOM   401  C CA  . GLN A 1 50  ? 13.753  -2.535  14.253  1.00 55.04  ? 402 GLN A CA  1 
ATOM   402  C C   . GLN A 1 50  ? 12.410  -3.257  14.128  1.00 52.66  ? 402 GLN A C   1 
ATOM   403  O O   . GLN A 1 50  ? 12.378  -4.471  13.928  1.00 52.43  ? 402 GLN A O   1 
ATOM   404  C CB  . GLN A 1 50  ? 14.206  -2.579  15.720  1.00 55.90  ? 402 GLN A CB  1 
ATOM   405  C CG  . GLN A 1 50  ? 15.692  -2.324  15.917  1.00 57.04  ? 402 GLN A CG  1 
ATOM   406  C CD  . GLN A 1 50  ? 16.111  -2.338  17.377  1.00 58.10  ? 402 GLN A CD  1 
ATOM   407  O OE1 . GLN A 1 50  ? 15.488  -2.991  18.217  1.00 59.04  ? 402 GLN A OE1 1 
ATOM   408  N NE2 . GLN A 1 50  ? 17.181  -1.615  17.686  1.00 58.62  ? 402 GLN A NE2 1 
ATOM   409  N N   . LYS A 1 51  ? 11.315  -2.508  14.246  1.00 50.53  ? 403 LYS A N   1 
ATOM   410  C CA  . LYS A 1 51  ? 9.967   -3.080  14.185  1.00 49.11  ? 403 LYS A CA  1 
ATOM   411  C C   . LYS A 1 51  ? 9.491   -3.427  12.770  1.00 46.46  ? 403 LYS A C   1 
ATOM   412  O O   . LYS A 1 51  ? 8.458   -4.080  12.621  1.00 46.12  ? 403 LYS A O   1 
ATOM   413  C CB  . LYS A 1 51  ? 8.963   -2.138  14.856  1.00 50.50  ? 403 LYS A CB  1 
ATOM   414  C CG  . LYS A 1 51  ? 9.287   -1.855  16.314  1.00 52.00  ? 403 LYS A CG  1 
ATOM   415  C CD  . LYS A 1 51  ? 8.045   -1.527  17.129  1.00 53.79  ? 403 LYS A CD  1 
ATOM   416  C CE  . LYS A 1 51  ? 8.407   -1.012  18.519  1.00 54.65  ? 403 LYS A CE  1 
ATOM   417  N NZ  . LYS A 1 51  ? 9.312   -1.933  19.269  1.00 54.84  ? 403 LYS A NZ  1 
ATOM   418  N N   . ILE A 1 52  ? 10.223  -2.982  11.746  1.00 44.48  ? 404 ILE A N   1 
ATOM   419  C CA  . ILE A 1 52  ? 9.930   -3.329  10.354  1.00 43.10  ? 404 ILE A CA  1 
ATOM   420  C C   . ILE A 1 52  ? 10.804  -4.512  9.937   1.00 42.00  ? 404 ILE A C   1 
ATOM   421  O O   . ILE A 1 52  ? 12.029  -4.447  10.047  1.00 41.18  ? 404 ILE A O   1 
ATOM   422  C CB  . ILE A 1 52  ? 10.194  -2.145  9.395   1.00 42.67  ? 404 ILE A CB  1 
ATOM   423  C CG1 . ILE A 1 52  ? 9.392   -0.910  9.825   1.00 43.04  ? 404 ILE A CG1 1 
ATOM   424  C CG2 . ILE A 1 52  ? 9.833   -2.527  7.959   1.00 42.47  ? 404 ILE A CG2 1 
ATOM   425  C CD1 . ILE A 1 52  ? 9.874   0.387   9.208   1.00 43.42  ? 404 ILE A CD1 1 
ATOM   426  N N   . THR A 1 53  ? 10.165  -5.578  9.460   1.00 40.97  ? 405 THR A N   1 
ATOM   427  C CA  . THR A 1 53  ? 10.854  -6.776  8.976   1.00 40.41  ? 405 THR A CA  1 
ATOM   428  C C   . THR A 1 53  ? 10.537  -6.967  7.495   1.00 39.15  ? 405 THR A C   1 
ATOM   429  O O   . THR A 1 53  ? 9.384   -6.838  7.092   1.00 39.32  ? 405 THR A O   1 
ATOM   430  C CB  . THR A 1 53  ? 10.406  -8.027  9.768   1.00 40.23  ? 405 THR A CB  1 
ATOM   431  O OG1 . THR A 1 53  ? 10.841  -7.914  11.129  1.00 40.50  ? 405 THR A OG1 1 
ATOM   432  C CG2 . THR A 1 53  ? 10.984  -9.310  9.170   1.00 40.19  ? 405 THR A CG2 1 
ATOM   433  N N   . LEU A 1 54  ? 11.561  -7.260  6.696   1.00 38.78  ? 406 LEU A N   1 
ATOM   434  C CA  . LEU A 1 54  ? 11.369  -7.728  5.320   1.00 39.44  ? 406 LEU A CA  1 
ATOM   435  C C   . LEU A 1 54  ? 11.479  -9.252  5.288   1.00 39.72  ? 406 LEU A C   1 
ATOM   436  O O   . LEU A 1 54  ? 12.488  -9.815  5.729   1.00 38.05  ? 406 LEU A O   1 
ATOM   437  C CB  . LEU A 1 54  ? 12.404  -7.116  4.368   1.00 39.47  ? 406 LEU A CB  1 
ATOM   438  C CG  . LEU A 1 54  ? 12.385  -7.611  2.913   1.00 39.49  ? 406 LEU A CG  1 
ATOM   439  C CD1 . LEU A 1 54  ? 11.055  -7.291  2.244   1.00 39.97  ? 406 LEU A CD1 1 
ATOM   440  C CD2 . LEU A 1 54  ? 13.541  -7.014  2.126   1.00 39.93  ? 406 LEU A CD2 1 
ATOM   441  N N   . GLU A 1 55  ? 10.437  -9.903  4.772   1.00 40.27  ? 407 GLU A N   1 
ATOM   442  C CA  . GLU A 1 55  ? 10.470  -11.330 4.461   1.00 41.58  ? 407 GLU A CA  1 
ATOM   443  C C   . GLU A 1 55  ? 10.305  -11.525 2.959   1.00 41.15  ? 407 GLU A C   1 
ATOM   444  O O   . GLU A 1 55  ? 9.498   -10.844 2.317   1.00 39.54  ? 407 GLU A O   1 
ATOM   445  C CB  . GLU A 1 55  ? 9.388   -12.085 5.234   1.00 43.09  ? 407 GLU A CB  1 
ATOM   446  C CG  . GLU A 1 55  ? 9.664   -12.110 6.731   1.00 44.80  ? 407 GLU A CG  1 
ATOM   447  C CD  . GLU A 1 55  ? 8.721   -12.994 7.533   1.00 46.55  ? 407 GLU A CD  1 
ATOM   448  O OE1 . GLU A 1 55  ? 7.794   -13.611 6.951   1.00 46.83  ? 407 GLU A OE1 1 
ATOM   449  O OE2 . GLU A 1 55  ? 8.919   -13.064 8.768   1.00 46.95  ? 407 GLU A OE2 1 
ATOM   450  N N   . THR A 1 56  ? 11.085  -12.454 2.410   1.00 41.02  ? 408 THR A N   1 
ATOM   451  C CA  . THR A 1 56  ? 11.115  -12.717 0.977   1.00 41.35  ? 408 THR A CA  1 
ATOM   452  C C   . THR A 1 56  ? 10.659  -14.150 0.692   1.00 41.35  ? 408 THR A C   1 
ATOM   453  O O   . THR A 1 56  ? 11.153  -15.101 1.300   1.00 40.81  ? 408 THR A O   1 
ATOM   454  C CB  . THR A 1 56  ? 12.533  -12.493 0.418   1.00 41.16  ? 408 THR A CB  1 
ATOM   455  O OG1 . THR A 1 56  ? 12.961  -11.163 0.733   1.00 41.00  ? 408 THR A OG1 1 
ATOM   456  C CG2 . THR A 1 56  ? 12.574  -12.689 -1.097  1.00 41.85  ? 408 THR A CG2 1 
ATOM   457  N N   . ILE A 1 57  ? 9.702   -14.280 -0.224  1.00 41.82  ? 409 ILE A N   1 
ATOM   458  C CA  . ILE A 1 57  ? 9.258   -15.568 -0.750  1.00 42.88  ? 409 ILE A CA  1 
ATOM   459  C C   . ILE A 1 57  ? 9.371   -15.499 -2.268  1.00 42.45  ? 409 ILE A C   1 
ATOM   460  O O   . ILE A 1 57  ? 8.977   -14.506 -2.872  1.00 40.89  ? 409 ILE A O   1 
ATOM   461  C CB  . ILE A 1 57  ? 7.797   -15.873 -0.332  1.00 44.01  ? 409 ILE A CB  1 
ATOM   462  C CG1 . ILE A 1 57  ? 7.736   -16.175 1.170   1.00 44.34  ? 409 ILE A CG1 1 
ATOM   463  C CG2 . ILE A 1 57  ? 7.223   -17.043 -1.134  1.00 44.07  ? 409 ILE A CG2 1 
ATOM   464  C CD1 . ILE A 1 57  ? 6.335   -16.329 1.721   1.00 45.19  ? 409 ILE A CD1 1 
ATOM   465  N N   . LEU A 1 58  ? 9.904   -16.551 -2.884  1.00 43.99  ? 410 LEU A N   1 
ATOM   466  C CA  . LEU A 1 58  ? 9.986   -16.601 -4.342  1.00 44.67  ? 410 LEU A CA  1 
ATOM   467  C C   . LEU A 1 58  ? 8.608   -16.821 -4.965  1.00 45.10  ? 410 LEU A C   1 
ATOM   468  O O   . LEU A 1 58  ? 7.806   -17.607 -4.460  1.00 44.25  ? 410 LEU A O   1 
ATOM   469  C CB  . LEU A 1 58  ? 10.970  -17.671 -4.825  1.00 45.70  ? 410 LEU A CB  1 
ATOM   470  C CG  . LEU A 1 58  ? 12.395  -17.163 -5.065  1.00 46.97  ? 410 LEU A CG  1 
ATOM   471  C CD1 . LEU A 1 58  ? 13.015  -16.603 -3.792  1.00 47.54  ? 410 LEU A CD1 1 
ATOM   472  C CD2 . LEU A 1 58  ? 13.252  -18.277 -5.653  1.00 47.83  ? 410 LEU A CD2 1 
ATOM   473  N N   . LYS A 1 59  ? 8.356   -16.099 -6.057  1.00 45.81  ? 411 LYS A N   1 
ATOM   474  C CA  . LYS A 1 59  ? 7.139   -16.226 -6.860  1.00 46.57  ? 411 LYS A CA  1 
ATOM   475  C C   . LYS A 1 59  ? 6.965   -17.669 -7.348  1.00 46.00  ? 411 LYS A C   1 
ATOM   476  O O   . LYS A 1 59  ? 7.933   -18.315 -7.750  1.00 44.70  ? 411 LYS A O   1 
ATOM   477  C CB  . LYS A 1 59  ? 7.236   -15.275 -8.062  1.00 47.58  ? 411 LYS A CB  1 
ATOM   478  C CG  . LYS A 1 59  ? 6.071   -15.286 -9.054  1.00 48.43  ? 411 LYS A CG  1 
ATOM   479  C CD  . LYS A 1 59  ? 5.133   -14.096 -8.911  1.00 49.11  ? 411 LYS A CD  1 
ATOM   480  C CE  . LYS A 1 59  ? 3.832   -14.442 -8.215  1.00 49.72  ? 411 LYS A CE  1 
ATOM   481  N NZ  . LYS A 1 59  ? 2.914   -15.254 -9.066  1.00 50.73  ? 411 LYS A NZ  1 
ATOM   482  N N   . ASP A 1 60  ? 5.725   -18.157 -7.282  1.00 46.56  ? 412 ASP A N   1 
ATOM   483  C CA  . ASP A 1 60  ? 5.338   -19.516 -7.705  1.00 47.01  ? 412 ASP A CA  1 
ATOM   484  C C   . ASP A 1 60  ? 5.932   -20.669 -6.868  1.00 46.54  ? 412 ASP A C   1 
ATOM   485  O O   . ASP A 1 60  ? 5.989   -21.801 -7.347  1.00 46.90  ? 412 ASP A O   1 
ATOM   486  C CB  . ASP A 1 60  ? 5.630   -19.737 -9.207  1.00 47.11  ? 412 ASP A CB  1 
ATOM   487  C CG  . ASP A 1 60  ? 5.030   -18.658 -10.093 1.00 47.72  ? 412 ASP A CG  1 
ATOM   488  O OD1 . ASP A 1 60  ? 3.918   -18.172 -9.792  1.00 49.00  ? 412 ASP A OD1 1 
ATOM   489  O OD2 . ASP A 1 60  ? 5.670   -18.299 -11.104 1.00 48.89  ? 412 ASP A OD2 1 
ATOM   490  N N   . THR A 1 61  ? 6.363   -20.389 -5.635  1.00 46.55  ? 413 THR A N   1 
ATOM   491  C CA  . THR A 1 61  ? 6.764   -21.436 -4.681  1.00 46.81  ? 413 THR A CA  1 
ATOM   492  C C   . THR A 1 61  ? 5.769   -21.623 -3.526  1.00 48.04  ? 413 THR A C   1 
ATOM   493  O O   . THR A 1 61  ? 5.860   -22.611 -2.806  1.00 47.95  ? 413 THR A O   1 
ATOM   494  C CB  . THR A 1 61  ? 8.160   -21.168 -4.074  1.00 46.10  ? 413 THR A CB  1 
ATOM   495  O OG1 . THR A 1 61  ? 8.131   -19.975 -3.280  1.00 45.99  ? 413 THR A OG1 1 
ATOM   496  C CG2 . THR A 1 61  ? 9.207   -21.030 -5.163  1.00 46.28  ? 413 THR A CG2 1 
ATOM   497  N N   . GLU A 1 62  ? 4.838   -20.687 -3.338  1.00 48.62  ? 414 GLU A N   1 
ATOM   498  C CA  . GLU A 1 62  ? 3.853   -20.774 -2.257  1.00 49.71  ? 414 GLU A CA  1 
ATOM   499  C C   . GLU A 1 62  ? 2.457   -20.427 -2.794  1.00 49.13  ? 414 GLU A C   1 
ATOM   500  O O   . GLU A 1 62  ? 1.923   -19.358 -2.482  1.00 49.09  ? 414 GLU A O   1 
ATOM   501  C CB  . GLU A 1 62  ? 4.242   -19.833 -1.104  1.00 51.28  ? 414 GLU A CB  1 
ATOM   502  C CG  . GLU A 1 62  ? 5.608   -20.091 -0.468  1.00 52.02  ? 414 GLU A CG  1 
ATOM   503  C CD  . GLU A 1 62  ? 5.725   -21.425 0.247   1.00 54.10  ? 414 GLU A CD  1 
ATOM   504  O OE1 . GLU A 1 62  ? 4.689   -22.038 0.584   1.00 55.57  ? 414 GLU A OE1 1 
ATOM   505  O OE2 . GLU A 1 62  ? 6.872   -21.861 0.486   1.00 55.95  ? 414 GLU A OE2 1 
ATOM   506  N N   . PRO A 1 63  ? 1.858   -21.330 -3.604  1.00 47.89  ? 415 PRO A N   1 
ATOM   507  C CA  . PRO A 1 63  ? 0.532   -21.068 -4.185  1.00 47.03  ? 415 PRO A CA  1 
ATOM   508  C C   . PRO A 1 63  ? -0.576  -20.787 -3.160  1.00 46.13  ? 415 PRO A C   1 
ATOM   509  O O   . PRO A 1 63  ? -1.463  -19.980 -3.433  1.00 45.52  ? 415 PRO A O   1 
ATOM   510  C CB  . PRO A 1 63  ? 0.227   -22.353 -4.966  1.00 47.80  ? 415 PRO A CB  1 
ATOM   511  C CG  . PRO A 1 63  ? 1.554   -22.961 -5.242  1.00 47.55  ? 415 PRO A CG  1 
ATOM   512  C CD  . PRO A 1 63  ? 2.384   -22.639 -4.041  1.00 47.71  ? 415 PRO A CD  1 
ATOM   513  N N   . ALA A 1 64  ? -0.521  -21.450 -2.005  1.00 46.30  ? 416 ALA A N   1 
ATOM   514  C CA  . ALA A 1 64  ? -1.469  -21.203 -0.909  1.00 46.48  ? 416 ALA A CA  1 
ATOM   515  C C   . ALA A 1 64  ? -1.391  -19.762 -0.394  1.00 47.27  ? 416 ALA A C   1 
ATOM   516  O O   . ALA A 1 64  ? -2.420  -19.118 -0.184  1.00 47.74  ? 416 ALA A O   1 
ATOM   517  C CB  . ALA A 1 64  ? -1.223  -22.179 0.234   1.00 46.15  ? 416 ALA A CB  1 
ATOM   518  N N   . LYS A 1 65  ? -0.170  -19.266 -0.200  1.00 48.00  ? 417 LYS A N   1 
ATOM   519  C CA  . LYS A 1 65  ? 0.050   -17.884 0.245   1.00 48.56  ? 417 LYS A CA  1 
ATOM   520  C C   . LYS A 1 65  ? -0.353  -16.872 -0.822  1.00 47.91  ? 417 LYS A C   1 
ATOM   521  O O   . LYS A 1 65  ? -1.002  -15.873 -0.511  1.00 47.59  ? 417 LYS A O   1 
ATOM   522  C CB  . LYS A 1 65  ? 1.507   -17.666 0.661   1.00 49.81  ? 417 LYS A CB  1 
ATOM   523  C CG  . LYS A 1 65  ? 1.884   -18.457 1.898   1.00 50.69  ? 417 LYS A CG  1 
ATOM   524  C CD  . LYS A 1 65  ? 3.308   -18.192 2.353   1.00 52.07  ? 417 LYS A CD  1 
ATOM   525  C CE  . LYS A 1 65  ? 3.784   -19.263 3.326   1.00 52.93  ? 417 LYS A CE  1 
ATOM   526  N NZ  . LYS A 1 65  ? 4.629   -18.702 4.414   1.00 53.97  ? 417 LYS A NZ  1 
ATOM   527  N N   . GLU A 1 66  ? 0.009   -17.143 -2.076  1.00 47.10  ? 418 GLU A N   1 
ATOM   528  C CA  . GLU A 1 66  ? -0.365  -16.263 -3.193  1.00 47.26  ? 418 GLU A CA  1 
ATOM   529  C C   . GLU A 1 66  ? -1.882  -16.142 -3.372  1.00 48.52  ? 418 GLU A C   1 
ATOM   530  O O   . GLU A 1 66  ? -2.382  -15.075 -3.728  1.00 49.38  ? 418 GLU A O   1 
ATOM   531  C CB  . GLU A 1 66  ? 0.296   -16.720 -4.497  1.00 46.07  ? 418 GLU A CB  1 
ATOM   532  C CG  . GLU A 1 66  ? 1.806   -16.528 -4.494  1.00 45.52  ? 418 GLU A CG  1 
ATOM   533  C CD  . GLU A 1 66  ? 2.455   -16.698 -5.853  1.00 45.02  ? 418 GLU A CD  1 
ATOM   534  O OE1 . GLU A 1 66  ? 3.649   -17.059 -5.885  1.00 44.28  ? 418 GLU A OE1 1 
ATOM   535  O OE2 . GLU A 1 66  ? 1.798   -16.461 -6.891  1.00 44.92  ? 418 GLU A OE2 1 
ATOM   536  N N   . LEU A 1 67  ? -2.597  -17.239 -3.128  1.00 50.11  ? 419 LEU A N   1 
ATOM   537  C CA  . LEU A 1 67  ? -4.063  -17.234 -3.089  1.00 50.39  ? 419 LEU A CA  1 
ATOM   538  C C   . LEU A 1 67  ? -4.574  -16.352 -1.952  1.00 49.22  ? 419 LEU A C   1 
ATOM   539  O O   . LEU A 1 67  ? -5.460  -15.518 -2.155  1.00 49.19  ? 419 LEU A O   1 
ATOM   540  C CB  . LEU A 1 67  ? -4.603  -18.664 -2.915  1.00 51.40  ? 419 LEU A CB  1 
ATOM   541  C CG  . LEU A 1 67  ? -6.110  -18.856 -2.694  1.00 52.03  ? 419 LEU A CG  1 
ATOM   542  C CD1 . LEU A 1 67  ? -6.892  -18.396 -3.915  1.00 52.22  ? 419 LEU A CD1 1 
ATOM   543  C CD2 . LEU A 1 67  ? -6.420  -20.308 -2.364  1.00 52.90  ? 419 LEU A CD2 1 
ATOM   544  N N   . LEU A 1 68  ? -4.002  -16.551 -0.767  1.00 48.69  ? 420 LEU A N   1 
ATOM   545  C CA  . LEU A 1 68  ? -4.402  -15.835 0.450   1.00 49.31  ? 420 LEU A CA  1 
ATOM   546  C C   . LEU A 1 68  ? -4.244  -14.309 0.357   1.00 48.52  ? 420 LEU A C   1 
ATOM   547  O O   . LEU A 1 68  ? -5.062  -13.575 0.913   1.00 48.97  ? 420 LEU A O   1 
ATOM   548  C CB  . LEU A 1 68  ? -3.605  -16.373 1.648   1.00 50.48  ? 420 LEU A CB  1 
ATOM   549  C CG  . LEU A 1 68  ? -3.931  -15.871 3.056   1.00 51.83  ? 420 LEU A CG  1 
ATOM   550  C CD1 . LEU A 1 68  ? -5.388  -16.117 3.419   1.00 52.28  ? 420 LEU A CD1 1 
ATOM   551  C CD2 . LEU A 1 68  ? -3.008  -16.551 4.057   1.00 52.57  ? 420 LEU A CD2 1 
ATOM   552  N N   . TYR A 1 69  ? -3.200  -13.849 -0.336  1.00 46.73  ? 421 TYR A N   1 
ATOM   553  C CA  . TYR A 1 69  ? -2.943  -12.413 -0.524  1.00 45.74  ? 421 TYR A CA  1 
ATOM   554  C C   . TYR A 1 69  ? -3.399  -11.876 -1.882  1.00 46.20  ? 421 TYR A C   1 
ATOM   555  O O   . TYR A 1 69  ? -3.366  -10.659 -2.102  1.00 45.41  ? 421 TYR A O   1 
ATOM   556  C CB  . TYR A 1 69  ? -1.453  -12.109 -0.337  1.00 44.62  ? 421 TYR A CB  1 
ATOM   557  C CG  . TYR A 1 69  ? -0.865  -12.699 0.928   1.00 43.84  ? 421 TYR A CG  1 
ATOM   558  C CD1 . TYR A 1 69  ? -1.462  -12.479 2.168   1.00 44.22  ? 421 TYR A CD1 1 
ATOM   559  C CD2 . TYR A 1 69  ? 0.288   -13.472 0.889   1.00 43.17  ? 421 TYR A CD2 1 
ATOM   560  C CE1 . TYR A 1 69  ? -0.929  -13.025 3.329   1.00 44.06  ? 421 TYR A CE1 1 
ATOM   561  C CE2 . TYR A 1 69  ? 0.827   -14.021 2.046   1.00 43.70  ? 421 TYR A CE2 1 
ATOM   562  C CZ  . TYR A 1 69  ? 0.212   -13.792 3.266   1.00 43.53  ? 421 TYR A CZ  1 
ATOM   563  O OH  . TYR A 1 69  ? 0.728   -14.317 4.428   1.00 44.18  ? 421 TYR A OH  1 
ATOM   564  N N   . GLY A 1 70  ? -3.810  -12.768 -2.787  1.00 45.62  ? 422 GLY A N   1 
ATOM   565  C CA  . GLY A 1 70  ? -4.316  -12.372 -4.100  1.00 45.75  ? 422 GLY A CA  1 
ATOM   566  C C   . GLY A 1 70  ? -3.230  -11.791 -4.985  1.00 47.13  ? 422 GLY A C   1 
ATOM   567  O O   . GLY A 1 70  ? -3.442  -10.770 -5.645  1.00 47.69  ? 422 GLY A O   1 
ATOM   568  N N   . ILE A 1 71  ? -2.078  -12.458 -5.013  1.00 47.74  ? 423 ILE A N   1 
ATOM   569  C CA  . ILE A 1 71  ? -0.898  -11.948 -5.709  1.00 48.66  ? 423 ILE A CA  1 
ATOM   570  C C   . ILE A 1 71  ? -1.087  -12.132 -7.217  1.00 50.64  ? 423 ILE A C   1 
ATOM   571  O O   . ILE A 1 71  ? -0.945  -13.240 -7.735  1.00 51.76  ? 423 ILE A O   1 
ATOM   572  C CB  . ILE A 1 71  ? 0.408   -12.649 -5.243  1.00 48.05  ? 423 ILE A CB  1 
ATOM   573  C CG1 . ILE A 1 71  ? 0.588   -12.557 -3.715  1.00 48.14  ? 423 ILE A CG1 1 
ATOM   574  C CG2 . ILE A 1 71  ? 1.622   -12.064 -5.963  1.00 48.28  ? 423 ILE A CG2 1 
ATOM   575  C CD1 . ILE A 1 71  ? 0.619   -11.153 -3.143  1.00 48.08  ? 423 ILE A CD1 1 
ATOM   576  N N   . GLU A 1 72  ? -1.427  -11.039 -7.902  1.00 53.26  ? 424 GLU A N   1 
ATOM   577  C CA  . GLU A 1 72  ? -1.631  -11.033 -9.353  1.00 54.47  ? 424 GLU A CA  1 
ATOM   578  C C   . GLU A 1 72  ? -0.542  -10.212 -10.041 1.00 52.25  ? 424 GLU A C   1 
ATOM   579  O O   . GLU A 1 72  ? 0.270   -10.757 -10.790 1.00 51.89  ? 424 GLU A O   1 
ATOM   580  C CB  . GLU A 1 72  ? -3.013  -10.466 -9.694  1.00 58.78  ? 424 GLU A CB  1 
ATOM   581  C CG  . GLU A 1 72  ? -4.182  -11.286 -9.162  1.00 62.92  ? 424 GLU A CG  1 
ATOM   582  C CD  . GLU A 1 72  ? -5.476  -10.489 -9.094  1.00 67.17  ? 424 GLU A CD  1 
ATOM   583  O OE1 . GLU A 1 72  ? -5.782  -9.754  -10.061 1.00 70.57  ? 424 GLU A OE1 1 
ATOM   584  O OE2 . GLU A 1 72  ? -6.188  -10.599 -8.069  1.00 69.96  ? 424 GLU A OE2 1 
ATOM   585  N N   . LYS A 1 73  ? -0.516  -8.909  -9.763  1.00 50.81  ? 425 LYS A N   1 
ATOM   586  C CA  . LYS A 1 73  ? 0.404   -7.986  -10.428 1.00 48.80  ? 425 LYS A CA  1 
ATOM   587  C C   . LYS A 1 73  ? 1.795   -8.064  -9.818  1.00 46.78  ? 425 LYS A C   1 
ATOM   588  O O   . LYS A 1 73  ? 1.945   -8.354  -8.631  1.00 46.60  ? 425 LYS A O   1 
ATOM   589  C CB  . LYS A 1 73  ? -0.117  -6.553  -10.342 1.00 49.36  ? 425 LYS A CB  1 
ATOM   590  C CG  . LYS A 1 73  ? -1.468  -6.354  -11.004 1.00 50.04  ? 425 LYS A CG  1 
ATOM   591  C CD  . LYS A 1 73  ? -1.880  -4.890  -11.007 1.00 50.14  ? 425 LYS A CD  1 
ATOM   592  C CE  . LYS A 1 73  ? -3.386  -4.731  -11.154 1.00 50.53  ? 425 LYS A CE  1 
ATOM   593  N NZ  . LYS A 1 73  ? -4.110  -4.930  -9.865  1.00 50.56  ? 425 LYS A NZ  1 
ATOM   594  N N   . MET A 1 74  ? 2.806   -7.797  -10.641 1.00 45.11  ? 426 MET A N   1 
ATOM   595  C CA  . MET A 1 74  ? 4.203   -7.854  -10.221 1.00 44.46  ? 426 MET A CA  1 
ATOM   596  C C   . MET A 1 74  ? 4.944   -6.570  -10.627 1.00 43.79  ? 426 MET A C   1 
ATOM   597  O O   . MET A 1 74  ? 4.603   -5.969  -11.648 1.00 44.29  ? 426 MET A O   1 
ATOM   598  C CB  . MET A 1 74  ? 4.879   -9.084  -10.829 1.00 44.18  ? 426 MET A CB  1 
ATOM   599  C CG  . MET A 1 74  ? 4.441   -10.402 -10.200 1.00 44.07  ? 426 MET A CG  1 
ATOM   600  S SD  . MET A 1 74  ? 5.059   -10.639 -8.515  1.00 43.87  ? 426 MET A SD  1 
ATOM   601  C CE  . MET A 1 74  ? 6.800   -10.907 -8.843  1.00 43.51  ? 426 MET A CE  1 
ATOM   602  N N   . PRO A 1 75  ? 5.938   -6.125  -9.847  1.00 42.37  ? 427 PRO A N   1 
ATOM   603  C CA  . PRO A 1 75  ? 6.357   -6.742  -8.581  1.00 41.35  ? 427 PRO A CA  1 
ATOM   604  C C   . PRO A 1 75  ? 5.356   -6.481  -7.453  1.00 40.11  ? 427 PRO A C   1 
ATOM   605  O O   . PRO A 1 75  ? 4.477   -5.630  -7.602  1.00 39.26  ? 427 PRO A O   1 
ATOM   606  C CB  . PRO A 1 75  ? 7.684   -6.046  -8.292  1.00 41.91  ? 427 PRO A CB  1 
ATOM   607  C CG  . PRO A 1 75  ? 7.500   -4.684  -8.870  1.00 42.25  ? 427 PRO A CG  1 
ATOM   608  C CD  . PRO A 1 75  ? 6.697   -4.894  -10.127 1.00 42.14  ? 427 PRO A CD  1 
ATOM   609  N N   . SER A 1 76  ? 5.489   -7.212  -6.348  1.00 38.87  ? 428 SER A N   1 
ATOM   610  C CA  . SER A 1 76  ? 4.467   -7.236  -5.303  1.00 38.58  ? 428 SER A CA  1 
ATOM   611  C C   . SER A 1 76  ? 5.059   -7.286  -3.904  1.00 38.47  ? 428 SER A C   1 
ATOM   612  O O   . SER A 1 76  ? 6.005   -8.033  -3.648  1.00 38.92  ? 428 SER A O   1 
ATOM   613  C CB  . SER A 1 76  ? 3.562   -8.455  -5.487  1.00 39.08  ? 428 SER A CB  1 
ATOM   614  O OG  . SER A 1 76  ? 2.434   -8.395  -4.627  1.00 38.42  ? 428 SER A OG  1 
ATOM   615  N N   . VAL A 1 77  ? 4.485   -6.488  -3.007  1.00 37.16  ? 429 VAL A N   1 
ATOM   616  C CA  . VAL A 1 77  ? 4.771   -6.578  -1.584  1.00 37.07  ? 429 VAL A CA  1 
ATOM   617  C C   . VAL A 1 77  ? 3.481   -6.313  -0.814  1.00 37.14  ? 429 VAL A C   1 
ATOM   618  O O   . VAL A 1 77  ? 2.699   -5.437  -1.189  1.00 37.02  ? 429 VAL A O   1 
ATOM   619  C CB  . VAL A 1 77  ? 5.902   -5.612  -1.144  1.00 37.87  ? 429 VAL A CB  1 
ATOM   620  C CG1 . VAL A 1 77  ? 5.613   -4.168  -1.553  1.00 37.91  ? 429 VAL A CG1 1 
ATOM   621  C CG2 . VAL A 1 77  ? 6.155   -5.714  0.361   1.00 37.79  ? 429 VAL A CG2 1 
ATOM   622  N N   . VAL A 1 78  ? 3.271   -7.084  0.250   1.00 37.19  ? 430 VAL A N   1 
ATOM   623  C CA  . VAL A 1 78  ? 2.086   -6.959  1.100   1.00 37.96  ? 430 VAL A CA  1 
ATOM   624  C C   . VAL A 1 78  ? 2.508   -6.675  2.532   1.00 38.17  ? 430 VAL A C   1 
ATOM   625  O O   . VAL A 1 78  ? 3.637   -6.970  2.931   1.00 36.88  ? 430 VAL A O   1 
ATOM   626  C CB  . VAL A 1 78  ? 1.178   -8.216  1.062   1.00 38.46  ? 430 VAL A CB  1 
ATOM   627  C CG1 . VAL A 1 78  ? 0.467   -8.318  -0.279  1.00 39.23  ? 430 VAL A CG1 1 
ATOM   628  C CG2 . VAL A 1 78  ? 1.941   -9.502  1.369   1.00 38.51  ? 430 VAL A CG2 1 
ATOM   629  N N   . LEU A 1 79  ? 1.580   -6.109  3.296   1.00 39.73  ? 431 LEU A N   1 
ATOM   630  C CA  . LEU A 1 79  ? 1.819   -5.748  4.689   1.00 41.32  ? 431 LEU A CA  1 
ATOM   631  C C   . LEU A 1 79  ? 1.088   -6.702  5.628   1.00 41.01  ? 431 LEU A C   1 
ATOM   632  O O   . LEU A 1 79  ? -0.108  -6.940  5.469   1.00 39.70  ? 431 LEU A O   1 
ATOM   633  C CB  . LEU A 1 79  ? 1.382   -4.298  4.952   1.00 42.83  ? 431 LEU A CB  1 
ATOM   634  C CG  . LEU A 1 79  ? 2.514   -3.272  5.000   1.00 43.89  ? 431 LEU A CG  1 
ATOM   635  C CD1 . LEU A 1 79  ? 1.973   -1.855  4.951   1.00 44.85  ? 431 LEU A CD1 1 
ATOM   636  C CD2 . LEU A 1 79  ? 3.323   -3.469  6.264   1.00 45.10  ? 431 LEU A CD2 1 
ATOM   637  N N   . LEU A 1 80  ? 1.828   -7.232  6.599   1.00 41.90  ? 432 LEU A N   1 
ATOM   638  C CA  . LEU A 1 80  ? 1.290   -8.100  7.644   1.00 43.97  ? 432 LEU A CA  1 
ATOM   639  C C   . LEU A 1 80  ? 1.454   -7.400  8.994   1.00 45.80  ? 432 LEU A C   1 
ATOM   640  O O   . LEU A 1 80  ? 2.484   -6.762  9.239   1.00 44.72  ? 432 LEU A O   1 
ATOM   641  C CB  . LEU A 1 80  ? 2.037   -9.442  7.659   1.00 43.80  ? 432 LEU A CB  1 
ATOM   642  C CG  . LEU A 1 80  ? 1.632   -10.568 6.696   1.00 43.49  ? 432 LEU A CG  1 
ATOM   643  C CD1 . LEU A 1 80  ? 1.236   -10.067 5.316   1.00 43.95  ? 432 LEU A CD1 1 
ATOM   644  C CD2 . LEU A 1 80  ? 2.764   -11.580 6.585   1.00 43.28  ? 432 LEU A CD2 1 
ATOM   645  N N   . ASP A 1 81  ? 0.451   -7.530  9.868   1.00 48.17  ? 433 ASP A N   1 
ATOM   646  C CA  . ASP A 1 81  ? 0.535   -6.983  11.238  1.00 50.02  ? 433 ASP A CA  1 
ATOM   647  C C   . ASP A 1 81  ? 1.439   -7.857  12.123  1.00 49.83  ? 433 ASP A C   1 
ATOM   648  O O   . ASP A 1 81  ? 2.018   -8.833  11.641  1.00 48.93  ? 433 ASP A O   1 
ATOM   649  C CB  . ASP A 1 81  ? -0.869  -6.753  11.852  1.00 51.24  ? 433 ASP A CB  1 
ATOM   650  C CG  . ASP A 1 81  ? -1.673  -8.042  12.055  1.00 52.57  ? 433 ASP A CG  1 
ATOM   651  O OD1 . ASP A 1 81  ? -1.132  -9.040  12.580  1.00 53.09  ? 433 ASP A OD1 1 
ATOM   652  O OD2 . ASP A 1 81  ? -2.872  -8.040  11.699  1.00 53.01  ? 433 ASP A OD2 1 
ATOM   653  N N   . ALA A 1 82  ? 1.565   -7.501  13.403  1.00 51.17  ? 434 ALA A N   1 
ATOM   654  C CA  . ALA A 1 82  ? 2.424   -8.236  14.347  1.00 52.18  ? 434 ALA A CA  1 
ATOM   655  C C   . ALA A 1 82  ? 2.050   -9.713  14.505  1.00 52.47  ? 434 ALA A C   1 
ATOM   656  O O   . ALA A 1 82  ? 2.930   -10.561 14.653  1.00 54.12  ? 434 ALA A O   1 
ATOM   657  C CB  . ALA A 1 82  ? 2.421   -7.550  15.706  1.00 52.14  ? 434 ALA A CB  1 
ATOM   658  N N   . ALA A 1 83  ? 0.753   -10.012 14.457  1.00 53.15  ? 435 ALA A N   1 
ATOM   659  C CA  . ALA A 1 83  ? 0.258   -11.395 14.561  1.00 53.06  ? 435 ALA A CA  1 
ATOM   660  C C   . ALA A 1 83  ? 0.504   -12.254 13.308  1.00 52.22  ? 435 ALA A C   1 
ATOM   661  O O   . ALA A 1 83  ? 0.317   -13.472 13.355  1.00 52.23  ? 435 ALA A O   1 
ATOM   662  C CB  . ALA A 1 83  ? -1.227  -11.395 14.909  1.00 53.04  ? 435 ALA A CB  1 
ATOM   663  N N   . GLY A 1 84  ? 0.899   -11.623 12.199  1.00 51.23  ? 436 GLY A N   1 
ATOM   664  C CA  . GLY A 1 84  ? 1.201   -12.316 10.945  1.00 49.92  ? 436 GLY A CA  1 
ATOM   665  C C   . GLY A 1 84  ? 0.054   -12.315 9.950   1.00 49.72  ? 436 GLY A C   1 
ATOM   666  O O   . GLY A 1 84  ? 0.150   -12.951 8.901   1.00 50.68  ? 436 GLY A O   1 
ATOM   667  N N   . ASN A 1 85  ? -1.021  -11.586 10.262  1.00 49.74  ? 437 ASN A N   1 
ATOM   668  C CA  . ASN A 1 85  ? -2.232  -11.575 9.438   1.00 49.91  ? 437 ASN A CA  1 
ATOM   669  C C   . ASN A 1 85  ? -2.167  -10.501 8.359   1.00 48.88  ? 437 ASN A C   1 
ATOM   670  O O   . ASN A 1 85  ? -1.547  -9.454  8.547   1.00 49.10  ? 437 ASN A O   1 
ATOM   671  C CB  . ASN A 1 85  ? -3.468  -11.351 10.313  1.00 51.09  ? 437 ASN A CB  1 
ATOM   672  C CG  . ASN A 1 85  ? -3.650  -12.441 11.355  1.00 52.29  ? 437 ASN A CG  1 
ATOM   673  O OD1 . ASN A 1 85  ? -3.692  -12.167 12.556  1.00 53.24  ? 437 ASN A OD1 1 
ATOM   674  N ND2 . ASN A 1 85  ? -3.741  -13.689 10.899  1.00 52.50  ? 437 ASN A ND2 1 
ATOM   675  N N   . TYR A 1 86  ? -2.827  -10.771 7.237   1.00 47.31  ? 438 TYR A N   1 
ATOM   676  C CA  . TYR A 1 86  ? -2.836  -9.867  6.092   1.00 46.21  ? 438 TYR A CA  1 
ATOM   677  C C   . TYR A 1 86  ? -3.705  -8.649  6.397   1.00 46.52  ? 438 TYR A C   1 
ATOM   678  O O   . TYR A 1 86  ? -4.881  -8.789  6.740   1.00 47.51  ? 438 TYR A O   1 
ATOM   679  C CB  . TYR A 1 86  ? -3.349  -10.599 4.845   1.00 44.78  ? 438 TYR A CB  1 
ATOM   680  C CG  . TYR A 1 86  ? -3.370  -9.789  3.560   1.00 43.84  ? 438 TYR A CG  1 
ATOM   681  C CD1 . TYR A 1 86  ? -2.310  -8.941  3.210   1.00 43.88  ? 438 TYR A CD1 1 
ATOM   682  C CD2 . TYR A 1 86  ? -4.443  -9.895  2.672   1.00 43.03  ? 438 TYR A CD2 1 
ATOM   683  C CE1 . TYR A 1 86  ? -2.340  -8.206  2.029   1.00 43.64  ? 438 TYR A CE1 1 
ATOM   684  C CE2 . TYR A 1 86  ? -4.474  -9.166  1.490   1.00 43.39  ? 438 TYR A CE2 1 
ATOM   685  C CZ  . TYR A 1 86  ? -3.421  -8.325  1.173   1.00 43.62  ? 438 TYR A CZ  1 
ATOM   686  O OH  . TYR A 1 86  ? -3.446  -7.601  0.008   1.00 43.26  ? 438 TYR A OH  1 
ATOM   687  N N   . THR A 1 87  ? -3.109  -7.463  6.266   1.00 45.70  ? 439 THR A N   1 
ATOM   688  C CA  . THR A 1 87  ? -3.781  -6.194  6.557   1.00 44.76  ? 439 THR A CA  1 
ATOM   689  C C   . THR A 1 87  ? -4.716  -5.721  5.441   1.00 44.35  ? 439 THR A C   1 
ATOM   690  O O   . THR A 1 87  ? -5.515  -4.812  5.654   1.00 44.82  ? 439 THR A O   1 
ATOM   691  C CB  . THR A 1 87  ? -2.749  -5.072  6.800   1.00 44.95  ? 439 THR A CB  1 
ATOM   692  O OG1 . THR A 1 87  ? -1.887  -4.950  5.659   1.00 43.90  ? 439 THR A OG1 1 
ATOM   693  C CG2 . THR A 1 87  ? -1.914  -5.367  8.033   1.00 44.82  ? 439 THR A CG2 1 
ATOM   694  N N   . GLY A 1 88  ? -4.600  -6.321  4.258   1.00 43.84  ? 440 GLY A N   1 
ATOM   695  C CA  . GLY A 1 88  ? -5.294  -5.853  3.062   1.00 43.56  ? 440 GLY A CA  1 
ATOM   696  C C   . GLY A 1 88  ? -4.523  -4.788  2.295   1.00 43.13  ? 440 GLY A C   1 
ATOM   697  O O   . GLY A 1 88  ? -4.998  -4.319  1.259   1.00 43.23  ? 440 GLY A O   1 
ATOM   698  N N   . ILE A 1 89  ? -3.335  -4.416  2.782   1.00 41.89  ? 441 ILE A N   1 
ATOM   699  C CA  . ILE A 1 89  ? -2.536  -3.358  2.173   1.00 41.93  ? 441 ILE A CA  1 
ATOM   700  C C   . ILE A 1 89  ? -1.476  -3.997  1.285   1.00 41.38  ? 441 ILE A C   1 
ATOM   701  O O   . ILE A 1 89  ? -0.689  -4.830  1.742   1.00 40.50  ? 441 ILE A O   1 
ATOM   702  C CB  . ILE A 1 89  ? -1.879  -2.451  3.236   1.00 42.20  ? 441 ILE A CB  1 
ATOM   703  C CG1 . ILE A 1 89  ? -2.962  -1.693  4.018   1.00 42.40  ? 441 ILE A CG1 1 
ATOM   704  C CG2 . ILE A 1 89  ? -0.917  -1.459  2.585   1.00 41.88  ? 441 ILE A CG2 1 
ATOM   705  C CD1 . ILE A 1 89  ? -2.486  -1.148  5.348   1.00 42.65  ? 441 ILE A CD1 1 
ATOM   706  N N   . LYS A 1 90  ? -1.462  -3.576  0.021   1.00 41.32  ? 442 LYS A N   1 
ATOM   707  C CA  . LYS A 1 90  ? -0.587  -4.138  -1.000  1.00 42.13  ? 442 LYS A CA  1 
ATOM   708  C C   . LYS A 1 90  ? -0.005  -3.012  -1.845  1.00 40.86  ? 442 LYS A C   1 
ATOM   709  O O   . LYS A 1 90  ? -0.627  -1.961  -2.005  1.00 39.97  ? 442 LYS A O   1 
ATOM   710  C CB  . LYS A 1 90  ? -1.395  -5.094  -1.886  1.00 43.16  ? 442 LYS A CB  1 
ATOM   711  C CG  . LYS A 1 90  ? -0.592  -5.896  -2.908  1.00 44.32  ? 442 LYS A CG  1 
ATOM   712  C CD  . LYS A 1 90  ? -1.499  -6.642  -3.881  1.00 45.67  ? 442 LYS A CD  1 
ATOM   713  C CE  . LYS A 1 90  ? -2.261  -7.782  -3.223  1.00 46.43  ? 442 LYS A CE  1 
ATOM   714  N NZ  . LYS A 1 90  ? -3.181  -8.442  -4.188  1.00 47.96  ? 442 LYS A NZ  1 
ATOM   715  N N   . PHE A 1 91  ? 1.193   -3.248  -2.376  1.00 40.57  ? 443 PHE A N   1 
ATOM   716  C CA  . PHE A 1 91  ? 1.827   -2.351  -3.335  1.00 40.51  ? 443 PHE A CA  1 
ATOM   717  C C   . PHE A 1 91  ? 2.227   -3.168  -4.558  1.00 41.12  ? 443 PHE A C   1 
ATOM   718  O O   . PHE A 1 91  ? 2.999   -4.121  -4.444  1.00 41.09  ? 443 PHE A O   1 
ATOM   719  C CB  . PHE A 1 91  ? 3.050   -1.677  -2.712  1.00 40.02  ? 443 PHE A CB  1 
ATOM   720  C CG  . PHE A 1 91  ? 2.722   -0.799  -1.538  1.00 39.82  ? 443 PHE A CG  1 
ATOM   721  C CD1 . PHE A 1 91  ? 2.640   -1.331  -0.255  1.00 39.51  ? 443 PHE A CD1 1 
ATOM   722  C CD2 . PHE A 1 91  ? 2.484   0.559   -1.713  1.00 39.70  ? 443 PHE A CD2 1 
ATOM   723  C CE1 . PHE A 1 91  ? 2.332   -0.523  0.831   1.00 39.72  ? 443 PHE A CE1 1 
ATOM   724  C CE2 . PHE A 1 91  ? 2.175   1.373   -0.633  1.00 40.02  ? 443 PHE A CE2 1 
ATOM   725  C CZ  . PHE A 1 91  ? 2.099   0.832   0.642   1.00 40.04  ? 443 PHE A CZ  1 
ATOM   726  N N   . SER A 1 92  ? 1.670   -2.805  -5.711  1.00 41.44  ? 444 SER A N   1 
ATOM   727  C CA  . SER A 1 92  ? 2.001   -3.428  -6.988  1.00 41.49  ? 444 SER A CA  1 
ATOM   728  C C   . SER A 1 92  ? 2.867   -2.454  -7.781  1.00 41.53  ? 444 SER A C   1 
ATOM   729  O O   . SER A 1 92  ? 2.375   -1.462  -8.323  1.00 40.27  ? 444 SER A O   1 
ATOM   730  C CB  . SER A 1 92  ? 0.726   -3.792  -7.746  1.00 41.42  ? 444 SER A CB  1 
ATOM   731  O OG  . SER A 1 92  ? -0.024  -4.748  -7.011  1.00 41.03  ? 444 SER A OG  1 
ATOM   732  N N   . GLY A 1 93  ? 4.161   -2.756  -7.841  1.00 42.47  ? 445 GLY A N   1 
ATOM   733  C CA  . GLY A 1 93  ? 5.181   -1.814  -8.286  1.00 43.54  ? 445 GLY A CA  1 
ATOM   734  C C   . GLY A 1 93  ? 6.014   -1.392  -7.092  1.00 44.76  ? 445 GLY A C   1 
ATOM   735  O O   . GLY A 1 93  ? 5.810   -1.880  -5.974  1.00 46.12  ? 445 GLY A O   1 
ATOM   736  N N   . ILE A 1 94  ? 6.954   -0.484  -7.335  1.00 44.86  ? 446 ILE A N   1 
ATOM   737  C CA  . ILE A 1 94  ? 7.844   0.032   -6.300  1.00 44.33  ? 446 ILE A CA  1 
ATOM   738  C C   . ILE A 1 94  ? 7.295   1.378   -5.829  1.00 45.09  ? 446 ILE A C   1 
ATOM   739  O O   . ILE A 1 94  ? 7.163   2.295   -6.645  1.00 46.35  ? 446 ILE A O   1 
ATOM   740  C CB  . ILE A 1 94  ? 9.279   0.222   -6.836  1.00 44.05  ? 446 ILE A CB  1 
ATOM   741  C CG1 . ILE A 1 94  ? 9.775   -1.061  -7.516  1.00 43.77  ? 446 ILE A CG1 1 
ATOM   742  C CG2 . ILE A 1 94  ? 10.227  0.602   -5.704  1.00 44.17  ? 446 ILE A CG2 1 
ATOM   743  C CD1 . ILE A 1 94  ? 11.033  -0.879  -8.331  1.00 44.02  ? 446 ILE A CD1 1 
ATOM   744  N N   . PRO A 1 95  ? 6.984   1.519   -4.521  1.00 44.86  ? 447 PRO A N   1 
ATOM   745  C CA  . PRO A 1 95  ? 6.540   2.813   -4.000  1.00 45.03  ? 447 PRO A CA  1 
ATOM   746  C C   . PRO A 1 95  ? 7.730   3.725   -3.655  1.00 45.27  ? 447 PRO A C   1 
ATOM   747  O O   . PRO A 1 95  ? 7.883   4.155   -2.506  1.00 44.15  ? 447 PRO A O   1 
ATOM   748  C CB  . PRO A 1 95  ? 5.737   2.414   -2.759  1.00 44.69  ? 447 PRO A CB  1 
ATOM   749  C CG  . PRO A 1 95  ? 6.445   1.207   -2.253  1.00 44.37  ? 447 PRO A CG  1 
ATOM   750  C CD  . PRO A 1 95  ? 7.008   0.496   -3.458  1.00 44.55  ? 447 PRO A CD  1 
ATOM   751  N N   . SER A 1 96  ? 8.555   4.015   -4.661  1.00 46.24  ? 448 SER A N   1 
ATOM   752  C CA  . SER A 1 96  ? 9.737   4.863   -4.510  1.00 47.61  ? 448 SER A CA  1 
ATOM   753  C C   . SER A 1 96  ? 9.367   6.299   -4.867  1.00 49.03  ? 448 SER A C   1 
ATOM   754  O O   . SER A 1 96  ? 8.219   6.580   -5.234  1.00 49.09  ? 448 SER A O   1 
ATOM   755  C CB  . SER A 1 96  ? 10.875  4.361   -5.406  1.00 47.41  ? 448 SER A CB  1 
ATOM   756  O OG  . SER A 1 96  ? 10.479  4.326   -6.764  1.00 48.35  ? 448 SER A OG  1 
ATOM   757  N N   . GLY A 1 97  ? 10.337  7.204   -4.738  1.00 50.82  ? 449 GLY A N   1 
ATOM   758  C CA  . GLY A 1 97  ? 10.131  8.611   -5.046  1.00 50.61  ? 449 GLY A CA  1 
ATOM   759  C C   . GLY A 1 97  ? 9.102   9.198   -4.104  1.00 51.01  ? 449 GLY A C   1 
ATOM   760  O O   . GLY A 1 97  ? 9.265   9.135   -2.884  1.00 50.95  ? 449 GLY A O   1 
ATOM   761  N N   . HIS A 1 98  ? 8.021   9.723   -4.671  1.00 51.08  ? 450 HIS A N   1 
ATOM   762  C CA  . HIS A 1 98  ? 6.991   10.388  -3.882  1.00 51.76  ? 450 HIS A CA  1 
ATOM   763  C C   . HIS A 1 98  ? 6.022   9.416   -3.199  1.00 49.96  ? 450 HIS A C   1 
ATOM   764  O O   . HIS A 1 98  ? 5.378   9.781   -2.213  1.00 47.94  ? 450 HIS A O   1 
ATOM   765  C CB  . HIS A 1 98  ? 6.226   11.395  -4.742  1.00 54.62  ? 450 HIS A CB  1 
ATOM   766  C CG  . HIS A 1 98  ? 5.679   12.543  -3.960  1.00 58.31  ? 450 HIS A CG  1 
ATOM   767  N ND1 . HIS A 1 98  ? 4.330   12.752  -3.792  1.00 60.29  ? 450 HIS A ND1 1 
ATOM   768  C CD2 . HIS A 1 98  ? 6.304   13.529  -3.272  1.00 60.77  ? 450 HIS A CD2 1 
ATOM   769  C CE1 . HIS A 1 98  ? 4.144   13.826  -3.047  1.00 61.23  ? 450 HIS A CE1 1 
ATOM   770  N NE2 . HIS A 1 98  ? 5.326   14.316  -2.717  1.00 62.20  ? 450 HIS A NE2 1 
ATOM   771  N N   . GLU A 1 99  ? 5.922   8.188   -3.717  1.00 49.16  ? 451 GLU A N   1 
ATOM   772  C CA  . GLU A 1 99  ? 5.098   7.140   -3.093  1.00 47.44  ? 451 GLU A CA  1 
ATOM   773  C C   . GLU A 1 99  ? 5.693   6.534   -1.813  1.00 45.64  ? 451 GLU A C   1 
ATOM   774  O O   . GLU A 1 99  ? 5.012   5.768   -1.132  1.00 46.35  ? 451 GLU A O   1 
ATOM   775  C CB  . GLU A 1 99  ? 4.762   6.028   -4.101  1.00 47.31  ? 451 GLU A CB  1 
ATOM   776  C CG  . GLU A 1 99  ? 3.748   6.435   -5.163  1.00 47.80  ? 451 GLU A CG  1 
ATOM   777  C CD  . GLU A 1 99  ? 2.415   6.892   -4.584  1.00 48.17  ? 451 GLU A CD  1 
ATOM   778  O OE1 . GLU A 1 99  ? 1.902   6.232   -3.659  1.00 47.94  ? 451 GLU A OE1 1 
ATOM   779  O OE2 . GLU A 1 99  ? 1.876   7.918   -5.052  1.00 49.15  ? 451 GLU A OE2 1 
ATOM   780  N N   . VAL A 1 100 ? 6.936   6.881   -1.475  1.00 44.54  ? 452 VAL A N   1 
ATOM   781  C CA  . VAL A 1 100 ? 7.513   6.565   -0.156  1.00 44.18  ? 452 VAL A CA  1 
ATOM   782  C C   . VAL A 1 100 ? 6.575   7.012   0.977   1.00 43.51  ? 452 VAL A C   1 
ATOM   783  O O   . VAL A 1 100 ? 6.481   6.344   2.008   1.00 44.09  ? 452 VAL A O   1 
ATOM   784  C CB  . VAL A 1 100 ? 8.924   7.195   0.007   1.00 44.62  ? 452 VAL A CB  1 
ATOM   785  C CG1 . VAL A 1 100 ? 9.401   7.169   1.459   1.00 45.39  ? 452 VAL A CG1 1 
ATOM   786  C CG2 . VAL A 1 100 ? 9.933   6.473   -0.877  1.00 44.51  ? 452 VAL A CG2 1 
ATOM   787  N N   . ASN A 1 101 ? 5.887   8.134   0.768   1.00 42.87  ? 453 ASN A N   1 
ATOM   788  C CA  . ASN A 1 101 ? 4.829   8.606   1.671   1.00 42.96  ? 453 ASN A CA  1 
ATOM   789  C C   . ASN A 1 101 ? 3.742   7.560   1.952   1.00 41.88  ? 453 ASN A C   1 
ATOM   790  O O   . ASN A 1 101 ? 3.317   7.400   3.096   1.00 41.35  ? 453 ASN A O   1 
ATOM   791  C CB  . ASN A 1 101 ? 4.179   9.873   1.101   1.00 44.10  ? 453 ASN A CB  1 
ATOM   792  C CG  . ASN A 1 101 ? 5.076   11.092  1.215   1.00 44.77  ? 453 ASN A CG  1 
ATOM   793  O OD1 . ASN A 1 101 ? 5.232   11.656  2.297   1.00 46.67  ? 453 ASN A OD1 1 
ATOM   794  N ND2 . ASN A 1 101 ? 5.662   11.509  0.099   1.00 44.34  ? 453 ASN A ND2 1 
ATOM   795  N N   . SER A 1 102 ? 3.293   6.865   0.907   1.00 41.63  ? 454 SER A N   1 
ATOM   796  C CA  . SER A 1 102 ? 2.266   5.818   1.040   1.00 41.08  ? 454 SER A CA  1 
ATOM   797  C C   . SER A 1 102 ? 2.735   4.642   1.891   1.00 39.80  ? 454 SER A C   1 
ATOM   798  O O   . SER A 1 102 ? 2.025   4.207   2.795   1.00 38.22  ? 454 SER A O   1 
ATOM   799  C CB  . SER A 1 102 ? 1.840   5.303   -0.332  1.00 41.31  ? 454 SER A CB  1 
ATOM   800  O OG  . SER A 1 102 ? 1.384   6.366   -1.144  1.00 41.82  ? 454 SER A OG  1 
ATOM   801  N N   . LEU A 1 103 ? 3.933   4.141   1.599   1.00 39.65  ? 455 LEU A N   1 
ATOM   802  C CA  . LEU A 1 103 ? 4.508   3.030   2.358   1.00 39.72  ? 455 LEU A CA  1 
ATOM   803  C C   . LEU A 1 103 ? 4.727   3.396   3.825   1.00 39.90  ? 455 LEU A C   1 
ATOM   804  O O   . LEU A 1 103 ? 4.432   2.588   4.706   1.00 40.15  ? 455 LEU A O   1 
ATOM   805  C CB  . LEU A 1 103 ? 5.827   2.563   1.732   1.00 39.60  ? 455 LEU A CB  1 
ATOM   806  C CG  . LEU A 1 103 ? 6.473   1.308   2.330   1.00 39.24  ? 455 LEU A CG  1 
ATOM   807  C CD1 . LEU A 1 103 ? 5.527   0.114   2.281   1.00 39.27  ? 455 LEU A CD1 1 
ATOM   808  C CD2 . LEU A 1 103 ? 7.770   0.988   1.605   1.00 39.40  ? 455 LEU A CD2 1 
ATOM   809  N N   . VAL A 1 104 ? 5.232   4.607   4.070   1.00 39.90  ? 456 VAL A N   1 
ATOM   810  C CA  . VAL A 1 104 ? 5.450   5.118   5.434   1.00 40.06  ? 456 VAL A CA  1 
ATOM   811  C C   . VAL A 1 104 ? 4.139   5.174   6.225   1.00 39.79  ? 456 VAL A C   1 
ATOM   812  O O   . VAL A 1 104 ? 4.077   4.677   7.350   1.00 39.78  ? 456 VAL A O   1 
ATOM   813  C CB  . VAL A 1 104 ? 6.141   6.513   5.414   1.00 40.99  ? 456 VAL A CB  1 
ATOM   814  C CG1 . VAL A 1 104 ? 6.080   7.208   6.776   1.00 40.68  ? 456 VAL A CG1 1 
ATOM   815  C CG2 . VAL A 1 104 ? 7.589   6.384   4.957   1.00 41.22  ? 456 VAL A CG2 1 
ATOM   816  N N   . LEU A 1 105 ? 3.109   5.779   5.636   1.00 40.39  ? 457 LEU A N   1 
ATOM   817  C CA  . LEU A 1 105 ? 1.785   5.877   6.278   1.00 41.78  ? 457 LEU A CA  1 
ATOM   818  C C   . LEU A 1 105 ? 1.140   4.504   6.540   1.00 42.05  ? 457 LEU A C   1 
ATOM   819  O O   . LEU A 1 105 ? 0.568   4.285   7.613   1.00 41.74  ? 457 LEU A O   1 
ATOM   820  C CB  . LEU A 1 105 ? 0.825   6.774   5.467   1.00 42.60  ? 457 LEU A CB  1 
ATOM   821  C CG  . LEU A 1 105 ? 0.753   8.280   5.801   1.00 43.33  ? 457 LEU A CG  1 
ATOM   822  C CD1 . LEU A 1 105 ? 0.120   8.509   7.169   1.00 43.70  ? 457 LEU A CD1 1 
ATOM   823  C CD2 . LEU A 1 105 ? 2.104   8.982   5.716   1.00 42.75  ? 457 LEU A CD2 1 
ATOM   824  N N   . ALA A 1 106 ? 1.234   3.595   5.564   1.00 42.13  ? 458 ALA A N   1 
ATOM   825  C CA  . ALA A 1 106 ? 0.730   2.221   5.715   1.00 42.27  ? 458 ALA A CA  1 
ATOM   826  C C   . ALA A 1 106 ? 1.405   1.498   6.879   1.00 42.08  ? 458 ALA A C   1 
ATOM   827  O O   . ALA A 1 106 ? 0.733   0.917   7.731   1.00 41.46  ? 458 ALA A O   1 
ATOM   828  C CB  . ALA A 1 106 ? 0.933   1.432   4.430   1.00 42.68  ? 458 ALA A CB  1 
ATOM   829  N N   . VAL A 1 107 ? 2.735   1.558   6.908   1.00 42.39  ? 459 VAL A N   1 
ATOM   830  C CA  . VAL A 1 107 ? 3.527   0.970   7.990   1.00 43.13  ? 459 VAL A CA  1 
ATOM   831  C C   . VAL A 1 107 ? 3.161   1.590   9.344   1.00 44.47  ? 459 VAL A C   1 
ATOM   832  O O   . VAL A 1 107 ? 3.064   0.874   10.343  1.00 45.69  ? 459 VAL A O   1 
ATOM   833  C CB  . VAL A 1 107 ? 5.050   1.105   7.724   1.00 43.12  ? 459 VAL A CB  1 
ATOM   834  C CG1 . VAL A 1 107 ? 5.876   0.734   8.957   1.00 43.40  ? 459 VAL A CG1 1 
ATOM   835  C CG2 . VAL A 1 107 ? 5.469   0.239   6.541   1.00 43.24  ? 459 VAL A CG2 1 
ATOM   836  N N   . TYR A 1 108 ? 2.959   2.908   9.369   1.00 45.19  ? 460 TYR A N   1 
ATOM   837  C CA  . TYR A 1 108 ? 2.562   3.610   10.594  1.00 44.95  ? 460 TYR A CA  1 
ATOM   838  C C   . TYR A 1 108 ? 1.194   3.163   11.114  1.00 44.75  ? 460 TYR A C   1 
ATOM   839  O O   . TYR A 1 108 ? 1.048   2.875   12.303  1.00 44.76  ? 460 TYR A O   1 
ATOM   840  C CB  . TYR A 1 108 ? 2.562   5.133   10.385  1.00 45.56  ? 460 TYR A CB  1 
ATOM   841  C CG  . TYR A 1 108 ? 1.942   5.884   11.544  1.00 45.86  ? 460 TYR A CG  1 
ATOM   842  C CD1 . TYR A 1 108 ? 2.637   6.052   12.741  1.00 46.13  ? 460 TYR A CD1 1 
ATOM   843  C CD2 . TYR A 1 108 ? 0.644   6.392   11.457  1.00 46.53  ? 460 TYR A CD2 1 
ATOM   844  C CE1 . TYR A 1 108 ? 2.065   6.725   13.813  1.00 46.88  ? 460 TYR A CE1 1 
ATOM   845  C CE2 . TYR A 1 108 ? 0.064   7.064   12.525  1.00 47.21  ? 460 TYR A CE2 1 
ATOM   846  C CZ  . TYR A 1 108 ? 0.778   7.230   13.699  1.00 47.36  ? 460 TYR A CZ  1 
ATOM   847  O OH  . TYR A 1 108 ? 0.203   7.899   14.757  1.00 49.21  ? 460 TYR A OH  1 
ATOM   848  N N   . ASN A 1 109 ? 0.200   3.127   10.227  1.00 45.24  ? 461 ASN A N   1 
ATOM   849  C CA  . ASN A 1 109 ? -1.169  2.748   10.607  1.00 46.76  ? 461 ASN A CA  1 
ATOM   850  C C   . ASN A 1 109 ? -1.292  1.287   11.058  1.00 47.61  ? 461 ASN A C   1 
ATOM   851  O O   . ASN A 1 109 ? -2.120  0.971   11.915  1.00 47.95  ? 461 ASN A O   1 
ATOM   852  C CB  . ASN A 1 109 ? -2.154  3.027   9.462   1.00 47.30  ? 461 ASN A CB  1 
ATOM   853  C CG  . ASN A 1 109 ? -2.389  4.513   9.239   1.00 48.26  ? 461 ASN A CG  1 
ATOM   854  O OD1 . ASN A 1 109 ? -2.623  5.266   10.187  1.00 49.12  ? 461 ASN A OD1 1 
ATOM   855  N ND2 . ASN A 1 109 ? -2.348  4.939   7.981   1.00 48.36  ? 461 ASN A ND2 1 
ATOM   856  N N   . VAL A 1 110 ? -0.475  0.409   10.477  1.00 48.77  ? 462 VAL A N   1 
ATOM   857  C CA  . VAL A 1 110 ? -0.420  -1.005  10.876  1.00 49.04  ? 462 VAL A CA  1 
ATOM   858  C C   . VAL A 1 110 ? 0.426   -1.184  12.144  1.00 49.55  ? 462 VAL A C   1 
ATOM   859  O O   . VAL A 1 110 ? 0.081   -1.991  13.011  1.00 48.89  ? 462 VAL A O   1 
ATOM   860  C CB  . VAL A 1 110 ? 0.124   -1.889  9.723   1.00 48.61  ? 462 VAL A CB  1 
ATOM   861  C CG1 . VAL A 1 110 ? 0.376   -3.326  10.179  1.00 48.25  ? 462 VAL A CG1 1 
ATOM   862  C CG2 . VAL A 1 110 ? -0.845  -1.872  8.546   1.00 48.32  ? 462 VAL A CG2 1 
ATOM   863  N N   . GLY A 1 111 ? 1.524   -0.433  12.241  1.00 50.80  ? 463 GLY A N   1 
ATOM   864  C CA  . GLY A 1 111 ? 2.458   -0.537  13.367  1.00 52.77  ? 463 GLY A CA  1 
ATOM   865  C C   . GLY A 1 111 ? 2.183   0.350   14.573  1.00 54.29  ? 463 GLY A C   1 
ATOM   866  O O   . GLY A 1 111 ? 3.043   0.474   15.448  1.00 53.50  ? 463 GLY A O   1 
ATOM   867  N N   . SER A 1 112 ? 1.002   0.968   14.628  1.00 56.97  ? 464 SER A N   1 
ATOM   868  C CA  . SER A 1 112 ? 0.607   1.804   15.766  1.00 59.21  ? 464 SER A CA  1 
ATOM   869  C C   . SER A 1 112 ? -0.916  1.878   15.885  1.00 62.71  ? 464 SER A C   1 
ATOM   870  O O   . SER A 1 112 ? -1.642  1.246   15.109  1.00 61.52  ? 464 SER A O   1 
ATOM   871  C CB  . SER A 1 112 ? 1.202   3.212   15.623  1.00 58.52  ? 464 SER A CB  1 
ATOM   872  O OG  . SER A 1 112 ? 0.468   3.998   14.698  1.00 57.53  ? 464 SER A OG  1 
ATOM   873  N N   . GLU A 1 113 ? -1.388  2.661   16.856  1.00 68.27  ? 465 GLU A N   1 
ATOM   874  C CA  . GLU A 1 113 ? -2.824  2.913   17.037  1.00 71.65  ? 465 GLU A CA  1 
ATOM   875  C C   . GLU A 1 113 ? -3.386  3.853   15.961  1.00 72.64  ? 465 GLU A C   1 
ATOM   876  O O   . GLU A 1 113 ? -4.596  3.867   15.728  1.00 72.09  ? 465 GLU A O   1 
ATOM   877  C CB  . GLU A 1 113 ? -3.113  3.506   18.428  1.00 74.03  ? 465 GLU A CB  1 
ATOM   878  C CG  . GLU A 1 113 ? -2.512  2.758   19.617  1.00 75.39  ? 465 GLU A CG  1 
ATOM   879  C CD  . GLU A 1 113 ? -2.764  1.261   19.585  1.00 77.78  ? 465 GLU A CD  1 
ATOM   880  O OE1 . GLU A 1 113 ? -3.900  0.850   19.263  1.00 79.10  ? 465 GLU A OE1 1 
ATOM   881  O OE2 . GLU A 1 113 ? -1.823  0.495   19.884  1.00 81.21  ? 465 GLU A OE2 1 
ATOM   882  N N   . GLY A 1 114 ? -2.510  4.633   15.321  1.00 74.27  ? 466 GLY A N   1 
ATOM   883  C CA  . GLY A 1 114 ? -2.911  5.612   14.315  1.00 75.70  ? 466 GLY A CA  1 
ATOM   884  C C   . GLY A 1 114 ? -3.201  6.948   14.968  1.00 77.63  ? 466 GLY A C   1 
ATOM   885  O O   . GLY A 1 114 ? -3.155  7.072   16.197  1.00 76.10  ? 466 GLY A O   1 
ATOM   886  N N   . GLN A 1 115 ? -3.493  7.950   14.144  1.00 79.77  ? 467 GLN A N   1 
ATOM   887  C CA  . GLN A 1 115 ? -3.884  9.268   14.646  1.00 81.35  ? 467 GLN A CA  1 
ATOM   888  C C   . GLN A 1 115 ? -5.285  9.207   15.256  1.00 84.09  ? 467 GLN A C   1 
ATOM   889  O O   . GLN A 1 115 ? -6.091  8.357   14.863  1.00 82.82  ? 467 GLN A O   1 
ATOM   890  C CB  . GLN A 1 115 ? -3.845  10.315  13.527  1.00 80.40  ? 467 GLN A CB  1 
ATOM   891  C CG  . GLN A 1 115 ? -2.441  10.671  13.067  1.00 80.33  ? 467 GLN A CG  1 
ATOM   892  C CD  . GLN A 1 115 ? -1.666  11.448  14.117  1.00 80.69  ? 467 GLN A CD  1 
ATOM   893  O OE1 . GLN A 1 115 ? -2.015  12.581  14.450  1.00 81.34  ? 467 GLN A OE1 1 
ATOM   894  N NE2 . GLN A 1 115 ? -0.608  10.841  14.644  1.00 79.46  ? 467 GLN A NE2 1 
ATOM   895  N N   . PRO A 1 116 ? -5.581  10.097  16.228  1.00 87.46  ? 468 PRO A N   1 
ATOM   896  C CA  . PRO A 1 116 ? -6.940  10.139  16.766  1.00 88.78  ? 468 PRO A CA  1 
ATOM   897  C C   . PRO A 1 116 ? -7.915  10.629  15.698  1.00 89.60  ? 468 PRO A C   1 
ATOM   898  O O   . PRO A 1 116 ? -7.616  11.595  14.991  1.00 90.25  ? 468 PRO A O   1 
ATOM   899  C CB  . PRO A 1 116 ? -6.832  11.132  17.927  1.00 88.93  ? 468 PRO A CB  1 
ATOM   900  C CG  . PRO A 1 116 ? -5.682  12.007  17.571  1.00 88.64  ? 468 PRO A CG  1 
ATOM   901  C CD  . PRO A 1 116 ? -4.716  11.127  16.836  1.00 88.00  ? 468 PRO A CD  1 
ATOM   902  N N   . LEU A 1 117 ? -9.053  9.949   15.581  1.00 91.21  ? 469 LEU A N   1 
ATOM   903  C CA  . LEU A 1 117 ? -10.003 10.172  14.494  1.00 93.25  ? 469 LEU A CA  1 
ATOM   904  C C   . LEU A 1 117 ? -11.401 10.426  15.049  1.00 94.14  ? 469 LEU A C   1 
ATOM   905  O O   . LEU A 1 117 ? -11.740 9.940   16.133  1.00 93.56  ? 469 LEU A O   1 
ATOM   906  C CB  . LEU A 1 117 ? -10.014 8.944   13.577  1.00 94.05  ? 469 LEU A CB  1 
ATOM   907  C CG  . LEU A 1 117 ? -10.753 9.025   12.238  1.00 94.77  ? 469 LEU A CG  1 
ATOM   908  C CD1 . LEU A 1 117 ? -10.186 10.127  11.355  1.00 95.60  ? 469 LEU A CD1 1 
ATOM   909  C CD2 . LEU A 1 117 ? -10.677 7.681   11.530  1.00 95.18  ? 469 LEU A CD2 1 
ATOM   910  N N   . GLU A 1 118 ? -12.198 11.197  14.307  1.00 96.19  ? 470 GLU A N   1 
ATOM   911  C CA  . GLU A 1 118 ? -13.613 11.422  14.640  1.00 98.06  ? 470 GLU A CA  1 
ATOM   912  C C   . GLU A 1 118 ? -14.350 10.086  14.760  1.00 97.63  ? 470 GLU A C   1 
ATOM   913  O O   . GLU A 1 118 ? -14.156 9.193   13.932  1.00 98.80  ? 470 GLU A O   1 
ATOM   914  C CB  . GLU A 1 118 ? -14.308 12.309  13.588  1.00 99.72  ? 470 GLU A CB  1 
ATOM   915  C CG  . GLU A 1 118 ? -14.364 13.790  13.946  1.00 101.37 ? 470 GLU A CG  1 
ATOM   916  C CD  . GLU A 1 118 ? -15.548 14.146  14.835  1.00 102.79 ? 470 GLU A CD  1 
ATOM   917  O OE1 . GLU A 1 118 ? -15.324 14.690  15.937  1.00 103.26 ? 470 GLU A OE1 1 
ATOM   918  O OE2 . GLU A 1 118 ? -16.704 13.885  14.432  1.00 102.43 ? 470 GLU A OE2 1 
ATOM   919  N N   . ALA A 1 119 ? -15.173 9.955   15.800  1.00 96.07  ? 471 ALA A N   1 
ATOM   920  C CA  . ALA A 1 119 ? -15.941 8.727   16.039  1.00 94.73  ? 471 ALA A CA  1 
ATOM   921  C C   . ALA A 1 119 ? -16.919 8.432   14.900  1.00 93.74  ? 471 ALA A C   1 
ATOM   922  O O   . ALA A 1 119 ? -17.127 7.272   14.554  1.00 93.76  ? 471 ALA A O   1 
ATOM   923  C CB  . ALA A 1 119 ? -16.679 8.804   17.368  1.00 94.40  ? 471 ALA A CB  1 
ATOM   924  N N   . SER A 1 120 ? -17.500 9.484   14.319  1.00 91.81  ? 472 SER A N   1 
ATOM   925  C CA  . SER A 1 120 ? -18.368 9.355   13.141  1.00 91.24  ? 472 SER A CA  1 
ATOM   926  C C   . SER A 1 120 ? -17.651 8.696   11.957  1.00 90.97  ? 472 SER A C   1 
ATOM   927  O O   . SER A 1 120 ? -18.228 7.839   11.289  1.00 90.72  ? 472 SER A O   1 
ATOM   928  C CB  . SER A 1 120 ? -18.922 10.723  12.727  1.00 90.46  ? 472 SER A CB  1 
ATOM   929  O OG  . SER A 1 120 ? -17.880 11.663  12.528  1.00 89.79  ? 472 SER A OG  1 
ATOM   930  N N   . LEU A 1 121 ? -16.400 9.093   11.711  1.00 90.47  ? 473 LEU A N   1 
ATOM   931  C CA  . LEU A 1 121 ? -15.558 8.452   10.689  1.00 89.88  ? 473 LEU A CA  1 
ATOM   932  C C   . LEU A 1 121 ? -15.212 7.011   11.073  1.00 88.04  ? 473 LEU A C   1 
ATOM   933  O O   . LEU A 1 121 ? -15.323 6.105   10.248  1.00 85.94  ? 473 LEU A O   1 
ATOM   934  C CB  . LEU A 1 121 ? -14.261 9.241   10.466  1.00 90.65  ? 473 LEU A CB  1 
ATOM   935  C CG  . LEU A 1 121 ? -14.384 10.651  9.880   1.00 91.51  ? 473 LEU A CG  1 
ATOM   936  C CD1 . LEU A 1 121 ? -13.074 11.417  10.006  1.00 91.86  ? 473 LEU A CD1 1 
ATOM   937  C CD2 . LEU A 1 121 ? -14.826 10.598  8.426   1.00 91.20  ? 473 LEU A CD2 1 
ATOM   938  N N   . GLN A 1 122 ? -14.796 6.822   12.326  1.00 87.80  ? 474 GLN A N   1 
ATOM   939  C CA  . GLN A 1 122 ? -14.411 5.506   12.858  1.00 88.69  ? 474 GLN A CA  1 
ATOM   940  C C   . GLN A 1 122 ? -15.518 4.458   12.710  1.00 90.29  ? 474 GLN A C   1 
ATOM   941  O O   . GLN A 1 122 ? -15.246 3.328   12.298  1.00 92.32  ? 474 GLN A O   1 
ATOM   942  C CB  . GLN A 1 122 ? -13.988 5.640   14.333  1.00 88.87  ? 474 GLN A CB  1 
ATOM   943  C CG  . GLN A 1 122 ? -13.612 4.346   15.056  1.00 89.00  ? 474 GLN A CG  1 
ATOM   944  C CD  . GLN A 1 122 ? -12.466 3.589   14.407  1.00 89.28  ? 474 GLN A CD  1 
ATOM   945  O OE1 . GLN A 1 122 ? -11.619 4.170   13.728  1.00 89.35  ? 474 GLN A OE1 1 
ATOM   946  N NE2 . GLN A 1 122 ? -12.431 2.280   14.627  1.00 89.14  ? 474 GLN A NE2 1 
ATOM   947  N N   . LYS A 1 123 ? -16.755 4.834   13.037  1.00 90.78  ? 475 LYS A N   1 
ATOM   948  C CA  . LYS A 1 123 ? -17.897 3.917   12.920  1.00 90.35  ? 475 LYS A CA  1 
ATOM   949  C C   . LYS A 1 123 ? -18.298 3.689   11.460  1.00 88.05  ? 475 LYS A C   1 
ATOM   950  O O   . LYS A 1 123 ? -18.738 2.593   11.114  1.00 87.46  ? 475 LYS A O   1 
ATOM   951  C CB  . LYS A 1 123 ? -19.106 4.405   13.740  1.00 92.89  ? 475 LYS A CB  1 
ATOM   952  C CG  . LYS A 1 123 ? -18.877 4.676   15.235  1.00 94.96  ? 475 LYS A CG  1 
ATOM   953  C CD  . LYS A 1 123 ? -17.824 3.797   15.919  1.00 95.81  ? 475 LYS A CD  1 
ATOM   954  C CE  . LYS A 1 123 ? -17.404 4.351   17.277  1.00 96.16  ? 475 LYS A CE  1 
ATOM   955  N NZ  . LYS A 1 123 ? -18.428 4.164   18.344  1.00 96.00  ? 475 LYS A NZ  1 
ATOM   956  N N   . ASN A 1 124 ? -18.147 4.711   10.615  1.00 85.96  ? 476 ASN A N   1 
ATOM   957  C CA  . ASN A 1 124 ? -18.355 4.559   9.168   1.00 84.98  ? 476 ASN A CA  1 
ATOM   958  C C   . ASN A 1 124 ? -17.322 3.623   8.528   1.00 83.91  ? 476 ASN A C   1 
ATOM   959  O O   . ASN A 1 124 ? -17.672 2.846   7.641   1.00 84.61  ? 476 ASN A O   1 
ATOM   960  C CB  . ASN A 1 124 ? -18.328 5.916   8.446   1.00 85.44  ? 476 ASN A CB  1 
ATOM   961  C CG  . ASN A 1 124 ? -19.546 6.777   8.745   1.00 85.93  ? 476 ASN A CG  1 
ATOM   962  O OD1 . ASN A 1 124 ? -20.647 6.275   8.978   1.00 85.56  ? 476 ASN A OD1 1 
ATOM   963  N ND2 . ASN A 1 124 ? -19.350 8.091   8.728   1.00 85.69  ? 476 ASN A ND2 1 
ATOM   964  N N   . ILE A 1 125 ? -16.067 3.704   8.980   1.00 82.17  ? 477 ILE A N   1 
ATOM   965  C CA  . ILE A 1 125 ? -14.985 2.834   8.482   1.00 80.56  ? 477 ILE A CA  1 
ATOM   966  C C   . ILE A 1 125 ? -15.214 1.368   8.875   1.00 79.82  ? 477 ILE A C   1 
ATOM   967  O O   . ILE A 1 125 ? -15.076 0.474   8.037   1.00 79.68  ? 477 ILE A O   1 
ATOM   968  C CB  . ILE A 1 125 ? -13.587 3.317   8.952   1.00 79.98  ? 477 ILE A CB  1 
ATOM   969  C CG1 . ILE A 1 125 ? -13.229 4.639   8.257   1.00 79.83  ? 477 ILE A CG1 1 
ATOM   970  C CG2 . ILE A 1 125 ? -12.503 2.283   8.645   1.00 79.40  ? 477 ILE A CG2 1 
ATOM   971  C CD1 . ILE A 1 125 ? -12.131 5.431   8.938   1.00 79.35  ? 477 ILE A CD1 1 
ATOM   972  N N   . LEU A 1 126 ? -15.548 1.130   10.143  1.00 78.92  ? 478 LEU A N   1 
ATOM   973  C CA  . LEU A 1 126 ? -15.858 -0.224  10.628  1.00 79.08  ? 478 LEU A CA  1 
ATOM   974  C C   . LEU A 1 126 ? -17.133 -0.816  10.008  1.00 79.23  ? 478 LEU A C   1 
ATOM   975  O O   . LEU A 1 126 ? -17.263 -2.038  9.917   1.00 79.01  ? 478 LEU A O   1 
ATOM   976  C CB  . LEU A 1 126 ? -15.976 -0.241  12.159  1.00 78.91  ? 478 LEU A CB  1 
ATOM   977  C CG  . LEU A 1 126 ? -14.706 0.045   12.969  1.00 79.35  ? 478 LEU A CG  1 
ATOM   978  C CD1 . LEU A 1 126 ? -15.058 0.281   14.432  1.00 79.49  ? 478 LEU A CD1 1 
ATOM   979  C CD2 . LEU A 1 126 ? -13.693 -1.085  12.831  1.00 78.75  ? 478 LEU A CD2 1 
ATOM   980  N N   . ALA A 1 127 ? -18.061 0.046   9.586   1.00 80.39  ? 479 ALA A N   1 
ATOM   981  C CA  . ALA A 1 127 ? -19.337 -0.386  8.998   1.00 81.26  ? 479 ALA A CA  1 
ATOM   982  C C   . ALA A 1 127 ? -19.273 -0.881  7.543   1.00 80.85  ? 479 ALA A C   1 
ATOM   983  O O   . ALA A 1 127 ? -20.253 -1.461  7.066   1.00 80.83  ? 479 ALA A O   1 
ATOM   984  C CB  . ALA A 1 127 ? -20.369 0.733   9.114   1.00 81.35  ? 479 ALA A CB  1 
ATOM   985  N N   . LEU A 1 128 ? -18.160 -0.660  6.836   1.00 80.38  ? 480 LEU A N   1 
ATOM   986  C CA  . LEU A 1 128 ? -18.071 -1.048  5.414   1.00 80.62  ? 480 LEU A CA  1 
ATOM   987  C C   . LEU A 1 128 ? -18.130 -2.569  5.189   1.00 79.84  ? 480 LEU A C   1 
ATOM   988  O O   . LEU A 1 128 ? -17.759 -3.342  6.076   1.00 78.87  ? 480 LEU A O   1 
ATOM   989  C CB  . LEU A 1 128 ? -16.796 -0.504  4.737   1.00 81.38  ? 480 LEU A CB  1 
ATOM   990  C CG  . LEU A 1 128 ? -16.672 0.948   4.242   1.00 81.57  ? 480 LEU A CG  1 
ATOM   991  C CD1 . LEU A 1 128 ? -18.012 1.626   3.981   1.00 81.50  ? 480 LEU A CD1 1 
ATOM   992  C CD2 . LEU A 1 128 ? -15.855 1.776   5.211   1.00 81.90  ? 480 LEU A CD2 1 
ATOM   993  N N   . PRO A 1 129 ? -18.591 -2.995  3.992   1.00 79.45  ? 481 PRO A N   1 
ATOM   994  C CA  . PRO A 1 129 ? -18.601 -4.404  3.597   1.00 80.50  ? 481 PRO A CA  1 
ATOM   995  C C   . PRO A 1 129 ? -17.264 -4.851  2.982   1.00 81.75  ? 481 PRO A C   1 
ATOM   996  O O   . PRO A 1 129 ? -16.282 -4.104  3.024   1.00 81.23  ? 481 PRO A O   1 
ATOM   997  C CB  . PRO A 1 129 ? -19.721 -4.443  2.554   1.00 79.59  ? 481 PRO A CB  1 
ATOM   998  C CG  . PRO A 1 129 ? -19.617 -3.121  1.878   1.00 78.95  ? 481 PRO A CG  1 
ATOM   999  C CD  . PRO A 1 129 ? -19.188 -2.145  2.940   1.00 78.96  ? 481 PRO A CD  1 
ATOM   1000 N N   . LYS A 1 130 ? -17.238 -6.069  2.436   1.00 83.23  ? 482 LYS A N   1 
ATOM   1001 C CA  . LYS A 1 130 ? -16.104 -6.575  1.651   1.00 83.82  ? 482 LYS A CA  1 
ATOM   1002 C C   . LYS A 1 130 ? -15.857 -5.671  0.438   1.00 82.73  ? 482 LYS A C   1 
ATOM   1003 O O   . LYS A 1 130 ? -16.752 -5.489  -0.391  1.00 83.36  ? 482 LYS A O   1 
ATOM   1004 C CB  . LYS A 1 130 ? -16.383 -8.015  1.185   1.00 85.87  ? 482 LYS A CB  1 
ATOM   1005 C CG  . LYS A 1 130 ? -15.304 -8.668  0.319   1.00 87.46  ? 482 LYS A CG  1 
ATOM   1006 C CD  . LYS A 1 130 ? -14.165 -9.250  1.143   1.00 88.92  ? 482 LYS A CD  1 
ATOM   1007 C CE  . LYS A 1 130 ? -14.494 -10.647 1.648   1.00 89.78  ? 482 LYS A CE  1 
ATOM   1008 N NZ  . LYS A 1 130 ? -13.410 -11.201 2.505   1.00 90.18  ? 482 LYS A NZ  1 
ATOM   1009 N N   . ARG A 1 131 ? -14.646 -5.117  0.346   1.00 80.62  ? 483 ARG A N   1 
ATOM   1010 C CA  . ARG A 1 131 ? -14.267 -4.197  -0.733  1.00 78.52  ? 483 ARG A CA  1 
ATOM   1011 C C   . ARG A 1 131 ? -12.807 -4.394  -1.160  1.00 73.79  ? 483 ARG A C   1 
ATOM   1012 O O   . ARG A 1 131 ? -11.951 -4.716  -0.334  1.00 71.69  ? 483 ARG A O   1 
ATOM   1013 C CB  . ARG A 1 131 ? -14.498 -2.747  -0.289  1.00 81.13  ? 483 ARG A CB  1 
ATOM   1014 C CG  . ARG A 1 131 ? -15.933 -2.264  -0.457  1.00 83.57  ? 483 ARG A CG  1 
ATOM   1015 C CD  . ARG A 1 131 ? -16.236 -1.874  -1.898  1.00 85.50  ? 483 ARG A CD  1 
ATOM   1016 N NE  . ARG A 1 131 ? -17.558 -2.312  -2.355  1.00 87.75  ? 483 ARG A NE  1 
ATOM   1017 C CZ  . ARG A 1 131 ? -18.729 -1.808  -1.955  1.00 89.28  ? 483 ARG A CZ  1 
ATOM   1018 N NH1 . ARG A 1 131 ? -18.793 -0.834  -1.051  1.00 90.38  ? 483 ARG A NH1 1 
ATOM   1019 N NH2 . ARG A 1 131 ? -19.859 -2.296  -2.460  1.00 89.20  ? 483 ARG A NH2 1 
ATOM   1020 N N   . LYS A 1 132 ? -12.549 -4.207  -2.456  1.00 70.20  ? 484 LYS A N   1 
ATOM   1021 C CA  . LYS A 1 132 ? -11.202 -4.252  -3.031  1.00 69.21  ? 484 LYS A CA  1 
ATOM   1022 C C   . LYS A 1 132 ? -10.925 -2.938  -3.761  1.00 66.47  ? 484 LYS A C   1 
ATOM   1023 O O   . LYS A 1 132 ? -11.500 -2.686  -4.822  1.00 66.69  ? 484 LYS A O   1 
ATOM   1024 C CB  . LYS A 1 132 ? -11.064 -5.426  -4.009  1.00 69.90  ? 484 LYS A CB  1 
ATOM   1025 C CG  . LYS A 1 132 ? -10.569 -6.720  -3.382  1.00 70.83  ? 484 LYS A CG  1 
ATOM   1026 C CD  . LYS A 1 132 ? -10.354 -7.792  -4.443  1.00 72.17  ? 484 LYS A CD  1 
ATOM   1027 C CE  . LYS A 1 132 ? -9.618  -9.002  -3.889  1.00 72.49  ? 484 LYS A CE  1 
ATOM   1028 N NZ  . LYS A 1 132 ? -10.341 -9.649  -2.759  1.00 72.51  ? 484 LYS A NZ  1 
ATOM   1029 N N   . ILE A 1 133 ? -10.044 -2.117  -3.192  1.00 63.34  ? 485 ILE A N   1 
ATOM   1030 C CA  . ILE A 1 133 ? -9.715  -0.801  -3.741  1.00 61.80  ? 485 ILE A CA  1 
ATOM   1031 C C   . ILE A 1 133 ? -8.380  -0.892  -4.473  1.00 59.94  ? 485 ILE A C   1 
ATOM   1032 O O   . ILE A 1 133 ? -7.403  -1.400  -3.920  1.00 57.72  ? 485 ILE A O   1 
ATOM   1033 C CB  . ILE A 1 133 ? -9.580  0.287   -2.648  1.00 62.07  ? 485 ILE A CB  1 
ATOM   1034 C CG1 . ILE A 1 133 ? -10.683 0.186   -1.586  1.00 62.28  ? 485 ILE A CG1 1 
ATOM   1035 C CG2 . ILE A 1 133 ? -9.609  1.678   -3.276  1.00 62.43  ? 485 ILE A CG2 1 
ATOM   1036 C CD1 . ILE A 1 133 ? -10.290 0.814   -0.266  1.00 62.73  ? 485 ILE A CD1 1 
ATOM   1037 N N   . GLU A 1 134 ? -8.349  -0.398  -5.710  1.00 59.13  ? 486 GLU A N   1 
ATOM   1038 C CA  . GLU A 1 134 ? -7.112  -0.247  -6.471  1.00 58.31  ? 486 GLU A CA  1 
ATOM   1039 C C   . GLU A 1 134 ? -6.884  1.239   -6.705  1.00 57.17  ? 486 GLU A C   1 
ATOM   1040 O O   . GLU A 1 134 ? -7.703  1.889   -7.354  1.00 57.21  ? 486 GLU A O   1 
ATOM   1041 C CB  . GLU A 1 134 ? -7.209  -0.981  -7.806  1.00 59.38  ? 486 GLU A CB  1 
ATOM   1042 C CG  . GLU A 1 134 ? -7.179  -2.496  -7.687  1.00 59.94  ? 486 GLU A CG  1 
ATOM   1043 C CD  . GLU A 1 134 ? -7.457  -3.182  -9.009  1.00 60.76  ? 486 GLU A CD  1 
ATOM   1044 O OE1 . GLU A 1 134 ? -6.508  -3.721  -9.618  1.00 61.13  ? 486 GLU A OE1 1 
ATOM   1045 O OE2 . GLU A 1 134 ? -8.625  -3.167  -9.450  1.00 61.59  ? 486 GLU A OE2 1 
ATOM   1046 N N   . ILE A 1 135 ? -5.781  1.770   -6.172  1.00 55.93  ? 487 ILE A N   1 
ATOM   1047 C CA  . ILE A 1 135 ? -5.438  3.187   -6.326  1.00 54.77  ? 487 ILE A CA  1 
ATOM   1048 C C   . ILE A 1 135 ? -4.277  3.294   -7.311  1.00 53.39  ? 487 ILE A C   1 
ATOM   1049 O O   . ILE A 1 135 ? -3.144  2.929   -6.987  1.00 53.39  ? 487 ILE A O   1 
ATOM   1050 C CB  . ILE A 1 135 ? -5.072  3.861   -4.981  1.00 54.73  ? 487 ILE A CB  1 
ATOM   1051 C CG1 . ILE A 1 135 ? -6.149  3.590   -3.916  1.00 54.74  ? 487 ILE A CG1 1 
ATOM   1052 C CG2 . ILE A 1 135 ? -4.881  5.364   -5.171  1.00 55.29  ? 487 ILE A CG2 1 
ATOM   1053 C CD1 . ILE A 1 135 ? -5.814  2.457   -2.968  1.00 54.94  ? 487 ILE A CD1 1 
ATOM   1054 N N   . PHE A 1 136 ? -4.570  3.794   -8.511  1.00 52.85  ? 488 PHE A N   1 
ATOM   1055 C CA  . PHE A 1 136 ? -3.570  3.907   -9.574  1.00 52.23  ? 488 PHE A CA  1 
ATOM   1056 C C   . PHE A 1 136 ? -2.786  5.202   -9.409  1.00 50.62  ? 488 PHE A C   1 
ATOM   1057 O O   . PHE A 1 136 ? -3.375  6.251   -9.149  1.00 49.09  ? 488 PHE A O   1 
ATOM   1058 C CB  . PHE A 1 136 ? -4.234  3.852   -10.950 1.00 53.20  ? 488 PHE A CB  1 
ATOM   1059 C CG  . PHE A 1 136 ? -5.018  2.592   -11.185 1.00 54.56  ? 488 PHE A CG  1 
ATOM   1060 C CD1 . PHE A 1 136 ? -4.377  1.416   -11.566 1.00 54.74  ? 488 PHE A CD1 1 
ATOM   1061 C CD2 . PHE A 1 136 ? -6.398  2.573   -11.006 1.00 55.31  ? 488 PHE A CD2 1 
ATOM   1062 C CE1 . PHE A 1 136 ? -5.099  0.249   -11.776 1.00 54.25  ? 488 PHE A CE1 1 
ATOM   1063 C CE2 . PHE A 1 136 ? -7.121  1.410   -11.213 1.00 55.66  ? 488 PHE A CE2 1 
ATOM   1064 C CZ  . PHE A 1 136 ? -6.473  0.245   -11.598 1.00 55.10  ? 488 PHE A CZ  1 
ATOM   1065 N N   . VAL A 1 137 ? -1.462  5.112   -9.550  1.00 49.36  ? 489 VAL A N   1 
ATOM   1066 C CA  . VAL A 1 137 ? -0.548  6.239   -9.310  1.00 49.81  ? 489 VAL A CA  1 
ATOM   1067 C C   . VAL A 1 137 ? 0.608   6.258   -10.311 1.00 50.87  ? 489 VAL A C   1 
ATOM   1068 O O   . VAL A 1 137 ? 0.876   5.263   -10.987 1.00 52.10  ? 489 VAL A O   1 
ATOM   1069 C CB  . VAL A 1 137 ? 0.046   6.210   -7.871  1.00 48.91  ? 489 VAL A CB  1 
ATOM   1070 C CG1 . VAL A 1 137 ? -1.058  6.163   -6.824  1.00 48.64  ? 489 VAL A CG1 1 
ATOM   1071 C CG2 . VAL A 1 137 ? 1.011   5.041   -7.675  1.00 48.74  ? 489 VAL A CG2 1 
ATOM   1072 N N   . SER A 1 138 ? 1.275   7.405   -10.399 1.00 51.69  ? 490 SER A N   1 
ATOM   1073 C CA  . SER A 1 138 ? 2.611   7.496   -10.986 1.00 53.03  ? 490 SER A CA  1 
ATOM   1074 C C   . SER A 1 138 ? 3.555   7.927   -9.870  1.00 53.80  ? 490 SER A C   1 
ATOM   1075 O O   . SER A 1 138 ? 3.115   8.479   -8.860  1.00 54.53  ? 490 SER A O   1 
ATOM   1076 C CB  . SER A 1 138 ? 2.646   8.486   -12.158 1.00 52.79  ? 490 SER A CB  1 
ATOM   1077 O OG  . SER A 1 138 ? 2.858   9.817   -11.724 1.00 53.17  ? 490 SER A OG  1 
ATOM   1078 N N   . LEU A 1 139 ? 4.845   7.668   -10.055 1.00 56.41  ? 491 LEU A N   1 
ATOM   1079 C CA  . LEU A 1 139 ? 5.866   8.014   -9.054  1.00 59.03  ? 491 LEU A CA  1 
ATOM   1080 C C   . LEU A 1 139 ? 6.081   9.532   -8.891  1.00 60.20  ? 491 LEU A C   1 
ATOM   1081 O O   . LEU A 1 139 ? 6.506   9.976   -7.822  1.00 59.78  ? 491 LEU A O   1 
ATOM   1082 C CB  . LEU A 1 139 ? 7.200   7.303   -9.366  1.00 59.91  ? 491 LEU A CB  1 
ATOM   1083 C CG  . LEU A 1 139 ? 7.414   5.860   -8.860  1.00 60.74  ? 491 LEU A CG  1 
ATOM   1084 C CD1 . LEU A 1 139 ? 6.127   5.063   -8.663  1.00 61.63  ? 491 LEU A CD1 1 
ATOM   1085 C CD2 . LEU A 1 139 ? 8.360   5.100   -9.783  1.00 60.63  ? 491 LEU A CD2 1 
ATOM   1086 N N   . THR A 1 140 ? 5.780   10.310  -9.934  1.00 61.08  ? 492 THR A N   1 
ATOM   1087 C CA  . THR A 1 140 ? 5.908   11.775  -9.904  1.00 63.08  ? 492 THR A CA  1 
ATOM   1088 C C   . THR A 1 140 ? 4.631   12.533  -9.484  1.00 63.08  ? 492 THR A C   1 
ATOM   1089 O O   . THR A 1 140 ? 4.692   13.736  -9.229  1.00 64.81  ? 492 THR A O   1 
ATOM   1090 C CB  . THR A 1 140 ? 6.369   12.313  -11.276 1.00 63.82  ? 492 THR A CB  1 
ATOM   1091 O OG1 . THR A 1 140 ? 5.477   11.854  -12.301 1.00 63.79  ? 492 THR A OG1 1 
ATOM   1092 C CG2 . THR A 1 140 ? 7.785   11.842  -11.584 1.00 63.58  ? 492 THR A CG2 1 
ATOM   1093 N N   . CYS A 1 141 ? 3.495   11.839  -9.417  1.00 61.58  ? 493 CYS A N   1 
ATOM   1094 C CA  . CYS A 1 141 ? 2.210   12.446  -9.025  1.00 60.25  ? 493 CYS A CA  1 
ATOM   1095 C C   . CYS A 1 141 ? 2.205   12.888  -7.549  1.00 58.96  ? 493 CYS A C   1 
ATOM   1096 O O   . CYS A 1 141 ? 2.264   12.052  -6.645  1.00 58.77  ? 493 CYS A O   1 
ATOM   1097 C CB  . CYS A 1 141 ? 1.065   11.460  -9.302  1.00 60.49  ? 493 CYS A CB  1 
ATOM   1098 S SG  . CYS A 1 141 ? -0.540  11.840  -8.561  1.00 62.78  ? 493 CYS A SG  1 
ATOM   1099 N N   . HIS A 1 142 ? 2.120   14.201  -7.325  1.00 57.00  ? 494 HIS A N   1 
ATOM   1100 C CA  . HIS A 1 142 ? 2.223   14.785  -5.979  1.00 55.35  ? 494 HIS A CA  1 
ATOM   1101 C C   . HIS A 1 142 ? 0.980   14.560  -5.109  1.00 53.47  ? 494 HIS A C   1 
ATOM   1102 O O   . HIS A 1 142 ? 1.099   14.385  -3.898  1.00 51.03  ? 494 HIS A O   1 
ATOM   1103 C CB  . HIS A 1 142 ? 2.536   16.287  -6.061  1.00 56.58  ? 494 HIS A CB  1 
ATOM   1104 C CG  . HIS A 1 142 ? 3.891   16.592  -6.626  1.00 57.90  ? 494 HIS A CG  1 
ATOM   1105 N ND1 . HIS A 1 142 ? 4.968   16.938  -5.838  1.00 59.34  ? 494 HIS A ND1 1 
ATOM   1106 C CD2 . HIS A 1 142 ? 4.343   16.601  -7.903  1.00 58.13  ? 494 HIS A CD2 1 
ATOM   1107 C CE1 . HIS A 1 142 ? 6.024   17.148  -6.605  1.00 58.79  ? 494 HIS A CE1 1 
ATOM   1108 N NE2 . HIS A 1 142 ? 5.672   16.947  -7.862  1.00 58.31  ? 494 HIS A NE2 1 
ATOM   1109 N N   . PHE A 1 143 ? -0.202  14.563  -5.723  1.00 53.08  ? 495 PHE A N   1 
ATOM   1110 C CA  . PHE A 1 143 ? -1.462  14.360  -4.992  1.00 53.67  ? 495 PHE A CA  1 
ATOM   1111 C C   . PHE A 1 143 ? -1.902  12.891  -4.851  1.00 53.96  ? 495 PHE A C   1 
ATOM   1112 O O   . PHE A 1 143 ? -2.960  12.616  -4.278  1.00 55.92  ? 495 PHE A O   1 
ATOM   1113 C CB  . PHE A 1 143 ? -2.573  15.205  -5.628  1.00 53.86  ? 495 PHE A CB  1 
ATOM   1114 C CG  . PHE A 1 143 ? -2.371  16.683  -5.449  1.00 54.68  ? 495 PHE A CG  1 
ATOM   1115 C CD1 . PHE A 1 143 ? -2.786  17.315  -4.278  1.00 54.94  ? 495 PHE A CD1 1 
ATOM   1116 C CD2 . PHE A 1 143 ? -1.746  17.444  -6.434  1.00 54.90  ? 495 PHE A CD2 1 
ATOM   1117 C CE1 . PHE A 1 143 ? -2.594  18.680  -4.099  1.00 55.28  ? 495 PHE A CE1 1 
ATOM   1118 C CE2 . PHE A 1 143 ? -1.550  18.808  -6.261  1.00 55.48  ? 495 PHE A CE2 1 
ATOM   1119 C CZ  . PHE A 1 143 ? -1.976  19.428  -5.092  1.00 55.18  ? 495 PHE A CZ  1 
ATOM   1120 N N   . CYS A 1 144 ? -1.086  11.955  -5.341  1.00 53.46  ? 496 CYS A N   1 
ATOM   1121 C CA  . CYS A 1 144 ? -1.416  10.525  -5.293  1.00 53.54  ? 496 CYS A CA  1 
ATOM   1122 C C   . CYS A 1 144 ? -1.267  9.865   -3.910  1.00 51.34  ? 496 CYS A C   1 
ATOM   1123 O O   . CYS A 1 144 ? -2.192  9.177   -3.476  1.00 50.13  ? 496 CYS A O   1 
ATOM   1124 C CB  . CYS A 1 144 ? -0.623  9.747   -6.352  1.00 55.68  ? 496 CYS A CB  1 
ATOM   1125 S SG  . CYS A 1 144 ? -1.235  9.990   -8.033  1.00 58.34  ? 496 CYS A SG  1 
ATOM   1126 N N   . PRO A 1 145 ? -0.116  10.058  -3.221  1.00 49.97  ? 497 PRO A N   1 
ATOM   1127 C CA  . PRO A 1 145 ? 0.095   9.387   -1.923  1.00 49.45  ? 497 PRO A CA  1 
ATOM   1128 C C   . PRO A 1 145 ? -0.988  9.599   -0.864  1.00 49.28  ? 497 PRO A C   1 
ATOM   1129 O O   . PRO A 1 145 ? -1.271  8.679   -0.092  1.00 51.06  ? 497 PRO A O   1 
ATOM   1130 C CB  . PRO A 1 145 ? 1.417   9.980   -1.433  1.00 49.64  ? 497 PRO A CB  1 
ATOM   1131 C CG  . PRO A 1 145 ? 2.147   10.334  -2.673  1.00 49.47  ? 497 PRO A CG  1 
ATOM   1132 C CD  . PRO A 1 145 ? 1.098   10.786  -3.645  1.00 49.64  ? 497 PRO A CD  1 
ATOM   1133 N N   . ASP A 1 146 ? -1.571  10.796  -0.826  1.00 49.16  ? 498 ASP A N   1 
ATOM   1134 C CA  . ASP A 1 146 ? -2.634  11.126  0.128   1.00 48.61  ? 498 ASP A CA  1 
ATOM   1135 C C   . ASP A 1 146 ? -3.878  10.258  -0.071  1.00 47.76  ? 498 ASP A C   1 
ATOM   1136 O O   . ASP A 1 146 ? -4.508  9.844   0.903   1.00 46.85  ? 498 ASP A O   1 
ATOM   1137 C CB  . ASP A 1 146 ? -3.005  12.608  0.011   1.00 48.76  ? 498 ASP A CB  1 
ATOM   1138 C CG  . ASP A 1 146 ? -3.991  13.049  1.073   1.00 47.81  ? 498 ASP A CG  1 
ATOM   1139 O OD1 . ASP A 1 146 ? -3.622  13.041  2.263   1.00 48.46  ? 498 ASP A OD1 1 
ATOM   1140 O OD2 . ASP A 1 146 ? -5.131  13.404  0.716   1.00 48.37  ? 498 ASP A OD2 1 
ATOM   1141 N N   . VAL A 1 147 ? -4.214  9.988   -1.330  1.00 48.63  ? 499 VAL A N   1 
ATOM   1142 C CA  . VAL A 1 147 ? -5.359  9.135   -1.676  1.00 49.23  ? 499 VAL A CA  1 
ATOM   1143 C C   . VAL A 1 147 ? -5.054  7.664   -1.360  1.00 49.36  ? 499 VAL A C   1 
ATOM   1144 O O   . VAL A 1 147 ? -5.930  6.941   -0.873  1.00 49.28  ? 499 VAL A O   1 
ATOM   1145 C CB  . VAL A 1 147 ? -5.754  9.280   -3.165  1.00 49.83  ? 499 VAL A CB  1 
ATOM   1146 C CG1 . VAL A 1 147 ? -6.964  8.404   -3.494  1.00 50.65  ? 499 VAL A CG1 1 
ATOM   1147 C CG2 . VAL A 1 147 ? -6.034  10.742  -3.503  1.00 50.56  ? 499 VAL A CG2 1 
ATOM   1148 N N   . VAL A 1 148 ? -3.817  7.237   -1.628  1.00 47.93  ? 500 VAL A N   1 
ATOM   1149 C CA  . VAL A 1 148 ? -3.372  5.876   -1.306  1.00 47.45  ? 500 VAL A CA  1 
ATOM   1150 C C   . VAL A 1 148 ? -3.413  5.661   0.211   1.00 47.84  ? 500 VAL A C   1 
ATOM   1151 O O   . VAL A 1 148 ? -3.947  4.655   0.683   1.00 47.75  ? 500 VAL A O   1 
ATOM   1152 C CB  . VAL A 1 148 ? -1.942  5.574   -1.836  1.00 47.18  ? 500 VAL A CB  1 
ATOM   1153 C CG1 . VAL A 1 148 ? -1.477  4.187   -1.395  1.00 46.94  ? 500 VAL A CG1 1 
ATOM   1154 C CG2 . VAL A 1 148 ? -1.881  5.675   -3.359  1.00 46.32  ? 500 VAL A CG2 1 
ATOM   1155 N N   . ALA A 1 149 ? -2.864  6.618   0.960   1.00 47.63  ? 501 ALA A N   1 
ATOM   1156 C CA  . ALA A 1 149 ? -2.794  6.528   2.422   1.00 47.19  ? 501 ALA A CA  1 
ATOM   1157 C C   . ALA A 1 149 ? -4.160  6.523   3.108   1.00 46.75  ? 501 ALA A C   1 
ATOM   1158 O O   . ALA A 1 149 ? -4.325  5.871   4.138   1.00 47.43  ? 501 ALA A O   1 
ATOM   1159 C CB  . ALA A 1 149 ? -1.926  7.646   2.982   1.00 47.12  ? 501 ALA A CB  1 
ATOM   1160 N N   . ALA A 1 150 ? -5.126  7.240   2.539   1.00 46.56  ? 502 ALA A N   1 
ATOM   1161 C CA  . ALA A 1 150 ? -6.496  7.258   3.064   1.00 46.90  ? 502 ALA A CA  1 
ATOM   1162 C C   . ALA A 1 150 ? -7.188  5.912   2.847   1.00 47.36  ? 502 ALA A C   1 
ATOM   1163 O O   . ALA A 1 150 ? -7.792  5.361   3.774   1.00 47.19  ? 502 ALA A O   1 
ATOM   1164 C CB  . ALA A 1 150 ? -7.297  8.378   2.417   1.00 46.52  ? 502 ALA A CB  1 
ATOM   1165 N N   . ALA A 1 151 ? -7.091  5.391   1.624   1.00 47.66  ? 503 ALA A N   1 
ATOM   1166 C CA  . ALA A 1 151 ? -7.631  4.070   1.284   1.00 47.27  ? 503 ALA A CA  1 
ATOM   1167 C C   . ALA A 1 151 ? -6.959  2.952   2.084   1.00 47.04  ? 503 ALA A C   1 
ATOM   1168 O O   . ALA A 1 151 ? -7.637  2.076   2.622   1.00 46.01  ? 503 ALA A O   1 
ATOM   1169 C CB  . ALA A 1 151 ? -7.487  3.806   -0.207  1.00 47.35  ? 503 ALA A CB  1 
ATOM   1170 N N   . GLN A 1 152 ? -5.630  2.998   2.169   1.00 47.32  ? 504 GLN A N   1 
ATOM   1171 C CA  . GLN A 1 152 ? -4.864  1.996   2.923   1.00 46.98  ? 504 GLN A CA  1 
ATOM   1172 C C   . GLN A 1 152 ? -5.023  2.104   4.442   1.00 48.05  ? 504 GLN A C   1 
ATOM   1173 O O   . GLN A 1 152 ? -4.777  1.124   5.147   1.00 47.67  ? 504 GLN A O   1 
ATOM   1174 C CB  . GLN A 1 152 ? -3.381  2.030   2.528   1.00 46.23  ? 504 GLN A CB  1 
ATOM   1175 C CG  . GLN A 1 152 ? -3.135  1.503   1.120   1.00 45.76  ? 504 GLN A CG  1 
ATOM   1176 C CD  . GLN A 1 152 ? -1.666  1.422   0.746   1.00 45.21  ? 504 GLN A CD  1 
ATOM   1177 O OE1 . GLN A 1 152 ? -0.812  2.058   1.365   1.00 44.85  ? 504 GLN A OE1 1 
ATOM   1178 N NE2 . GLN A 1 152 ? -1.367  0.629   -0.277  1.00 44.15  ? 504 GLN A NE2 1 
ATOM   1179 N N   . ARG A 1 153 ? -5.423  3.273   4.949   1.00 50.22  ? 505 ARG A N   1 
ATOM   1180 C CA  . ARG A 1 153 ? -5.785  3.401   6.368   1.00 51.68  ? 505 ARG A CA  1 
ATOM   1181 C C   . ARG A 1 153 ? -7.108  2.694   6.675   1.00 50.73  ? 505 ARG A C   1 
ATOM   1182 O O   . ARG A 1 153 ? -7.241  2.071   7.729   1.00 49.59  ? 505 ARG A O   1 
ATOM   1183 C CB  . ARG A 1 153 ? -5.866  4.865   6.817   1.00 53.66  ? 505 ARG A CB  1 
ATOM   1184 C CG  . ARG A 1 153 ? -6.007  5.001   8.326   1.00 55.06  ? 505 ARG A CG  1 
ATOM   1185 C CD  . ARG A 1 153 ? -6.101  6.439   8.790   1.00 57.17  ? 505 ARG A CD  1 
ATOM   1186 N NE  . ARG A 1 153 ? -6.047  6.515   10.252  1.00 59.00  ? 505 ARG A NE  1 
ATOM   1187 C CZ  . ARG A 1 153 ? -6.388  7.574   10.987  1.00 59.65  ? 505 ARG A CZ  1 
ATOM   1188 N NH1 . ARG A 1 153 ? -6.825  8.700   10.424  1.00 60.45  ? 505 ARG A NH1 1 
ATOM   1189 N NH2 . ARG A 1 153 ? -6.289  7.504   12.313  1.00 60.09  ? 505 ARG A NH2 1 
ATOM   1190 N N   . ILE A 1 154 ? -8.080  2.803   5.768   1.00 50.81  ? 506 ILE A N   1 
ATOM   1191 C CA  . ILE A 1 154 ? -9.364  2.102   5.917   1.00 52.07  ? 506 ILE A CA  1 
ATOM   1192 C C   . ILE A 1 154 ? -9.123  0.590   5.981   1.00 52.74  ? 506 ILE A C   1 
ATOM   1193 O O   . ILE A 1 154 ? -9.680  -0.090  6.845   1.00 53.35  ? 506 ILE A O   1 
ATOM   1194 C CB  . ILE A 1 154 ? -10.356 2.451   4.776   1.00 52.02  ? 506 ILE A CB  1 
ATOM   1195 C CG1 . ILE A 1 154 ? -10.795 3.919   4.881   1.00 52.17  ? 506 ILE A CG1 1 
ATOM   1196 C CG2 . ILE A 1 154 ? -11.586 1.544   4.812   1.00 52.27  ? 506 ILE A CG2 1 
ATOM   1197 C CD1 . ILE A 1 154 ? -11.368 4.484   3.599   1.00 52.36  ? 506 ILE A CD1 1 
ATOM   1198 N N   . ALA A 1 155 ? -8.279  0.087   5.080   1.00 54.00  ? 507 ALA A N   1 
ATOM   1199 C CA  . ALA A 1 155 ? -7.888  -1.327  5.055   1.00 53.71  ? 507 ALA A CA  1 
ATOM   1200 C C   . ALA A 1 155 ? -7.229  -1.793  6.356   1.00 54.44  ? 507 ALA A C   1 
ATOM   1201 O O   . ALA A 1 155 ? -7.466  -2.913  6.795   1.00 55.33  ? 507 ALA A O   1 
ATOM   1202 C CB  . ALA A 1 155 ? -6.965  -1.599  3.875   1.00 53.26  ? 507 ALA A CB  1 
ATOM   1203 N N   . SER A 1 156 ? -6.411  -0.935  6.967   1.00 55.56  ? 508 SER A N   1 
ATOM   1204 C CA  . SER A 1 156 ? -5.777  -1.251  8.255   1.00 56.45  ? 508 SER A CA  1 
ATOM   1205 C C   . SER A 1 156 ? -6.779  -1.389  9.412   1.00 58.21  ? 508 SER A C   1 
ATOM   1206 O O   . SER A 1 156 ? -6.542  -2.165  10.339  1.00 58.30  ? 508 SER A O   1 
ATOM   1207 C CB  . SER A 1 156 ? -4.714  -0.204  8.614   1.00 56.00  ? 508 SER A CB  1 
ATOM   1208 O OG  . SER A 1 156 ? -5.296  1.028   8.997   1.00 56.44  ? 508 SER A OG  1 
ATOM   1209 N N   . ILE A 1 157 ? -7.879  -0.637  9.352   1.00 60.55  ? 509 ILE A N   1 
ATOM   1210 C CA  . ILE A 1 157 ? -8.914  -0.654  10.393  1.00 62.29  ? 509 ILE A CA  1 
ATOM   1211 C C   . ILE A 1 157 ? -9.946  -1.754  10.122  1.00 63.30  ? 509 ILE A C   1 
ATOM   1212 O O   . ILE A 1 157 ? -10.144 -2.639  10.956  1.00 63.77  ? 509 ILE A O   1 
ATOM   1213 C CB  . ILE A 1 157 ? -9.609  0.725   10.523  1.00 62.88  ? 509 ILE A CB  1 
ATOM   1214 C CG1 . ILE A 1 157 ? -8.589  1.794   10.946  1.00 62.64  ? 509 ILE A CG1 1 
ATOM   1215 C CG2 . ILE A 1 157 ? -10.755 0.669   11.536  1.00 62.94  ? 509 ILE A CG2 1 
ATOM   1216 C CD1 . ILE A 1 157 ? -9.030  3.219   10.685  1.00 62.25  ? 509 ILE A CD1 1 
ATOM   1217 N N   . ASN A 1 158 ? -10.601 -1.687  8.964   1.00 64.49  ? 510 ASN A N   1 
ATOM   1218 C CA  . ASN A 1 158 ? -11.631 -2.664  8.594   1.00 66.14  ? 510 ASN A CA  1 
ATOM   1219 C C   . ASN A 1 158 ? -10.975 -3.943  8.057   1.00 67.38  ? 510 ASN A C   1 
ATOM   1220 O O   . ASN A 1 158 ? -10.206 -3.869  7.098   1.00 67.80  ? 510 ASN A O   1 
ATOM   1221 C CB  . ASN A 1 158 ? -12.582 -2.078  7.544   1.00 66.67  ? 510 ASN A CB  1 
ATOM   1222 C CG  . ASN A 1 158 ? -13.859 -2.890  7.389   1.00 67.21  ? 510 ASN A CG  1 
ATOM   1223 O OD1 . ASN A 1 158 ? -13.823 -4.065  7.019   1.00 67.75  ? 510 ASN A OD1 1 
ATOM   1224 N ND2 . ASN A 1 158 ? -14.999 -2.261  7.660   1.00 66.84  ? 510 ASN A ND2 1 
ATOM   1225 N N   . PRO A 1 159 ? -11.288 -5.119  8.652   1.00 68.59  ? 511 PRO A N   1 
ATOM   1226 C CA  . PRO A 1 159 ? -10.618 -6.353  8.199   1.00 68.34  ? 511 PRO A CA  1 
ATOM   1227 C C   . PRO A 1 159 ? -11.024 -6.872  6.811   1.00 67.70  ? 511 PRO A C   1 
ATOM   1228 O O   . PRO A 1 159 ? -10.294 -7.685  6.242   1.00 68.00  ? 511 PRO A O   1 
ATOM   1229 C CB  . PRO A 1 159 ? -10.995 -7.389  9.276   1.00 68.77  ? 511 PRO A CB  1 
ATOM   1230 C CG  . PRO A 1 159 ? -11.718 -6.647  10.348  1.00 69.02  ? 511 PRO A CG  1 
ATOM   1231 C CD  . PRO A 1 159 ? -12.262 -5.405  9.721   1.00 68.66  ? 511 PRO A CD  1 
ATOM   1232 N N   . HIS A 1 160 ? -12.161 -6.418  6.281   1.00 67.78  ? 512 HIS A N   1 
ATOM   1233 C CA  . HIS A 1 160 ? -12.666 -6.888  4.983   1.00 68.81  ? 512 HIS A CA  1 
ATOM   1234 C C   . HIS A 1 160 ? -12.384 -5.945  3.802   1.00 66.87  ? 512 HIS A C   1 
ATOM   1235 O O   . HIS A 1 160 ? -12.679 -6.296  2.658   1.00 66.58  ? 512 HIS A O   1 
ATOM   1236 C CB  . HIS A 1 160 ? -14.167 -7.174  5.088   1.00 71.24  ? 512 HIS A CB  1 
ATOM   1237 C CG  . HIS A 1 160 ? -14.503 -8.220  6.105   1.00 73.68  ? 512 HIS A CG  1 
ATOM   1238 N ND1 . HIS A 1 160 ? -15.298 -7.965  7.202   1.00 74.63  ? 512 HIS A ND1 1 
ATOM   1239 C CD2 . HIS A 1 160 ? -14.132 -9.519  6.202   1.00 75.18  ? 512 HIS A CD2 1 
ATOM   1240 C CE1 . HIS A 1 160 ? -15.412 -9.066  7.925   1.00 75.23  ? 512 HIS A CE1 1 
ATOM   1241 N NE2 . HIS A 1 160 ? -14.713 -10.023 7.340   1.00 76.00  ? 512 HIS A NE2 1 
ATOM   1242 N N   . VAL A 1 161 ? -11.815 -4.766  4.074   1.00 65.29  ? 513 VAL A N   1 
ATOM   1243 C CA  . VAL A 1 161 ? -11.413 -3.826  3.021   1.00 63.20  ? 513 VAL A CA  1 
ATOM   1244 C C   . VAL A 1 161 ? -9.942  -4.049  2.653   1.00 60.49  ? 513 VAL A C   1 
ATOM   1245 O O   . VAL A 1 161 ? -9.098  -4.244  3.533   1.00 57.98  ? 513 VAL A O   1 
ATOM   1246 C CB  . VAL A 1 161 ? -11.622 -2.354  3.451   1.00 64.50  ? 513 VAL A CB  1 
ATOM   1247 C CG1 . VAL A 1 161 ? -11.234 -1.400  2.323   1.00 64.72  ? 513 VAL A CG1 1 
ATOM   1248 C CG2 . VAL A 1 161 ? -13.068 -2.117  3.868   1.00 65.35  ? 513 VAL A CG2 1 
ATOM   1249 N N   . GLU A 1 162 ? -9.652  -4.016  1.352   1.00 58.56  ? 514 GLU A N   1 
ATOM   1250 C CA  . GLU A 1 162 ? -8.299  -4.207  0.826   1.00 58.04  ? 514 GLU A CA  1 
ATOM   1251 C C   . GLU A 1 162 ? -7.933  -3.039  -0.090  1.00 54.86  ? 514 GLU A C   1 
ATOM   1252 O O   . GLU A 1 162 ? -8.755  -2.612  -0.902  1.00 52.79  ? 514 GLU A O   1 
ATOM   1253 C CB  . GLU A 1 162 ? -8.214  -5.526  0.055   1.00 58.77  ? 514 GLU A CB  1 
ATOM   1254 C CG  . GLU A 1 162 ? -8.550  -6.758  0.887   1.00 60.53  ? 514 GLU A CG  1 
ATOM   1255 C CD  . GLU A 1 162 ? -8.381  -8.071  0.132   1.00 62.27  ? 514 GLU A CD  1 
ATOM   1256 O OE1 . GLU A 1 162 ? -8.002  -8.057  -1.061  1.00 61.93  ? 514 GLU A OE1 1 
ATOM   1257 O OE2 . GLU A 1 162 ? -8.628  -9.133  0.745   1.00 63.40  ? 514 GLU A OE2 1 
ATOM   1258 N N   . ALA A 1 163 ? -6.701  -2.541  0.038   1.00 52.27  ? 515 ALA A N   1 
ATOM   1259 C CA  . ALA A 1 163 ? -6.245  -1.344  -0.680  1.00 52.00  ? 515 ALA A CA  1 
ATOM   1260 C C   . ALA A 1 163 ? -4.894  -1.586  -1.353  1.00 50.45  ? 515 ALA A C   1 
ATOM   1261 O O   . ALA A 1 163 ? -3.879  -1.748  -0.673  1.00 49.95  ? 515 ALA A O   1 
ATOM   1262 C CB  . ALA A 1 163 ? -6.154  -0.168  0.276   1.00 52.32  ? 515 ALA A CB  1 
ATOM   1263 N N   . GLU A 1 164 ? -4.898  -1.588  -2.687  1.00 49.93  ? 516 GLU A N   1 
ATOM   1264 C CA  . GLU A 1 164 ? -3.724  -1.899  -3.500  1.00 49.59  ? 516 GLU A CA  1 
ATOM   1265 C C   . GLU A 1 164 ? -3.244  -0.656  -4.239  1.00 49.24  ? 516 GLU A C   1 
ATOM   1266 O O   . GLU A 1 164 ? -3.957  -0.137  -5.098  1.00 49.88  ? 516 GLU A O   1 
ATOM   1267 C CB  . GLU A 1 164 ? -4.084  -2.997  -4.513  1.00 50.03  ? 516 GLU A CB  1 
ATOM   1268 C CG  . GLU A 1 164 ? -2.963  -3.413  -5.468  1.00 50.11  ? 516 GLU A CG  1 
ATOM   1269 C CD  . GLU A 1 164 ? -3.396  -4.466  -6.482  1.00 50.14  ? 516 GLU A CD  1 
ATOM   1270 O OE1 . GLU A 1 164 ? -2.614  -4.744  -7.417  1.00 49.99  ? 516 GLU A OE1 1 
ATOM   1271 O OE2 . GLU A 1 164 ? -4.511  -5.014  -6.359  1.00 50.44  ? 516 GLU A OE2 1 
ATOM   1272 N N   . MET A 1 165 ? -2.039  -0.185  -3.916  1.00 48.75  ? 517 MET A N   1 
ATOM   1273 C CA  . MET A 1 165 ? -1.373  0.830   -4.738  1.00 48.64  ? 517 MET A CA  1 
ATOM   1274 C C   . MET A 1 165 ? -0.896  0.160   -6.025  1.00 48.30  ? 517 MET A C   1 
ATOM   1275 O O   . MET A 1 165 ? -0.310  -0.925  -5.979  1.00 47.71  ? 517 MET A O   1 
ATOM   1276 C CB  . MET A 1 165 ? -0.173  1.447   -4.010  1.00 49.38  ? 517 MET A CB  1 
ATOM   1277 C CG  . MET A 1 165 ? 0.403   2.680   -4.703  1.00 49.82  ? 517 MET A CG  1 
ATOM   1278 S SD  . MET A 1 165 ? 2.199   2.669   -4.892  1.00 52.83  ? 517 MET A SD  1 
ATOM   1279 C CE  . MET A 1 165 ? 2.426   1.299   -6.024  1.00 51.20  ? 517 MET A CE  1 
ATOM   1280 N N   . VAL A 1 166 ? -1.150  0.808   -7.161  1.00 47.39  ? 518 VAL A N   1 
ATOM   1281 C CA  . VAL A 1 166 ? -0.732  0.302   -8.468  1.00 47.07  ? 518 VAL A CA  1 
ATOM   1282 C C   . VAL A 1 166 ? 0.018   1.403   -9.216  1.00 47.26  ? 518 VAL A C   1 
ATOM   1283 O O   . VAL A 1 166 ? -0.570  2.425   -9.566  1.00 47.55  ? 518 VAL A O   1 
ATOM   1284 C CB  . VAL A 1 166 ? -1.944  -0.167  -9.313  1.00 46.53  ? 518 VAL A CB  1 
ATOM   1285 C CG1 . VAL A 1 166 ? -1.482  -0.780  -10.633 1.00 46.68  ? 518 VAL A CG1 1 
ATOM   1286 C CG2 . VAL A 1 166 ? -2.796  -1.163  -8.533  1.00 46.78  ? 518 VAL A CG2 1 
ATOM   1287 N N   . ASP A 1 167 ? 1.316   1.200   -9.450  1.00 47.50  ? 519 ASP A N   1 
ATOM   1288 C CA  . ASP A 1 167 ? 2.087   2.089   -10.321 1.00 48.49  ? 519 ASP A CA  1 
ATOM   1289 C C   . ASP A 1 167 ? 1.657   1.803   -11.765 1.00 49.87  ? 519 ASP A C   1 
ATOM   1290 O O   . ASP A 1 167 ? 2.159   0.872   -12.400 1.00 49.01  ? 519 ASP A O   1 
ATOM   1291 C CB  . ASP A 1 167 ? 3.599   1.889   -10.126 1.00 47.75  ? 519 ASP A CB  1 
ATOM   1292 C CG  . ASP A 1 167 ? 4.451   2.805   -11.015 1.00 46.91  ? 519 ASP A CG  1 
ATOM   1293 O OD1 . ASP A 1 167 ? 3.909   3.715   -11.678 1.00 46.49  ? 519 ASP A OD1 1 
ATOM   1294 O OD2 . ASP A 1 167 ? 5.682   2.610   -11.051 1.00 46.60  ? 519 ASP A OD2 1 
ATOM   1295 N N   . ILE A 1 168 ? 0.723   2.613   -12.263 1.00 52.07  ? 520 ILE A N   1 
ATOM   1296 C CA  . ILE A 1 168 ? 0.087   2.378   -13.568 1.00 54.00  ? 520 ILE A CA  1 
ATOM   1297 C C   . ILE A 1 168 ? 1.039   2.454   -14.770 1.00 54.77  ? 520 ILE A C   1 
ATOM   1298 O O   . ILE A 1 168 ? 0.776   1.825   -15.796 1.00 55.94  ? 520 ILE A O   1 
ATOM   1299 C CB  . ILE A 1 168 ? -1.141  3.314   -13.783 1.00 54.94  ? 520 ILE A CB  1 
ATOM   1300 C CG1 . ILE A 1 168 ? -2.029  2.834   -14.950 1.00 55.68  ? 520 ILE A CG1 1 
ATOM   1301 C CG2 . ILE A 1 168 ? -0.711  4.763   -14.006 1.00 54.77  ? 520 ILE A CG2 1 
ATOM   1302 C CD1 . ILE A 1 168 ? -2.428  1.372   -14.903 1.00 55.59  ? 520 ILE A CD1 1 
ATOM   1303 N N   . SER A 1 169 ? 2.146   3.186   -14.640 1.00 55.88  ? 521 SER A N   1 
ATOM   1304 C CA  . SER A 1 169 ? 3.179   3.220   -15.687 1.00 57.40  ? 521 SER A CA  1 
ATOM   1305 C C   . SER A 1 169 ? 3.822   1.850   -15.972 1.00 58.11  ? 521 SER A C   1 
ATOM   1306 O O   . SER A 1 169 ? 4.338   1.631   -17.068 1.00 59.45  ? 521 SER A O   1 
ATOM   1307 C CB  . SER A 1 169 ? 4.268   4.245   -15.346 1.00 58.05  ? 521 SER A CB  1 
ATOM   1308 O OG  . SER A 1 169 ? 4.966   3.883   -14.168 1.00 60.81  ? 521 SER A OG  1 
ATOM   1309 N N   . LEU A 1 170 ? 3.793   0.944   -14.993 1.00 59.52  ? 522 LEU A N   1 
ATOM   1310 C CA  . LEU A 1 170 ? 4.285   -0.433  -15.171 1.00 60.30  ? 522 LEU A CA  1 
ATOM   1311 C C   . LEU A 1 170 ? 3.283   -1.404  -15.814 1.00 60.06  ? 522 LEU A C   1 
ATOM   1312 O O   . LEU A 1 170 ? 3.660   -2.531  -16.141 1.00 60.79  ? 522 LEU A O   1 
ATOM   1313 C CB  . LEU A 1 170 ? 4.728   -1.010  -13.822 1.00 60.86  ? 522 LEU A CB  1 
ATOM   1314 C CG  . LEU A 1 170 ? 5.805   -0.245  -13.053 1.00 61.11  ? 522 LEU A CG  1 
ATOM   1315 C CD1 . LEU A 1 170 ? 6.011   -0.886  -11.689 1.00 61.49  ? 522 LEU A CD1 1 
ATOM   1316 C CD2 . LEU A 1 170 ? 7.111   -0.198  -13.833 1.00 60.59  ? 522 LEU A CD2 1 
ATOM   1317 N N   . PHE A 1 171 ? 2.026   -0.986  -15.983 1.00 60.70  ? 523 PHE A N   1 
ATOM   1318 C CA  . PHE A 1 171 ? 0.967   -1.838  -16.543 1.00 61.68  ? 523 PHE A CA  1 
ATOM   1319 C C   . PHE A 1 171 ? 0.237   -1.113  -17.690 1.00 64.76  ? 523 PHE A C   1 
ATOM   1320 O O   . PHE A 1 171 ? -0.943  -0.764  -17.559 1.00 65.02  ? 523 PHE A O   1 
ATOM   1321 C CB  . PHE A 1 171 ? -0.008  -2.251  -15.431 1.00 61.15  ? 523 PHE A CB  1 
ATOM   1322 C CG  . PHE A 1 171 ? 0.671   -2.825  -14.216 1.00 60.78  ? 523 PHE A CG  1 
ATOM   1323 C CD1 . PHE A 1 171 ? 1.101   -4.149  -14.200 1.00 60.41  ? 523 PHE A CD1 1 
ATOM   1324 C CD2 . PHE A 1 171 ? 0.901   -2.035  -13.094 1.00 59.85  ? 523 PHE A CD2 1 
ATOM   1325 C CE1 . PHE A 1 171 ? 1.738   -4.674  -13.083 1.00 60.31  ? 523 PHE A CE1 1 
ATOM   1326 C CE2 . PHE A 1 171 ? 1.536   -2.555  -11.975 1.00 60.03  ? 523 PHE A CE2 1 
ATOM   1327 C CZ  . PHE A 1 171 ? 1.956   -3.876  -11.970 1.00 60.27  ? 523 PHE A CZ  1 
ATOM   1328 N N   . PRO A 1 172 ? 0.937   -0.890  -18.827 1.00 68.09  ? 524 PRO A N   1 
ATOM   1329 C CA  . PRO A 1 172 ? 0.390   -0.084  -19.935 1.00 70.56  ? 524 PRO A CA  1 
ATOM   1330 C C   . PRO A 1 172 ? -0.882  -0.626  -20.609 1.00 72.80  ? 524 PRO A C   1 
ATOM   1331 O O   . PRO A 1 172 ? -1.697  0.170   -21.078 1.00 73.83  ? 524 PRO A O   1 
ATOM   1332 C CB  . PRO A 1 172 ? 1.553   -0.023  -20.940 1.00 70.23  ? 524 PRO A CB  1 
ATOM   1333 C CG  . PRO A 1 172 ? 2.419   -1.184  -20.604 1.00 69.64  ? 524 PRO A CG  1 
ATOM   1334 C CD  . PRO A 1 172 ? 2.314   -1.337  -19.118 1.00 68.70  ? 524 PRO A CD  1 
ATOM   1335 N N   . GLU A 1 173 ? -1.044  -1.949  -20.667 1.00 75.25  ? 525 GLU A N   1 
ATOM   1336 C CA  . GLU A 1 173 ? -2.243  -2.555  -21.269 1.00 77.05  ? 525 GLU A CA  1 
ATOM   1337 C C   . GLU A 1 173 ? -3.484  -2.378  -20.390 1.00 77.59  ? 525 GLU A C   1 
ATOM   1338 O O   . GLU A 1 173 ? -4.586  -2.183  -20.908 1.00 79.33  ? 525 GLU A O   1 
ATOM   1339 C CB  . GLU A 1 173 ? -2.012  -4.036  -21.587 1.00 78.73  ? 525 GLU A CB  1 
ATOM   1340 C CG  . GLU A 1 173 ? -0.975  -4.265  -22.680 1.00 80.64  ? 525 GLU A CG  1 
ATOM   1341 C CD  . GLU A 1 173 ? -0.451  -5.691  -22.723 1.00 82.75  ? 525 GLU A CD  1 
ATOM   1342 O OE1 . GLU A 1 173 ? -1.235  -6.631  -22.463 1.00 83.90  ? 525 GLU A OE1 1 
ATOM   1343 O OE2 . GLU A 1 173 ? 0.749   -5.872  -23.025 1.00 83.97  ? 525 GLU A OE2 1 
ATOM   1344 N N   . LEU A 1 174 ? -3.300  -2.449  -19.071 1.00 78.36  ? 526 LEU A N   1 
ATOM   1345 C CA  . LEU A 1 174 ? -4.370  -2.140  -18.113 1.00 78.26  ? 526 LEU A CA  1 
ATOM   1346 C C   . LEU A 1 174 ? -4.775  -0.660  -18.162 1.00 78.99  ? 526 LEU A C   1 
ATOM   1347 O O   . LEU A 1 174 ? -5.940  -0.333  -17.934 1.00 77.02  ? 526 LEU A O   1 
ATOM   1348 C CB  . LEU A 1 174 ? -3.940  -2.520  -16.687 1.00 77.84  ? 526 LEU A CB  1 
ATOM   1349 C CG  . LEU A 1 174 ? -4.985  -2.430  -15.567 1.00 77.56  ? 526 LEU A CG  1 
ATOM   1350 C CD1 . LEU A 1 174 ? -6.133  -3.403  -15.794 1.00 77.88  ? 526 LEU A CD1 1 
ATOM   1351 C CD2 . LEU A 1 174 ? -4.332  -2.691  -14.219 1.00 77.45  ? 526 LEU A CD2 1 
ATOM   1352 N N   . LYS A 1 175 ? -3.812  0.220   -18.449 1.00 81.64  ? 527 LYS A N   1 
ATOM   1353 C CA  . LYS A 1 175 ? -4.073  1.659   -18.599 1.00 84.39  ? 527 LYS A CA  1 
ATOM   1354 C C   . LYS A 1 175 ? -5.022  1.959   -19.766 1.00 86.33  ? 527 LYS A C   1 
ATOM   1355 O O   . LYS A 1 175 ? -5.944  2.767   -19.622 1.00 86.54  ? 527 LYS A O   1 
ATOM   1356 C CB  . LYS A 1 175 ? -2.760  2.438   -18.782 1.00 84.48  ? 527 LYS A CB  1 
ATOM   1357 C CG  . LYS A 1 175 ? -2.902  3.948   -18.643 1.00 84.83  ? 527 LYS A CG  1 
ATOM   1358 C CD  . LYS A 1 175 ? -1.571  4.677   -18.752 1.00 85.03  ? 527 LYS A CD  1 
ATOM   1359 C CE  . LYS A 1 175 ? -0.976  4.591   -20.149 1.00 86.02  ? 527 LYS A CE  1 
ATOM   1360 N NZ  . LYS A 1 175 ? -0.098  5.756   -20.450 1.00 86.92  ? 527 LYS A NZ  1 
ATOM   1361 N N   . LYS A 1 176 ? -4.791  1.312   -20.910 1.00 88.95  ? 528 LYS A N   1 
ATOM   1362 C CA  . LYS A 1 176 ? -5.667  1.459   -22.081 1.00 90.59  ? 528 LYS A CA  1 
ATOM   1363 C C   . LYS A 1 176 ? -7.021  0.781   -21.864 1.00 89.82  ? 528 LYS A C   1 
ATOM   1364 O O   . LYS A 1 176 ? -8.056  1.339   -22.232 1.00 89.79  ? 528 LYS A O   1 
ATOM   1365 C CB  . LYS A 1 176 ? -5.007  0.893   -23.345 1.00 92.16  ? 528 LYS A CB  1 
ATOM   1366 C CG  . LYS A 1 176 ? -5.662  1.362   -24.642 1.00 94.11  ? 528 LYS A CG  1 
ATOM   1367 C CD  . LYS A 1 176 ? -5.461  0.384   -25.791 1.00 95.52  ? 528 LYS A CD  1 
ATOM   1368 C CE  . LYS A 1 176 ? -4.003  0.292   -26.210 1.00 96.52  ? 528 LYS A CE  1 
ATOM   1369 N NZ  . LYS A 1 176 ? -3.853  -0.438  -27.500 1.00 97.14  ? 528 LYS A NZ  1 
ATOM   1370 N N   . GLU A 1 177 ? -7.003  -0.414  -21.271 1.00 91.17  ? 529 GLU A N   1 
ATOM   1371 C CA  . GLU A 1 177 ? -8.221  -1.205  -21.037 1.00 93.21  ? 529 GLU A CA  1 
ATOM   1372 C C   . GLU A 1 177 ? -9.230  -0.463  -20.160 1.00 94.24  ? 529 GLU A C   1 
ATOM   1373 O O   . GLU A 1 177 ? -10.388 -0.302  -20.549 1.00 95.45  ? 529 GLU A O   1 
ATOM   1374 C CB  . GLU A 1 177 ? -7.870  -2.558  -20.402 1.00 94.22  ? 529 GLU A CB  1 
ATOM   1375 C CG  . GLU A 1 177 ? -9.024  -3.554  -20.327 1.00 95.17  ? 529 GLU A CG  1 
ATOM   1376 C CD  . GLU A 1 177 ? -8.680  -4.795  -19.520 1.00 96.74  ? 529 GLU A CD  1 
ATOM   1377 O OE1 . GLU A 1 177 ? -9.533  -5.240  -18.723 1.00 97.49  ? 529 GLU A OE1 1 
ATOM   1378 O OE2 . GLU A 1 177 ? -7.558  -5.326  -19.676 1.00 97.09  ? 529 GLU A OE2 1 
ATOM   1379 N N   . LYS A 1 178 ? -8.781  -0.009  -18.990 1.00 95.65  ? 530 LYS A N   1 
ATOM   1380 C CA  . LYS A 1 178 ? -9.643  0.699   -18.032 1.00 96.11  ? 530 LYS A CA  1 
ATOM   1381 C C   . LYS A 1 178 ? -9.653  2.231   -18.195 1.00 94.95  ? 530 LYS A C   1 
ATOM   1382 O O   . LYS A 1 178 ? -10.287 2.925   -17.397 1.00 93.95  ? 530 LYS A O   1 
ATOM   1383 C CB  . LYS A 1 178 ? -9.256  0.321   -16.593 1.00 97.53  ? 530 LYS A CB  1 
ATOM   1384 C CG  . LYS A 1 178 ? -9.192  -1.180  -16.296 1.00 98.94  ? 530 LYS A CG  1 
ATOM   1385 C CD  . LYS A 1 178 ? -10.448 -1.962  -16.681 1.00 100.52 ? 530 LYS A CD  1 
ATOM   1386 C CE  . LYS A 1 178 ? -11.667 -1.626  -15.828 1.00 100.95 ? 530 LYS A CE  1 
ATOM   1387 N NZ  . LYS A 1 178 ? -11.763 -2.480  -14.610 1.00 100.83 ? 530 LYS A NZ  1 
ATOM   1388 N N   . LYS A 1 179 ? -8.967  2.751   -19.218 1.00 95.74  ? 531 LYS A N   1 
ATOM   1389 C CA  . LYS A 1 179 ? -8.993  4.181   -19.579 1.00 97.27  ? 531 LYS A CA  1 
ATOM   1390 C C   . LYS A 1 179 ? -8.493  5.103   -18.451 1.00 96.16  ? 531 LYS A C   1 
ATOM   1391 O O   . LYS A 1 179 ? -9.127  6.106   -18.115 1.00 96.38  ? 531 LYS A O   1 
ATOM   1392 C CB  . LYS A 1 179 ? -10.389 4.591   -20.101 1.00 99.46  ? 531 LYS A CB  1 
ATOM   1393 C CG  . LYS A 1 179 ? -10.583 4.353   -21.593 1.00 100.98 ? 531 LYS A CG  1 
ATOM   1394 C CD  . LYS A 1 179 ? -10.119 5.550   -22.413 1.00 102.23 ? 531 LYS A CD  1 
ATOM   1395 C CE  . LYS A 1 179 ? -9.909  5.199   -23.878 1.00 102.94 ? 531 LYS A CE  1 
ATOM   1396 N NZ  . LYS A 1 179 ? -8.607  4.516   -24.120 1.00 103.48 ? 531 LYS A NZ  1 
ATOM   1397 N N   . ILE A 1 180 ? -7.340  4.748   -17.886 1.00 94.84  ? 532 ILE A N   1 
ATOM   1398 C CA  . ILE A 1 180 ? -6.694  5.543   -16.837 1.00 92.73  ? 532 ILE A CA  1 
ATOM   1399 C C   . ILE A 1 180 ? -5.901  6.664   -17.512 1.00 91.59  ? 532 ILE A C   1 
ATOM   1400 O O   . ILE A 1 180 ? -4.722  6.497   -17.841 1.00 89.15  ? 532 ILE A O   1 
ATOM   1401 C CB  . ILE A 1 180 ? -5.779  4.673   -15.940 1.00 92.21  ? 532 ILE A CB  1 
ATOM   1402 C CG1 . ILE A 1 180 ? -6.597  3.579   -15.244 1.00 91.87  ? 532 ILE A CG1 1 
ATOM   1403 C CG2 . ILE A 1 180 ? -5.066  5.528   -14.893 1.00 92.04  ? 532 ILE A CG2 1 
ATOM   1404 C CD1 . ILE A 1 180 ? -5.791  2.371   -14.827 1.00 92.29  ? 532 ILE A CD1 1 
ATOM   1405 N N   . MET A 1 181 ? -6.571  7.796   -17.730 1.00 92.15  ? 533 MET A N   1 
ATOM   1406 C CA  . MET A 1 181 ? -5.981  8.941   -18.432 1.00 92.23  ? 533 MET A CA  1 
ATOM   1407 C C   . MET A 1 181 ? -5.310  9.899   -17.453 1.00 88.66  ? 533 MET A C   1 
ATOM   1408 O O   . MET A 1 181 ? -4.150  10.270  -17.645 1.00 88.10  ? 533 MET A O   1 
ATOM   1409 C CB  . MET A 1 181 ? -7.047  9.676   -19.251 1.00 95.04  ? 533 MET A CB  1 
ATOM   1410 C CG  . MET A 1 181 ? -7.662  8.856   -20.380 1.00 97.26  ? 533 MET A CG  1 
ATOM   1411 S SD  . MET A 1 181 ? -6.502  8.397   -21.689 1.00 100.06 ? 533 MET A SD  1 
ATOM   1412 C CE  . MET A 1 181 ? -6.111  6.703   -21.256 1.00 98.59  ? 533 MET A CE  1 
ATOM   1413 N N   . SER A 1 182 ? -6.048  10.302  -16.418 1.00 85.54  ? 534 SER A N   1 
ATOM   1414 C CA  . SER A 1 182 ? -5.498  11.118  -15.331 1.00 82.80  ? 534 SER A CA  1 
ATOM   1415 C C   . SER A 1 182 ? -5.128  10.232  -14.142 1.00 80.36  ? 534 SER A C   1 
ATOM   1416 O O   . SER A 1 182 ? -5.480  9.050   -14.099 1.00 79.53  ? 534 SER A O   1 
ATOM   1417 C CB  . SER A 1 182 ? -6.496  12.202  -14.904 1.00 82.35  ? 534 SER A CB  1 
ATOM   1418 O OG  . SER A 1 182 ? -7.518  11.684  -14.069 1.00 82.61  ? 534 SER A OG  1 
ATOM   1419 N N   . VAL A 1 183 ? -4.414  10.820  -13.186 1.00 77.38  ? 535 VAL A N   1 
ATOM   1420 C CA  . VAL A 1 183 ? -3.973  10.116  -11.979 1.00 75.41  ? 535 VAL A CA  1 
ATOM   1421 C C   . VAL A 1 183 ? -3.903  11.163  -10.840 1.00 73.70  ? 535 VAL A C   1 
ATOM   1422 O O   . VAL A 1 183 ? -3.438  12.279  -11.088 1.00 73.90  ? 535 VAL A O   1 
ATOM   1423 C CB  . VAL A 1 183 ? -2.635  9.358   -12.272 1.00 75.40  ? 535 VAL A CB  1 
ATOM   1424 C CG1 . VAL A 1 183 ? -1.387  10.153  -11.896 1.00 75.34  ? 535 VAL A CG1 1 
ATOM   1425 C CG2 . VAL A 1 183 ? -2.609  7.998   -11.600 1.00 74.81  ? 535 VAL A CG2 1 
ATOM   1426 N N   . PRO A 1 184 ? -4.363  10.866  -9.616  1.00 71.17  ? 536 PRO A N   1 
ATOM   1427 C CA  . PRO A 1 184 ? -4.804  9.549   -9.143  1.00 71.16  ? 536 PRO A CA  1 
ATOM   1428 C C   . PRO A 1 184 ? -6.171  9.088   -9.647  1.00 71.75  ? 536 PRO A C   1 
ATOM   1429 O O   . PRO A 1 184 ? -7.130  9.864   -9.640  1.00 71.89  ? 536 PRO A O   1 
ATOM   1430 C CB  . PRO A 1 184 ? -4.879  9.743   -7.624  1.00 70.76  ? 536 PRO A CB  1 
ATOM   1431 C CG  . PRO A 1 184 ? -5.192  11.187  -7.451  1.00 70.33  ? 536 PRO A CG  1 
ATOM   1432 C CD  . PRO A 1 184 ? -4.476  11.895  -8.565  1.00 70.46  ? 536 PRO A CD  1 
ATOM   1433 N N   . ALA A 1 185 ? -6.230  7.828   -10.078 1.00 71.93  ? 537 ALA A N   1 
ATOM   1434 C CA  . ALA A 1 185 ? -7.478  7.135   -10.390 1.00 71.86  ? 537 ALA A CA  1 
ATOM   1435 C C   . ALA A 1 185 ? -7.725  6.077   -9.321  1.00 72.19  ? 537 ALA A C   1 
ATOM   1436 O O   . ALA A 1 185 ? -6.781  5.577   -8.704  1.00 72.58  ? 537 ALA A O   1 
ATOM   1437 C CB  . ALA A 1 185 ? -7.398  6.493   -11.765 1.00 71.62  ? 537 ALA A CB  1 
ATOM   1438 N N   . MET A 1 186 ? -8.996  5.738   -9.117  1.00 73.03  ? 538 MET A N   1 
ATOM   1439 C CA  . MET A 1 186 ? -9.409  4.844   -8.037  1.00 74.76  ? 538 MET A CA  1 
ATOM   1440 C C   . MET A 1 186 ? -10.513 3.899   -8.514  1.00 75.71  ? 538 MET A C   1 
ATOM   1441 O O   . MET A 1 186 ? -11.583 4.353   -8.924  1.00 76.46  ? 538 MET A O   1 
ATOM   1442 C CB  . MET A 1 186 ? -9.892  5.678   -6.852  1.00 75.77  ? 538 MET A CB  1 
ATOM   1443 C CG  . MET A 1 186 ? -10.152 4.889   -5.583  1.00 76.95  ? 538 MET A CG  1 
ATOM   1444 S SD  . MET A 1 186 ? -10.268 5.977   -4.151  1.00 79.53  ? 538 MET A SD  1 
ATOM   1445 C CE  . MET A 1 186 ? -11.027 4.882   -2.956  1.00 78.50  ? 538 MET A CE  1 
ATOM   1446 N N   . LEU A 1 187 ? -10.241 2.592   -8.459  1.00 76.08  ? 539 LEU A N   1 
ATOM   1447 C CA  . LEU A 1 187 ? -11.176 1.555   -8.907  1.00 76.94  ? 539 LEU A CA  1 
ATOM   1448 C C   . LEU A 1 187 ? -11.596 0.685   -7.724  1.00 77.10  ? 539 LEU A C   1 
ATOM   1449 O O   . LEU A 1 187 ? -10.744 0.124   -7.033  1.00 77.54  ? 539 LEU A O   1 
ATOM   1450 C CB  . LEU A 1 187 ? -10.518 0.698   -9.990  1.00 77.96  ? 539 LEU A CB  1 
ATOM   1451 C CG  . LEU A 1 187 ? -11.364 -0.340  -10.737 1.00 78.65  ? 539 LEU A CG  1 
ATOM   1452 C CD1 . LEU A 1 187 ? -12.455 0.338   -11.551 1.00 79.68  ? 539 LEU A CD1 1 
ATOM   1453 C CD2 . LEU A 1 187 ? -10.492 -1.198  -11.644 1.00 78.58  ? 539 LEU A CD2 1 
ATOM   1454 N N   . ILE A 1 188 ? -12.908 0.581   -7.505  1.00 77.42  ? 540 ILE A N   1 
ATOM   1455 C CA  . ILE A 1 188 ? -13.485 -0.158  -6.377  1.00 78.57  ? 540 ILE A CA  1 
ATOM   1456 C C   . ILE A 1 188 ? -14.157 -1.428  -6.909  1.00 79.09  ? 540 ILE A C   1 
ATOM   1457 O O   . ILE A 1 188 ? -15.123 -1.340  -7.667  1.00 78.20  ? 540 ILE A O   1 
ATOM   1458 C CB  . ILE A 1 188 ? -14.516 0.714   -5.620  1.00 79.17  ? 540 ILE A CB  1 
ATOM   1459 C CG1 . ILE A 1 188 ? -13.842 1.969   -5.041  1.00 79.20  ? 540 ILE A CG1 1 
ATOM   1460 C CG2 . ILE A 1 188 ? -15.193 -0.083  -4.506  1.00 78.97  ? 540 ILE A CG2 1 
ATOM   1461 C CD1 . ILE A 1 188 ? -14.801 3.109   -4.761  1.00 79.40  ? 540 ILE A CD1 1 
ATOM   1462 N N   . ASP A 1 189 ? -13.652 -2.592  -6.489  1.00 80.28  ? 541 ASP A N   1 
ATOM   1463 C CA  . ASP A 1 189 ? -14.017 -3.901  -7.062  1.00 81.29  ? 541 ASP A CA  1 
ATOM   1464 C C   . ASP A 1 189 ? -13.719 -3.889  -8.576  1.00 83.46  ? 541 ASP A C   1 
ATOM   1465 O O   . ASP A 1 189 ? -12.577 -3.635  -8.956  1.00 85.53  ? 541 ASP A O   1 
ATOM   1466 C CB  . ASP A 1 189 ? -15.467 -4.290  -6.711  1.00 80.08  ? 541 ASP A CB  1 
ATOM   1467 C CG  . ASP A 1 189 ? -15.724 -4.332  -5.207  1.00 79.39  ? 541 ASP A CG  1 
ATOM   1468 O OD1 . ASP A 1 189 ? -14.821 -4.740  -4.445  1.00 79.24  ? 541 ASP A OD1 1 
ATOM   1469 O OD2 . ASP A 1 189 ? -16.841 -3.970  -4.785  1.00 78.36  ? 541 ASP A OD2 1 
ATOM   1470 N N   . GLY A 1 190 ? -14.702 -4.166  -9.434  1.00 86.18  ? 542 GLY A N   1 
ATOM   1471 C CA  . GLY A 1 190 ? -14.601 -3.825  -10.855 1.00 88.67  ? 542 GLY A CA  1 
ATOM   1472 C C   . GLY A 1 190 ? -15.239 -2.457  -10.992 1.00 91.73  ? 542 GLY A C   1 
ATOM   1473 O O   . GLY A 1 190 ? -14.713 -1.472  -10.482 1.00 92.79  ? 542 GLY A O   1 
ATOM   1474 N N   . GLU A 1 191 ? -16.368 -2.407  -11.695 1.00 95.65  ? 543 GLU A N   1 
ATOM   1475 C CA  . GLU A 1 191 ? -17.368 -1.340  -11.549 1.00 98.15  ? 543 GLU A CA  1 
ATOM   1476 C C   . GLU A 1 191 ? -16.878 0.120   -11.722 1.00 98.48  ? 543 GLU A C   1 
ATOM   1477 O O   . GLU A 1 191 ? -16.681 0.573   -12.852 1.00 98.85  ? 543 GLU A O   1 
ATOM   1478 C CB  . GLU A 1 191 ? -18.123 -1.525  -10.218 1.00 99.88  ? 543 GLU A CB  1 
ATOM   1479 C CG  . GLU A 1 191 ? -18.876 -2.847  -10.106 1.00 102.05 ? 543 GLU A CG  1 
ATOM   1480 C CD  . GLU A 1 191 ? -19.438 -3.105  -8.717  1.00 103.79 ? 543 GLU A CD  1 
ATOM   1481 O OE1 . GLU A 1 191 ? -19.602 -2.143  -7.935  1.00 105.55 ? 543 GLU A OE1 1 
ATOM   1482 O OE2 . GLU A 1 191 ? -19.723 -4.282  -8.405  1.00 103.81 ? 543 GLU A OE2 1 
ATOM   1483 N N   . GLN A 1 192 ? -16.654 0.827   -10.611 1.00 99.44  ? 544 GLN A N   1 
ATOM   1484 C CA  . GLN A 1 192 ? -16.658 2.294   -10.593 1.00 100.36 ? 544 GLN A CA  1 
ATOM   1485 C C   . GLN A 1 192 ? -15.250 2.889   -10.648 1.00 99.37  ? 544 GLN A C   1 
ATOM   1486 O O   . GLN A 1 192 ? -14.441 2.651   -9.750  1.00 98.84  ? 544 GLN A O   1 
ATOM   1487 C CB  . GLN A 1 192 ? -17.379 2.787   -9.332  1.00 101.58 ? 544 GLN A CB  1 
ATOM   1488 C CG  . GLN A 1 192 ? -17.854 4.234   -9.401  1.00 102.72 ? 544 GLN A CG  1 
ATOM   1489 C CD  . GLN A 1 192 ? -18.458 4.734   -8.098  1.00 103.69 ? 544 GLN A CD  1 
ATOM   1490 O OE1 . GLN A 1 192 ? -18.527 4.009   -7.102  1.00 103.31 ? 544 GLN A OE1 1 
ATOM   1491 N NE2 . GLN A 1 192 ? -18.899 5.987   -8.099  1.00 103.50 ? 544 GLN A NE2 1 
ATOM   1492 N N   . MET A 1 193 ? -14.979 3.670   -11.695 1.00 97.55  ? 545 MET A N   1 
ATOM   1493 C CA  . MET A 1 193 ? -13.706 4.374   -11.863 1.00 96.03  ? 545 MET A CA  1 
ATOM   1494 C C   . MET A 1 193 ? -13.869 5.826   -11.406 1.00 95.34  ? 545 MET A C   1 
ATOM   1495 O O   . MET A 1 193 ? -14.754 6.530   -11.892 1.00 98.85  ? 545 MET A O   1 
ATOM   1496 C CB  . MET A 1 193 ? -13.277 4.324   -13.334 1.00 94.78  ? 545 MET A CB  1 
ATOM   1497 C CG  . MET A 1 193 ? -11.836 4.731   -13.607 1.00 95.18  ? 545 MET A CG  1 
ATOM   1498 S SD  . MET A 1 193 ? -10.621 3.687   -12.772 1.00 95.38  ? 545 MET A SD  1 
ATOM   1499 C CE  . MET A 1 193 ? -9.662  3.136   -14.173 1.00 93.98  ? 545 MET A CE  1 
ATOM   1500 N N   . ILE A 1 194 ? -13.013 6.259   -10.478 1.00 93.06  ? 546 ILE A N   1 
ATOM   1501 C CA  . ILE A 1 194 ? -13.095 7.596   -9.871  1.00 91.04  ? 546 ILE A CA  1 
ATOM   1502 C C   . ILE A 1 194 ? -11.741 8.301   -9.992  1.00 90.10  ? 546 ILE A C   1 
ATOM   1503 O O   . ILE A 1 194 ? -10.767 7.893   -9.356  1.00 90.99  ? 546 ILE A O   1 
ATOM   1504 C CB  . ILE A 1 194 ? -13.513 7.520   -8.381  1.00 90.29  ? 546 ILE A CB  1 
ATOM   1505 C CG1 . ILE A 1 194 ? -14.782 6.669   -8.222  1.00 90.09  ? 546 ILE A CG1 1 
ATOM   1506 C CG2 . ILE A 1 194 ? -13.741 8.917   -7.799  1.00 90.18  ? 546 ILE A CG2 1 
ATOM   1507 C CD1 . ILE A 1 194 ? -15.330 6.611   -6.810  1.00 89.88  ? 546 ILE A CD1 1 
ATOM   1508 N N   . PHE A 1 195 ? -11.698 9.361   -10.800 1.00 87.93  ? 547 PHE A N   1 
ATOM   1509 C CA  . PHE A 1 195 ? -10.479 10.156  -10.997 1.00 87.25  ? 547 PHE A CA  1 
ATOM   1510 C C   . PHE A 1 195 ? -10.363 11.285  -9.975  1.00 86.42  ? 547 PHE A C   1 
ATOM   1511 O O   . PHE A 1 195 ? -11.328 11.614  -9.281  1.00 88.13  ? 547 PHE A O   1 
ATOM   1512 C CB  . PHE A 1 195 ? -10.450 10.739  -12.412 1.00 86.50  ? 547 PHE A CB  1 
ATOM   1513 C CG  . PHE A 1 195 ? -10.467 9.699   -13.494 1.00 86.07  ? 547 PHE A CG  1 
ATOM   1514 C CD1 . PHE A 1 195 ? -9.291  9.070   -13.892 1.00 85.87  ? 547 PHE A CD1 1 
ATOM   1515 C CD2 . PHE A 1 195 ? -11.660 9.338   -14.113 1.00 85.80  ? 547 PHE A CD2 1 
ATOM   1516 C CE1 . PHE A 1 195 ? -9.302  8.106   -14.889 1.00 85.99  ? 547 PHE A CE1 1 
ATOM   1517 C CE2 . PHE A 1 195 ? -11.678 8.374   -15.111 1.00 86.54  ? 547 PHE A CE2 1 
ATOM   1518 C CZ  . PHE A 1 195 ? -10.498 7.758   -15.500 1.00 86.38  ? 547 PHE A CZ  1 
ATOM   1519 N N   . GLY A 1 196 ? -9.165  11.862  -9.883  1.00 85.32  ? 548 GLY A N   1 
ATOM   1520 C CA  . GLY A 1 196 ? -8.920  13.055  -9.070  1.00 84.09  ? 548 GLY A CA  1 
ATOM   1521 C C   . GLY A 1 196 ? -8.679  12.801  -7.593  1.00 82.65  ? 548 GLY A C   1 
ATOM   1522 O O   . GLY A 1 196 ? -8.917  11.702  -7.085  1.00 83.04  ? 548 GLY A O   1 
ATOM   1523 N N   . SER A 1 197 ? -8.198  13.842  -6.914  1.00 80.73  ? 549 SER A N   1 
ATOM   1524 C CA  . SER A 1 197 ? -7.933  13.811  -5.473  1.00 79.23  ? 549 SER A CA  1 
ATOM   1525 C C   . SER A 1 197 ? -9.237  13.695  -4.677  1.00 78.14  ? 549 SER A C   1 
ATOM   1526 O O   . SER A 1 197 ? -10.269 14.226  -5.094  1.00 76.76  ? 549 SER A O   1 
ATOM   1527 C CB  . SER A 1 197 ? -7.167  15.073  -5.057  1.00 79.36  ? 549 SER A CB  1 
ATOM   1528 O OG  . SER A 1 197 ? -6.898  15.092  -3.667  1.00 80.12  ? 549 SER A OG  1 
ATOM   1529 N N   . LYS A 1 198 ? -9.180  12.994  -3.543  1.00 76.94  ? 550 LYS A N   1 
ATOM   1530 C CA  . LYS A 1 198 ? -10.365 12.715  -2.721  1.00 76.05  ? 550 LYS A CA  1 
ATOM   1531 C C   . LYS A 1 198 ? -10.048 12.712  -1.226  1.00 76.66  ? 550 LYS A C   1 
ATOM   1532 O O   . LYS A 1 198 ? -8.931  12.388  -0.818  1.00 77.94  ? 550 LYS A O   1 
ATOM   1533 C CB  . LYS A 1 198 ? -10.974 11.359  -3.105  1.00 75.40  ? 550 LYS A CB  1 
ATOM   1534 C CG  . LYS A 1 198 ? -11.666 11.313  -4.461  1.00 75.45  ? 550 LYS A CG  1 
ATOM   1535 C CD  . LYS A 1 198 ? -12.919 12.175  -4.492  1.00 75.69  ? 550 LYS A CD  1 
ATOM   1536 C CE  . LYS A 1 198 ? -13.722 11.956  -5.764  1.00 76.03  ? 550 LYS A CE  1 
ATOM   1537 N NZ  . LYS A 1 198 ? -12.978 12.361  -6.988  1.00 75.75  ? 550 LYS A NZ  1 
ATOM   1538 N N   . THR A 1 199 ? -11.051 13.067  -0.422  1.00 77.46  ? 551 THR A N   1 
ATOM   1539 C CA  . THR A 1 199 ? -10.944 13.068  1.039   1.00 78.20  ? 551 THR A CA  1 
ATOM   1540 C C   . THR A 1 199 ? -11.295 11.697  1.613   1.00 77.64  ? 551 THR A C   1 
ATOM   1541 O O   . THR A 1 199 ? -11.769 10.815  0.894   1.00 75.55  ? 551 THR A O   1 
ATOM   1542 C CB  . THR A 1 199 ? -11.885 14.116  1.673   1.00 79.25  ? 551 THR A CB  1 
ATOM   1543 O OG1 . THR A 1 199 ? -13.246 13.816  1.330   1.00 79.47  ? 551 THR A OG1 1 
ATOM   1544 C CG2 . THR A 1 199 ? -11.541 15.517  1.188   1.00 79.64  ? 551 THR A CG2 1 
ATOM   1545 N N   . MET A 1 200 ? -11.063 11.539  2.913   1.00 78.60  ? 552 MET A N   1 
ATOM   1546 C CA  . MET A 1 200 ? -11.454 10.337  3.652   1.00 79.53  ? 552 MET A CA  1 
ATOM   1547 C C   . MET A 1 200 ? -12.972 10.114  3.592   1.00 80.71  ? 552 MET A C   1 
ATOM   1548 O O   . MET A 1 200 ? -13.424 8.991   3.362   1.00 81.87  ? 552 MET A O   1 
ATOM   1549 C CB  . MET A 1 200 ? -10.984 10.446  5.111   1.00 79.86  ? 552 MET A CB  1 
ATOM   1550 C CG  . MET A 1 200 ? -11.296 9.250   6.002   1.00 80.57  ? 552 MET A CG  1 
ATOM   1551 S SD  . MET A 1 200 ? -10.479 7.727   5.491   1.00 80.78  ? 552 MET A SD  1 
ATOM   1552 C CE  . MET A 1 200 ? -8.857  7.955   6.217   1.00 79.66  ? 552 MET A CE  1 
ATOM   1553 N N   . THR A 1 201 ? -13.741 11.186  3.795   1.00 81.65  ? 553 THR A N   1 
ATOM   1554 C CA  . THR A 1 201 ? -15.213 11.142  3.732   1.00 81.64  ? 553 THR A CA  1 
ATOM   1555 C C   . THR A 1 201 ? -15.748 10.709  2.364   1.00 80.20  ? 553 THR A C   1 
ATOM   1556 O O   . THR A 1 201 ? -16.653 9.877   2.287   1.00 79.03  ? 553 THR A O   1 
ATOM   1557 C CB  . THR A 1 201 ? -15.850 12.509  4.106   1.00 83.20  ? 553 THR A CB  1 
ATOM   1558 O OG1 . THR A 1 201 ? -14.891 13.561  3.932   1.00 84.40  ? 553 THR A OG1 1 
ATOM   1559 C CG2 . THR A 1 201 ? -16.334 12.509  5.549   1.00 83.50  ? 553 THR A CG2 1 
ATOM   1560 N N   . GLU A 1 202 ? -15.189 11.283  1.298   1.00 79.41  ? 554 GLU A N   1 
ATOM   1561 C CA  . GLU A 1 202 ? -15.565 10.921  -0.077  1.00 79.51  ? 554 GLU A CA  1 
ATOM   1562 C C   . GLU A 1 202 ? -15.241 9.463   -0.413  1.00 78.80  ? 554 GLU A C   1 
ATOM   1563 O O   . GLU A 1 202 ? -16.029 8.791   -1.082  1.00 78.65  ? 554 GLU A O   1 
ATOM   1564 C CB  . GLU A 1 202 ? -14.872 11.839  -1.089  1.00 80.58  ? 554 GLU A CB  1 
ATOM   1565 C CG  . GLU A 1 202 ? -15.388 13.270  -1.096  1.00 80.93  ? 554 GLU A CG  1 
ATOM   1566 C CD  . GLU A 1 202 ? -14.537 14.193  -1.950  1.00 80.77  ? 554 GLU A CD  1 
ATOM   1567 O OE1 . GLU A 1 202 ? -13.316 14.284  -1.699  1.00 81.25  ? 554 GLU A OE1 1 
ATOM   1568 O OE2 . GLU A 1 202 ? -15.088 14.833  -2.870  1.00 80.97  ? 554 GLU A OE2 1 
ATOM   1569 N N   . ILE A 1 203 ? -14.081 8.991   0.047   1.00 78.00  ? 555 ILE A N   1 
ATOM   1570 C CA  . ILE A 1 203 ? -13.653 7.600   -0.167  1.00 77.00  ? 555 ILE A CA  1 
ATOM   1571 C C   . ILE A 1 203 ? -14.563 6.621   0.584   1.00 76.04  ? 555 ILE A C   1 
ATOM   1572 O O   . ILE A 1 203 ? -14.952 5.592   0.030   1.00 74.77  ? 555 ILE A O   1 
ATOM   1573 C CB  . ILE A 1 203 ? -12.163 7.397   0.223   1.00 76.75  ? 555 ILE A CB  1 
ATOM   1574 C CG1 . ILE A 1 203 ? -11.255 8.153   -0.761  1.00 76.49  ? 555 ILE A CG1 1 
ATOM   1575 C CG2 . ILE A 1 203 ? -11.779 5.918   0.232   1.00 76.57  ? 555 ILE A CG2 1 
ATOM   1576 C CD1 . ILE A 1 203 ? -9.875  8.463   -0.222  1.00 76.20  ? 555 ILE A CD1 1 
ATOM   1577 N N   . ILE A 1 204 ? -14.897 6.949   1.833   1.00 77.00  ? 556 ILE A N   1 
ATOM   1578 C CA  . ILE A 1 204 ? -15.846 6.157   2.630   1.00 78.17  ? 556 ILE A CA  1 
ATOM   1579 C C   . ILE A 1 204 ? -17.240 6.140   1.983   1.00 80.22  ? 556 ILE A C   1 
ATOM   1580 O O   . ILE A 1 204 ? -17.918 5.109   2.005   1.00 79.94  ? 556 ILE A O   1 
ATOM   1581 C CB  . ILE A 1 204 ? -15.924 6.663   4.096   1.00 77.60  ? 556 ILE A CB  1 
ATOM   1582 C CG1 . ILE A 1 204 ? -14.609 6.361   4.831   1.00 77.06  ? 556 ILE A CG1 1 
ATOM   1583 C CG2 . ILE A 1 204 ? -17.084 6.023   4.854   1.00 77.58  ? 556 ILE A CG2 1 
ATOM   1584 C CD1 . ILE A 1 204 ? -14.385 7.197   6.074   1.00 76.79  ? 556 ILE A CD1 1 
ATOM   1585 N N   . GLU A 1 205 ? -17.652 7.270   1.406   1.00 83.30  ? 557 GLU A N   1 
ATOM   1586 C CA  . GLU A 1 205 ? -18.944 7.376   0.715   1.00 85.50  ? 557 GLU A CA  1 
ATOM   1587 C C   . GLU A 1 205 ? -19.010 6.498   -0.541  1.00 85.67  ? 557 GLU A C   1 
ATOM   1588 O O   . GLU A 1 205 ? -20.027 5.845   -0.784  1.00 87.79  ? 557 GLU A O   1 
ATOM   1589 C CB  . GLU A 1 205 ? -19.246 8.842   0.359   1.00 87.53  ? 557 GLU A CB  1 
ATOM   1590 C CG  . GLU A 1 205 ? -20.617 9.101   -0.263  1.00 88.92  ? 557 GLU A CG  1 
ATOM   1591 C CD  . GLU A 1 205 ? -21.770 8.624   0.607   1.00 90.29  ? 557 GLU A CD  1 
ATOM   1592 O OE1 . GLU A 1 205 ? -21.800 8.978   1.805   1.00 90.77  ? 557 GLU A OE1 1 
ATOM   1593 O OE2 . GLU A 1 205 ? -22.646 7.896   0.091   1.00 90.35  ? 557 GLU A OE2 1 
ATOM   1594 N N   . ALA A 1 206 ? -17.933 6.484   -1.326  1.00 84.40  ? 558 ALA A N   1 
ATOM   1595 C CA  . ALA A 1 206 ? -17.827 5.598   -2.497  1.00 83.31  ? 558 ALA A CA  1 
ATOM   1596 C C   . ALA A 1 206 ? -17.715 4.112   -2.117  1.00 82.50  ? 558 ALA A C   1 
ATOM   1597 O O   . ALA A 1 206 ? -18.060 3.240   -2.916  1.00 81.98  ? 558 ALA A O   1 
ATOM   1598 C CB  . ALA A 1 206 ? -16.648 6.010   -3.367  1.00 83.19  ? 558 ALA A CB  1 
ATOM   1599 N N   . LEU A 1 207 ? -17.224 3.840   -0.906  1.00 82.59  ? 559 LEU A N   1 
ATOM   1600 C CA  . LEU A 1 207 ? -17.160 2.479   -0.344  1.00 83.48  ? 559 LEU A CA  1 
ATOM   1601 C C   . LEU A 1 207 ? -18.427 2.040   0.418   1.00 83.73  ? 559 LEU A C   1 
ATOM   1602 O O   . LEU A 1 207 ? -18.490 0.900   0.883   1.00 83.06  ? 559 LEU A O   1 
ATOM   1603 C CB  . LEU A 1 207 ? -15.937 2.350   0.587   1.00 83.81  ? 559 LEU A CB  1 
ATOM   1604 C CG  . LEU A 1 207 ? -14.571 1.951   0.011   1.00 84.29  ? 559 LEU A CG  1 
ATOM   1605 C CD1 . LEU A 1 207 ? -14.335 2.469   -1.403  1.00 85.07  ? 559 LEU A CD1 1 
ATOM   1606 C CD2 . LEU A 1 207 ? -13.464 2.418   0.948   1.00 83.99  ? 559 LEU A CD2 1 
ATOM   1607 N N   . ALA A 1 208 ? -19.434 2.910   0.527   1.00 84.99  ? 560 ALA A N   1 
ATOM   1608 C CA  . ALA A 1 208 ? -20.622 2.634   1.351   1.00 84.68  ? 560 ALA A CA  1 
ATOM   1609 C C   . ALA A 1 208 ? -21.552 1.582   0.741   1.00 83.12  ? 560 ALA A C   1 
ATOM   1610 O O   . ALA A 1 208 ? -21.357 1.131   -0.388  1.00 81.66  ? 560 ALA A O   1 
ATOM   1611 C CB  . ALA A 1 208 ? -21.392 3.922   1.610   1.00 85.14  ? 560 ALA A CB  1 
HETATM 1612 S S   . SO4 B 2 .   ? 0.043   -5.066  -18.458 1.00 114.81 ? 601 SO4 A S   1 
HETATM 1613 O O1  . SO4 B 2 .   ? -1.182  -4.723  -17.700 1.00 112.31 ? 601 SO4 A O1  1 
HETATM 1614 O O2  . SO4 B 2 .   ? 0.426   -3.926  -19.319 1.00 112.79 ? 601 SO4 A O2  1 
HETATM 1615 O O3  . SO4 B 2 .   ? -0.217  -6.254  -19.303 1.00 115.75 ? 601 SO4 A O3  1 
HETATM 1616 O O4  . SO4 B 2 .   ? 1.148   -5.370  -17.522 1.00 115.35 ? 601 SO4 A O4  1 
HETATM 1617 S S   . SO4 C 2 .   ? 16.329  1.668   15.112  1.00 95.57  ? 602 SO4 A S   1 
HETATM 1618 O O1  . SO4 C 2 .   ? 16.068  2.792   14.182  1.00 95.57  ? 602 SO4 A O1  1 
HETATM 1619 O O2  . SO4 C 2 .   ? 15.042  1.058   15.516  1.00 93.27  ? 602 SO4 A O2  1 
HETATM 1620 O O3  . SO4 C 2 .   ? 17.179  0.657   14.444  1.00 95.91  ? 602 SO4 A O3  1 
HETATM 1621 O O4  . SO4 C 2 .   ? 17.037  2.175   16.309  1.00 95.11  ? 602 SO4 A O4  1 
HETATM 1622 S S   . SO4 D 2 .   ? 1.561   10.949  17.912  1.00 111.61 ? 603 SO4 A S   1 
HETATM 1623 O O1  . SO4 D 2 .   ? 0.466   11.683  18.587  1.00 110.72 ? 603 SO4 A O1  1 
HETATM 1624 O O2  . SO4 D 2 .   ? 2.007   11.714  16.726  1.00 110.78 ? 603 SO4 A O2  1 
HETATM 1625 O O3  . SO4 D 2 .   ? 1.077   9.617   17.482  1.00 112.45 ? 603 SO4 A O3  1 
HETATM 1626 O O4  . SO4 D 2 .   ? 2.694   10.780  18.849  1.00 111.02 ? 603 SO4 A O4  1 
HETATM 1627 O O   . HOH E 3 .   ? 14.356  -3.800  10.630  1.00 43.32  ? 701 HOH A O   1 
HETATM 1628 O O   . HOH E 3 .   ? 8.407   -9.061  -10.939 1.00 46.31  ? 702 HOH A O   1 
HETATM 1629 O O   . HOH E 3 .   ? 12.948  -9.034  -0.855  1.00 57.37  ? 703 HOH A O   1 
HETATM 1630 O O   . HOH E 3 .   ? 2.197   -21.701 0.965   1.00 52.98  ? 704 HOH A O   1 
HETATM 1631 O O   . HOH E 3 .   ? 5.029   -17.919 -3.883  1.00 34.71  ? 705 HOH A O   1 
HETATM 1632 O O   . HOH E 3 .   ? -2.025  -19.619 -5.925  1.00 47.93  ? 706 HOH A O   1 
HETATM 1633 O O   . HOH E 3 .   ? -0.544  4.198   3.036   1.00 29.20  ? 707 HOH A O   1 
HETATM 1634 O O   . HOH E 3 .   ? -4.764  13.993  -2.703  1.00 58.17  ? 708 HOH A O   1 
HETATM 1635 O O   . HOH E 3 .   ? -10.587 -2.472  -7.747  1.00 57.54  ? 709 HOH A O   1 
HETATM 1636 O O   . HOH E 3 .   ? 7.170   1.354   -9.319  1.00 37.85  ? 710 HOH A O   1 
HETATM 1637 O O   . HOH E 3 .   ? 17.199  -4.450  6.043   1.00 41.89  ? 711 HOH A O   1 
HETATM 1638 O O   . HOH E 3 .   ? 10.912  -16.255 3.656   1.00 48.15  ? 712 HOH A O   1 
HETATM 1639 O O   . HOH E 3 .   ? -7.487  -4.738  8.718   1.00 68.50  ? 713 HOH A O   1 
HETATM 1640 O O   . HOH E 3 .   ? -8.139  -5.307  5.869   1.00 50.17  ? 714 HOH A O   1 
HETATM 1641 O O   . HOH E 3 .   ? 11.743  -0.853  19.118  1.00 59.99  ? 715 HOH A O   1 
HETATM 1642 O O   . HOH E 3 .   ? 0.849   -7.266  -6.451  1.00 47.29  ? 716 HOH A O   1 
HETATM 1643 O O   . HOH E 3 .   ? 3.463   9.575   -6.415  1.00 53.95  ? 717 HOH A O   1 
HETATM 1644 O O   . HOH E 3 .   ? 5.489   -5.046  -13.996 1.00 52.25  ? 718 HOH A O   1 
HETATM 1645 O O   . HOH E 3 .   ? 7.761   -10.931 -12.911 1.00 48.49  ? 719 HOH A O   1 
HETATM 1646 O O   . HOH E 3 .   ? 16.661  -0.412  12.016  1.00 60.98  ? 720 HOH A O   1 
HETATM 1647 O O   . HOH E 3 .   ? -4.343  10.665  3.458   1.00 56.91  ? 721 HOH A O   1 
HETATM 1648 O O   . HOH E 3 .   ? 8.325   -8.697  -6.511  1.00 37.12  ? 722 HOH A O   1 
HETATM 1649 O O   . HOH E 3 .   ? 5.207   -24.227 -6.472  1.00 48.57  ? 723 HOH A O   1 
HETATM 1650 O O   . HOH E 3 .   ? 8.717   -6.831  12.396  1.00 44.98  ? 724 HOH A O   1 
HETATM 1651 O O   . HOH E 3 .   ? -5.414  -7.750  -1.836  1.00 45.69  ? 725 HOH A O   1 
HETATM 1652 O O   . HOH E 3 .   ? 13.411  4.845   13.381  1.00 81.06  ? 726 HOH A O   1 
HETATM 1653 O O   . HOH E 3 .   ? 8.160   -11.263 10.670  1.00 52.98  ? 727 HOH A O   1 
HETATM 1654 O O   . HOH E 3 .   ? 1.259   -4.383  13.663  1.00 46.27  ? 728 HOH A O   1 
HETATM 1655 O O   . HOH E 3 .   ? -2.219  4.501   5.194   1.00 42.06  ? 729 HOH A O   1 
HETATM 1656 O O   . HOH E 3 .   ? 4.721   -15.882 -11.960 1.00 72.68  ? 730 HOH A O   1 
HETATM 1657 O O   . HOH E 3 .   ? 10.719  -6.626  14.255  1.00 46.39  ? 731 HOH A O   1 
HETATM 1658 O O   . HOH E 3 .   ? -1.163  -13.975 6.709   1.00 50.98  ? 732 HOH A O   1 
HETATM 1659 O O   . HOH E 3 .   ? -3.250  7.655   11.407  1.00 53.39  ? 733 HOH A O   1 
HETATM 1660 O O   . HOH E 3 .   ? 19.371  -1.986  -0.639  1.00 55.56  ? 734 HOH A O   1 
HETATM 1661 O O   . HOH E 3 .   ? 13.073  -13.547 3.999   1.00 36.33  ? 735 HOH A O   1 
HETATM 1662 O O   . HOH E 3 .   ? 9.184   -20.744 -0.834  1.00 52.40  ? 736 HOH A O   1 
HETATM 1663 O O   . HOH E 3 .   ? 4.756   -5.967  18.193  1.00 49.82  ? 737 HOH A O   1 
HETATM 1664 O O   . HOH E 3 .   ? 9.479   1.845   -10.773 1.00 56.38  ? 738 HOH A O   1 
HETATM 1665 O O   . HOH E 3 .   ? 6.299   -9.210  20.183  1.00 62.67  ? 739 HOH A O   1 
HETATM 1666 O O   . HOH E 3 .   ? 13.552  -11.430 7.816   1.00 41.04  ? 740 HOH A O   1 
HETATM 1667 O O   . HOH E 3 .   ? -2.391  12.621  -14.117 1.00 61.02  ? 741 HOH A O   1 
HETATM 1668 O O   . HOH E 3 .   ? 9.555   -17.241 -9.857  1.00 47.70  ? 742 HOH A O   1 
HETATM 1669 O O   . HOH E 3 .   ? 5.208   -24.439 2.106   1.00 61.27  ? 743 HOH A O   1 
HETATM 1670 O O   . HOH E 3 .   ? 14.204  -7.040  7.853   1.00 29.81  ? 744 HOH A O   1 
HETATM 1671 O O   . HOH E 3 .   ? -6.697  11.257  12.258  1.00 60.78  ? 745 HOH A O   1 
HETATM 1672 O O   . HOH E 3 .   ? -4.938  1.729   12.037  1.00 70.76  ? 746 HOH A O   1 
HETATM 1673 O O   . HOH E 3 .   ? -7.285  -7.368  7.597   1.00 57.76  ? 747 HOH A O   1 
HETATM 1674 O O   . HOH E 3 .   ? -3.864  -13.556 6.619   1.00 45.87  ? 748 HOH A O   1 
HETATM 1675 O O   . HOH E 3 .   ? -5.199  -4.952  -1.706  1.00 48.01  ? 749 HOH A O   1 
HETATM 1676 O O   . HOH E 3 .   ? 19.513  -8.976  -5.004  1.00 51.28  ? 750 HOH A O   1 
HETATM 1677 O O   . HOH E 3 .   ? 15.790  -4.545  8.558   1.00 61.02  ? 751 HOH A O   1 
HETATM 1678 O O   . HOH E 3 .   ? -2.057  -8.027  -7.199  1.00 55.06  ? 752 HOH A O   1 
HETATM 1679 O O   . HOH E 3 .   ? -4.443  -13.705 15.174  1.00 63.34  ? 753 HOH A O   1 
HETATM 1680 O O   . HOH E 3 .   ? -0.463  15.166  -8.843  1.00 57.08  ? 754 HOH A O   1 
HETATM 1681 O O   . HOH E 3 .   ? 5.218   -14.352 8.677   1.00 63.04  ? 755 HOH A O   1 
HETATM 1682 O O   . HOH E 3 .   ? 12.965  -8.107  -16.647 1.00 56.41  ? 756 HOH A O   1 
HETATM 1683 O O   . HOH E 3 .   ? 2.073   -8.117  -13.766 1.00 37.68  ? 757 HOH A O   1 
HETATM 1684 O O   . HOH E 3 .   ? 8.207   -15.755 4.556   1.00 57.66  ? 758 HOH A O   1 
HETATM 1685 O O   . HOH E 3 .   ? 4.589   -7.529  -14.613 1.00 69.49  ? 759 HOH A O   1 
HETATM 1686 O O   . HOH E 3 .   ? -3.353  7.990   6.950   1.00 51.76  ? 760 HOH A O   1 
HETATM 1687 O O   . HOH E 3 .   ? -7.588  -9.865  8.575   1.00 74.81  ? 761 HOH A O   1 
HETATM 1688 O O   . HOH E 3 .   ? 11.761  -9.185  14.254  1.00 47.55  ? 762 HOH A O   1 
HETATM 1689 O O   . HOH E 3 .   ? 7.243   14.213  -6.231  1.00 67.19  ? 763 HOH A O   1 
HETATM 1690 O O   . HOH E 3 .   ? 10.388  12.356  -5.585  1.00 65.64  ? 764 HOH A O   1 
HETATM 1691 O O   . HOH E 3 .   ? 11.127  -18.629 2.355   1.00 53.92  ? 765 HOH A O   1 
HETATM 1692 O O   . HOH E 3 .   ? 4.998   -12.813 10.876  1.00 73.86  ? 766 HOH A O   1 
HETATM 1693 O O   . HOH E 3 .   ? -0.713  -8.096  -14.639 1.00 54.03  ? 767 HOH A O   1 
# 
